data_9FKF
#
_entry.id   9FKF
#
_cell.length_a   80.840
_cell.length_b   107.482
_cell.length_c   271.193
_cell.angle_alpha   90.000
_cell.angle_beta   90.000
_cell.angle_gamma   90.000
#
_symmetry.space_group_name_H-M   'P 21 21 21'
#
loop_
_entity.id
_entity.type
_entity.pdbx_description
1 polymer 'Glucose-6-phosphate isomerase'
2 non-polymer PHOSPHOENOLPYRUVATE
3 non-polymer DI(HYDROXYETHYL)ETHER
4 non-polymer 'TRIETHYLENE GLYCOL'
5 non-polymer 2-AMINO-2-HYDROXYMETHYL-PROPANE-1,3-DIOL
6 water water
#
_entity_poly.entity_id   1
_entity_poly.type   'polypeptide(L)'
_entity_poly.pdbx_seq_one_letter_code
;MAALTRDPQFQKLQQWYREHRSELNLRRLFDANKDRFNHFSLTLNTNHGHILVDYSKNLVTEDVMRMLVDLAKSRGVEAA
RERMFNGEKINYTEGRAVLHVALRNRSNTPILVDGKDVMPEVNKVLDKMKSFCQRVRSGDWKGYTGKTITDVINIGIGGS
DLGPLMVTEALKPYSSGGPRVWYVSNIDGTHIAKTLAQLNPESSLFIIASKTFTTQETITNAETAKEWFLQAAKDPSAVA
KHFVALSTNTTKVKEFGIDPQNMFEFWDWVGGRYSLWSAIGLSIALHVGFDNFEQLLSGAHWMDQHFRTTPLEKNAPVLL
ALLGIWYINCFGCETHAMLPYDQYLHRFAAYFQQGDMESNGKYITKSGTRVDHQTGPIVWGEPGTNGQHAFYQLIHQGTK
MIPCDFLIPVQTQHPIRKGLHHKILLANFLAQTEALMRGKSTEEARKELQAAGKSPEDLERLLPHKVFEGNRPTNSIVFT
KLTPFMLGALVAMYEHKIFVQGIIWDINSFDQWGVELGKQLAKKIEPELDGSAQVTSHDASTNGLINFIKQQREARVQ
;
_entity_poly.pdbx_strand_id   A,B,C,D
#
# COMPACT_ATOMS: atom_id res chain seq x y z
N ALA A 2 -28.96 -22.76 9.93
CA ALA A 2 -27.59 -22.77 9.45
C ALA A 2 -26.81 -21.62 10.12
N ALA A 3 -25.48 -21.71 10.17
CA ALA A 3 -24.70 -20.72 10.92
C ALA A 3 -24.97 -19.31 10.45
N LEU A 4 -25.02 -19.09 9.14
CA LEU A 4 -25.16 -17.71 8.67
C LEU A 4 -26.46 -17.07 9.16
N THR A 5 -27.57 -17.81 8.98
CA THR A 5 -28.88 -17.25 9.28
C THR A 5 -29.02 -16.93 10.74
N ARG A 6 -28.35 -17.69 11.59
CA ARG A 6 -28.40 -17.49 13.03
C ARG A 6 -27.43 -16.43 13.49
N ASP A 7 -26.59 -15.88 12.61
CA ASP A 7 -25.57 -14.92 13.03
C ASP A 7 -26.23 -13.56 13.31
N PRO A 8 -26.01 -12.95 14.49
CA PRO A 8 -26.68 -11.67 14.78
C PRO A 8 -26.29 -10.54 13.86
N GLN A 9 -25.07 -10.54 13.31
CA GLN A 9 -24.64 -9.47 12.42
C GLN A 9 -25.30 -9.66 11.06
N PHE A 10 -25.50 -10.91 10.65
CA PHE A 10 -26.26 -11.13 9.43
C PHE A 10 -27.70 -10.68 9.62
N GLN A 11 -28.29 -10.93 10.78
CA GLN A 11 -29.68 -10.53 10.98
C GLN A 11 -29.80 -9.01 10.99
N LYS A 12 -28.82 -8.35 11.61
CA LYS A 12 -28.73 -6.90 11.57
C LYS A 12 -28.67 -6.38 10.15
N LEU A 13 -27.81 -6.99 9.34
CA LEU A 13 -27.73 -6.60 7.93
C LEU A 13 -29.07 -6.80 7.24
N GLN A 14 -29.71 -7.94 7.49
CA GLN A 14 -31.00 -8.16 6.88
C GLN A 14 -32.01 -7.09 7.29
N GLN A 15 -32.05 -6.76 8.58
CA GLN A 15 -33.02 -5.77 9.05
C GLN A 15 -32.76 -4.41 8.43
N TRP A 16 -31.49 -4.01 8.31
CA TRP A 16 -31.21 -2.74 7.66
C TRP A 16 -31.74 -2.77 6.24
N TYR A 17 -31.44 -3.87 5.53
CA TYR A 17 -31.86 -3.96 4.13
C TYR A 17 -33.37 -3.83 4.02
N ARG A 18 -34.09 -4.50 4.92
CA ARG A 18 -35.55 -4.42 4.89
C ARG A 18 -36.04 -3.01 5.11
N GLU A 19 -35.36 -2.25 6.00
CA GLU A 19 -35.82 -0.90 6.35
C GLU A 19 -35.36 0.13 5.33
N HIS A 20 -34.20 -0.04 4.72
CA HIS A 20 -33.54 1.07 4.05
C HIS A 20 -33.23 0.87 2.57
N ARG A 21 -33.55 -0.28 2.00
CA ARG A 21 -33.31 -0.54 0.59
C ARG A 21 -33.56 0.67 -0.32
N SER A 22 -34.67 1.39 -0.12
CA SER A 22 -35.03 2.42 -1.09
C SER A 22 -34.19 3.70 -1.00
N GLU A 23 -33.36 3.85 0.03
CA GLU A 23 -32.37 4.92 0.09
C GLU A 23 -31.20 4.67 -0.85
N LEU A 24 -31.03 3.43 -1.31
CA LEU A 24 -29.85 3.04 -2.05
C LEU A 24 -30.09 3.36 -3.52
N ASN A 25 -29.92 4.64 -3.85
CA ASN A 25 -29.96 5.10 -5.24
C ASN A 25 -28.62 5.75 -5.53
N LEU A 26 -27.93 5.24 -6.56
CA LEU A 26 -26.54 5.62 -6.78
C LEU A 26 -26.44 7.06 -7.23
N ARG A 27 -27.31 7.51 -8.13
CA ARG A 27 -27.30 8.93 -8.49
C ARG A 27 -27.40 9.80 -7.26
N ARG A 28 -28.36 9.53 -6.39
CA ARG A 28 -28.51 10.37 -5.22
C ARG A 28 -27.28 10.28 -4.32
N LEU A 29 -26.74 9.06 -4.13
CA LEU A 29 -25.59 8.88 -3.26
C LEU A 29 -24.38 9.66 -3.78
N PHE A 30 -24.14 9.60 -5.10
CA PHE A 30 -23.00 10.36 -5.64
C PHE A 30 -23.24 11.87 -5.62
N ASP A 31 -24.49 12.31 -5.75
CA ASP A 31 -24.75 13.74 -5.71
C ASP A 31 -24.58 14.29 -4.31
N ALA A 32 -24.82 13.46 -3.30
CA ALA A 32 -24.77 13.85 -1.90
C ALA A 32 -23.38 13.75 -1.27
N ASN A 33 -22.44 13.07 -1.93
CA ASN A 33 -21.08 12.86 -1.39
C ASN A 33 -20.08 12.93 -2.55
N LYS A 34 -19.54 14.11 -2.79
CA LYS A 34 -18.50 14.23 -3.82
C LYS A 34 -17.21 13.47 -3.42
N ASP A 35 -17.07 13.06 -2.15
CA ASP A 35 -15.95 12.21 -1.75
C ASP A 35 -16.24 10.71 -1.86
N ARG A 36 -17.31 10.31 -2.54
CA ARG A 36 -17.71 8.90 -2.49
C ARG A 36 -16.64 7.98 -3.09
N PHE A 37 -16.01 8.38 -4.19
CA PHE A 37 -14.97 7.53 -4.77
C PHE A 37 -13.86 7.30 -3.75
N ASN A 38 -13.40 8.39 -3.07
CA ASN A 38 -12.34 8.21 -2.10
C ASN A 38 -12.75 7.30 -0.94
N HIS A 39 -14.01 7.36 -0.49
CA HIS A 39 -14.42 6.53 0.64
C HIS A 39 -14.55 5.06 0.25
N PHE A 40 -14.87 4.76 -1.01
CA PHE A 40 -15.23 3.39 -1.40
C PHE A 40 -14.35 2.91 -2.54
N SER A 41 -13.04 3.06 -2.40
CA SER A 41 -12.08 2.50 -3.33
C SER A 41 -10.79 2.21 -2.56
N LEU A 42 -10.01 1.29 -3.13
CA LEU A 42 -8.69 0.89 -2.64
C LEU A 42 -7.68 1.06 -3.76
N THR A 43 -6.49 1.56 -3.43
CA THR A 43 -5.38 1.59 -4.37
C THR A 43 -4.26 0.78 -3.73
N LEU A 44 -3.77 -0.19 -4.46
CA LEU A 44 -2.77 -1.14 -4.00
C LEU A 44 -1.53 -0.90 -4.83
N ASN A 45 -0.40 -0.63 -4.18
CA ASN A 45 0.86 -0.55 -4.91
C ASN A 45 1.60 -1.85 -4.62
N THR A 46 1.78 -2.67 -5.65
CA THR A 46 2.50 -3.92 -5.54
C THR A 46 3.98 -3.82 -5.76
N ASN A 47 4.46 -2.65 -6.16
CA ASN A 47 5.82 -2.36 -6.59
C ASN A 47 6.06 -2.86 -7.99
N HIS A 48 5.06 -3.56 -8.59
CA HIS A 48 5.12 -4.01 -9.98
C HIS A 48 3.83 -3.64 -10.71
N GLY A 49 3.29 -2.46 -10.40
CA GLY A 49 2.06 -1.93 -10.93
C GLY A 49 1.08 -1.68 -9.82
N HIS A 50 0.11 -0.81 -10.05
CA HIS A 50 -0.93 -0.51 -9.08
C HIS A 50 -2.23 -1.18 -9.51
N ILE A 51 -3.06 -1.41 -8.49
CA ILE A 51 -4.41 -1.94 -8.65
C ILE A 51 -5.37 -1.01 -7.94
N LEU A 52 -6.34 -0.48 -8.68
CA LEU A 52 -7.44 0.31 -8.13
C LEU A 52 -8.68 -0.56 -8.12
N VAL A 53 -9.18 -0.85 -6.93
CA VAL A 53 -10.43 -1.58 -6.74
C VAL A 53 -11.44 -0.50 -6.36
N ASP A 54 -12.23 -0.05 -7.35
CA ASP A 54 -13.25 0.97 -7.13
C ASP A 54 -14.60 0.30 -6.96
N TYR A 55 -15.06 0.30 -5.73
CA TYR A 55 -16.34 -0.33 -5.41
C TYR A 55 -17.40 0.72 -5.08
N SER A 56 -17.18 1.97 -5.53
CA SER A 56 -18.10 3.04 -5.14
C SER A 56 -19.43 3.04 -5.90
N LYS A 57 -19.52 2.35 -7.03
CA LYS A 57 -20.80 2.26 -7.75
C LYS A 57 -21.61 1.07 -7.28
N ASN A 58 -21.48 0.71 -6.03
CA ASN A 58 -22.25 -0.34 -5.39
C ASN A 58 -23.30 0.28 -4.46
N LEU A 59 -24.35 -0.51 -4.20
CA LEU A 59 -25.53 -0.05 -3.47
C LEU A 59 -25.24 -0.21 -1.97
N VAL A 60 -24.25 0.57 -1.53
CA VAL A 60 -23.80 0.57 -0.16
C VAL A 60 -23.60 2.00 0.30
N THR A 61 -23.65 2.16 1.63
CA THR A 61 -23.27 3.33 2.42
C THR A 61 -22.18 2.92 3.41
N GLU A 62 -21.60 3.90 4.14
CA GLU A 62 -20.61 3.55 5.16
C GLU A 62 -21.23 2.61 6.21
N ASP A 63 -22.52 2.78 6.52
CA ASP A 63 -23.12 1.90 7.53
C ASP A 63 -23.20 0.47 7.02
N VAL A 64 -23.57 0.29 5.74
CA VAL A 64 -23.61 -1.05 5.16
C VAL A 64 -22.22 -1.69 5.17
N MET A 65 -21.20 -0.94 4.75
CA MET A 65 -19.86 -1.53 4.77
C MET A 65 -19.46 -1.94 6.16
N ARG A 66 -19.72 -1.09 7.18
CA ARG A 66 -19.42 -1.43 8.58
C ARG A 66 -20.11 -2.72 9.00
N MET A 67 -21.39 -2.85 8.68
CA MET A 67 -22.16 -4.06 8.98
C MET A 67 -21.58 -5.28 8.29
N LEU A 68 -21.09 -5.10 7.05
CA LEU A 68 -20.54 -6.24 6.33
C LEU A 68 -19.21 -6.68 6.92
N VAL A 69 -18.34 -5.72 7.29
CA VAL A 69 -17.10 -6.08 7.97
C VAL A 69 -17.39 -6.76 9.30
N ASP A 70 -18.39 -6.25 10.04
CA ASP A 70 -18.76 -6.89 11.30
C ASP A 70 -19.21 -8.33 11.11
N LEU A 71 -19.91 -8.62 10.00
CA LEU A 71 -20.27 -9.97 9.66
C LEU A 71 -19.04 -10.83 9.38
N ALA A 72 -18.05 -10.33 8.64
CA ALA A 72 -16.85 -11.14 8.45
C ALA A 72 -16.13 -11.45 9.77
N LYS A 73 -16.11 -10.47 10.69
CA LYS A 73 -15.55 -10.72 12.04
C LYS A 73 -16.34 -11.80 12.76
N SER A 74 -17.68 -11.65 12.78
CA SER A 74 -18.58 -12.56 13.49
C SER A 74 -18.50 -13.96 12.93
N ARG A 75 -18.27 -14.08 11.62
CA ARG A 75 -18.20 -15.38 10.99
C ARG A 75 -16.79 -15.94 11.04
N GLY A 76 -15.83 -15.20 11.58
CA GLY A 76 -14.54 -15.82 11.85
C GLY A 76 -13.62 -15.93 10.65
N VAL A 77 -13.74 -14.99 9.72
CA VAL A 77 -12.92 -14.99 8.51
C VAL A 77 -11.42 -14.98 8.83
N GLU A 78 -10.98 -14.14 9.78
CA GLU A 78 -9.53 -14.05 10.03
C GLU A 78 -8.98 -15.35 10.59
N ALA A 79 -9.68 -15.94 11.56
CA ALA A 79 -9.20 -17.21 12.08
C ALA A 79 -9.18 -18.30 11.01
N ALA A 80 -10.18 -18.31 10.11
CA ALA A 80 -10.19 -19.32 9.05
C ALA A 80 -9.01 -19.13 8.10
N ARG A 81 -8.72 -17.87 7.78
CA ARG A 81 -7.57 -17.57 6.94
C ARG A 81 -6.29 -18.09 7.54
N GLU A 82 -6.10 -17.92 8.87
CA GLU A 82 -4.88 -18.38 9.52
C GLU A 82 -4.78 -19.89 9.50
N ARG A 83 -5.91 -20.59 9.63
CA ARG A 83 -5.90 -22.05 9.54
C ARG A 83 -5.49 -22.51 8.15
N MET A 84 -5.91 -21.77 7.14
CA MET A 84 -5.53 -22.08 5.77
C MET A 84 -4.01 -21.98 5.61
N PHE A 85 -3.46 -20.82 5.97
CA PHE A 85 -2.05 -20.57 5.78
C PHE A 85 -1.16 -21.36 6.73
N ASN A 86 -1.68 -21.81 7.87
CA ASN A 86 -0.89 -22.64 8.76
C ASN A 86 -0.92 -24.11 8.42
N GLY A 87 -1.62 -24.50 7.34
CA GLY A 87 -1.63 -25.88 6.93
C GLY A 87 -2.59 -26.78 7.67
N GLU A 88 -3.56 -26.19 8.36
CA GLU A 88 -4.58 -26.98 9.04
C GLU A 88 -5.56 -27.58 8.03
N LYS A 89 -6.24 -28.66 8.47
CA LYS A 89 -7.05 -29.49 7.56
C LYS A 89 -8.44 -28.87 7.39
N ILE A 90 -8.47 -27.71 6.75
CA ILE A 90 -9.75 -27.01 6.61
C ILE A 90 -10.66 -27.57 5.52
N ASN A 91 -10.14 -28.47 4.68
CA ASN A 91 -11.00 -29.19 3.70
C ASN A 91 -11.52 -30.37 4.50
N TYR A 92 -12.55 -30.09 5.29
CA TYR A 92 -12.90 -30.99 6.38
C TYR A 92 -13.67 -32.23 5.94
N THR A 93 -14.29 -32.23 4.77
CA THR A 93 -14.99 -33.44 4.36
C THR A 93 -13.99 -34.47 3.85
N GLU A 94 -12.86 -34.02 3.28
CA GLU A 94 -11.82 -34.89 2.77
C GLU A 94 -10.65 -35.04 3.73
N GLY A 95 -10.64 -34.26 4.82
CA GLY A 95 -9.58 -34.30 5.82
C GLY A 95 -8.25 -33.82 5.27
N ARG A 96 -8.27 -32.71 4.55
CA ARG A 96 -7.11 -32.27 3.80
C ARG A 96 -6.81 -30.83 4.08
N ALA A 97 -5.51 -30.52 4.01
CA ALA A 97 -5.08 -29.15 4.06
C ALA A 97 -5.45 -28.50 2.73
N VAL A 98 -5.32 -27.17 2.69
CA VAL A 98 -5.67 -26.34 1.54
C VAL A 98 -4.53 -25.34 1.37
N LEU A 99 -3.58 -25.65 0.47
CA LEU A 99 -2.31 -24.96 0.48
C LEU A 99 -1.86 -24.53 -0.91
N HIS A 100 -2.78 -24.05 -1.76
CA HIS A 100 -2.28 -23.40 -2.97
C HIS A 100 -1.36 -22.24 -2.61
N VAL A 101 -1.54 -21.63 -1.41
CA VAL A 101 -0.65 -20.53 -1.00
C VAL A 101 0.77 -21.03 -0.82
N ALA A 102 0.97 -22.29 -0.47
CA ALA A 102 2.36 -22.78 -0.36
C ALA A 102 3.05 -22.91 -1.71
N LEU A 103 2.28 -23.14 -2.78
CA LEU A 103 2.86 -23.30 -4.10
C LEU A 103 3.60 -22.06 -4.55
N ARG A 104 3.13 -20.90 -4.12
CA ARG A 104 3.69 -19.62 -4.51
C ARG A 104 4.33 -18.89 -3.35
N ASN A 105 4.74 -19.61 -2.32
CA ASN A 105 5.28 -18.99 -1.10
C ASN A 105 6.74 -18.62 -1.37
N ARG A 106 6.93 -17.48 -2.04
CA ARG A 106 8.27 -17.13 -2.48
C ARG A 106 9.17 -16.87 -1.29
N SER A 107 8.59 -16.55 -0.12
CA SER A 107 9.37 -16.30 1.09
C SER A 107 10.05 -17.56 1.63
N ASN A 108 9.51 -18.74 1.31
CA ASN A 108 9.95 -20.04 1.79
C ASN A 108 9.86 -20.17 3.30
N THR A 109 9.08 -19.30 3.90
CA THR A 109 8.69 -19.48 5.29
C THR A 109 8.10 -20.86 5.48
N PRO A 110 8.47 -21.60 6.53
CA PRO A 110 7.92 -22.97 6.66
C PRO A 110 6.41 -22.99 6.80
N ILE A 111 5.81 -23.98 6.15
CA ILE A 111 4.39 -24.27 6.25
C ILE A 111 4.25 -25.77 6.50
N LEU A 112 3.71 -26.12 7.66
CA LEU A 112 3.73 -27.50 8.12
C LEU A 112 2.40 -28.19 7.86
N VAL A 113 2.48 -29.41 7.37
CA VAL A 113 1.36 -30.33 7.29
C VAL A 113 1.79 -31.58 8.05
N ASP A 114 1.05 -31.93 9.09
CA ASP A 114 1.46 -33.04 9.95
C ASP A 114 2.90 -32.85 10.38
N GLY A 115 3.20 -31.63 10.81
CA GLY A 115 4.50 -31.30 11.38
C GLY A 115 5.69 -31.37 10.45
N LYS A 116 5.47 -31.40 9.14
CA LYS A 116 6.54 -31.52 8.15
C LYS A 116 6.40 -30.39 7.12
N ASP A 117 7.45 -29.57 6.99
CA ASP A 117 7.44 -28.43 6.08
C ASP A 117 7.27 -28.92 4.65
N VAL A 118 6.26 -28.39 3.94
CA VAL A 118 6.03 -28.72 2.53
C VAL A 118 6.95 -27.98 1.57
N MET A 119 7.63 -26.92 2.03
CA MET A 119 8.25 -26.00 1.10
C MET A 119 9.38 -26.71 0.35
N PRO A 120 10.17 -27.59 0.97
CA PRO A 120 11.21 -28.28 0.18
C PRO A 120 10.66 -29.10 -0.98
N GLU A 121 9.53 -29.77 -0.79
CA GLU A 121 8.92 -30.55 -1.90
C GLU A 121 8.37 -29.64 -3.01
N VAL A 122 7.75 -28.53 -2.63
CA VAL A 122 7.32 -27.52 -3.57
C VAL A 122 8.47 -27.03 -4.41
N ASN A 123 9.58 -26.65 -3.73
CA ASN A 123 10.69 -26.08 -4.48
C ASN A 123 11.41 -27.12 -5.30
N LYS A 124 11.36 -28.37 -4.86
CA LYS A 124 12.00 -29.41 -5.65
C LYS A 124 11.31 -29.59 -7.00
N VAL A 125 9.97 -29.56 -7.00
CA VAL A 125 9.24 -29.69 -8.26
C VAL A 125 9.44 -28.46 -9.13
N LEU A 126 9.43 -27.26 -8.50
CA LEU A 126 9.69 -26.05 -9.27
C LEU A 126 11.06 -26.13 -9.94
N ASP A 127 12.08 -26.58 -9.21
CA ASP A 127 13.40 -26.68 -9.83
C ASP A 127 13.41 -27.67 -11.00
N LYS A 128 12.64 -28.78 -10.92
CA LYS A 128 12.57 -29.72 -12.04
C LYS A 128 11.84 -29.08 -13.24
N MET A 129 10.81 -28.29 -12.95
CA MET A 129 10.08 -27.58 -14.00
C MET A 129 11.02 -26.63 -14.71
N LYS A 130 11.80 -25.85 -13.96
CA LYS A 130 12.74 -24.88 -14.53
C LYS A 130 13.75 -25.56 -15.45
N SER A 131 14.31 -26.66 -14.99
CA SER A 131 15.29 -27.40 -15.77
C SER A 131 14.68 -27.93 -17.08
N PHE A 132 13.51 -28.55 -16.98
CA PHE A 132 12.87 -29.12 -18.15
C PHE A 132 12.48 -28.03 -19.15
N CYS A 133 11.97 -26.90 -18.64
CA CYS A 133 11.62 -25.79 -19.49
C CYS A 133 12.83 -25.28 -20.27
N GLN A 134 13.96 -25.17 -19.60
CA GLN A 134 15.15 -24.65 -20.28
C GLN A 134 15.60 -25.62 -21.36
N ARG A 135 15.47 -26.93 -21.10
CA ARG A 135 15.89 -27.97 -22.05
C ARG A 135 14.98 -27.95 -23.27
N VAL A 136 13.67 -27.78 -23.07
CA VAL A 136 12.75 -27.79 -24.21
C VAL A 136 12.87 -26.51 -25.00
N ARG A 137 12.90 -25.38 -24.31
CA ARG A 137 12.86 -24.13 -25.03
C ARG A 137 14.17 -23.88 -25.77
N SER A 138 15.32 -24.33 -25.23
CA SER A 138 16.61 -24.13 -25.87
C SER A 138 16.86 -25.08 -27.04
N GLY A 139 16.03 -26.08 -27.24
CA GLY A 139 16.29 -27.02 -28.30
C GLY A 139 17.14 -28.19 -27.89
N ASP A 140 17.50 -28.26 -26.61
CA ASP A 140 18.28 -29.36 -26.11
C ASP A 140 17.48 -30.67 -26.10
N TRP A 141 16.22 -30.59 -25.66
CA TRP A 141 15.33 -31.74 -25.70
C TRP A 141 14.88 -31.97 -27.13
N LYS A 142 15.18 -33.13 -27.66
CA LYS A 142 14.85 -33.45 -29.03
C LYS A 142 13.90 -34.64 -29.10
N GLY A 143 13.07 -34.65 -30.13
CA GLY A 143 12.15 -35.75 -30.37
C GLY A 143 12.86 -36.97 -30.95
N TYR A 144 12.06 -37.91 -31.44
CA TYR A 144 12.59 -39.23 -31.77
C TYR A 144 13.41 -39.24 -33.05
N THR A 145 13.29 -38.19 -33.90
CA THR A 145 14.08 -38.03 -35.11
C THR A 145 15.11 -36.90 -34.99
N GLY A 146 15.31 -36.39 -33.80
CA GLY A 146 16.29 -35.35 -33.56
C GLY A 146 15.83 -33.93 -33.73
N LYS A 147 14.54 -33.69 -33.81
CA LYS A 147 14.00 -32.35 -34.02
C LYS A 147 13.63 -31.71 -32.69
N THR A 148 13.76 -30.39 -32.66
CA THR A 148 13.35 -29.66 -31.45
C THR A 148 11.83 -29.60 -31.37
N ILE A 149 11.32 -29.33 -30.17
CA ILE A 149 9.88 -29.31 -29.89
C ILE A 149 9.32 -27.96 -30.31
N THR A 150 8.29 -27.98 -31.17
CA THR A 150 7.60 -26.81 -31.65
C THR A 150 6.18 -26.65 -31.09
N ASP A 151 5.57 -27.75 -30.62
CA ASP A 151 4.21 -27.74 -30.12
C ASP A 151 4.17 -28.54 -28.83
N VAL A 152 3.48 -28.01 -27.83
CA VAL A 152 3.25 -28.62 -26.54
C VAL A 152 1.74 -28.77 -26.41
N ILE A 153 1.29 -30.00 -26.18
CA ILE A 153 -0.13 -30.32 -26.09
C ILE A 153 -0.45 -30.77 -24.66
N ASN A 154 -1.22 -29.96 -23.93
CA ASN A 154 -1.68 -30.27 -22.58
C ASN A 154 -2.99 -31.03 -22.70
N ILE A 155 -3.01 -32.25 -22.21
CA ILE A 155 -4.21 -33.08 -22.14
C ILE A 155 -4.65 -33.16 -20.70
N GLY A 156 -5.85 -32.66 -20.44
CA GLY A 156 -6.36 -32.66 -19.10
C GLY A 156 -7.73 -32.02 -19.10
N ILE A 157 -8.46 -32.25 -18.01
CA ILE A 157 -9.81 -31.75 -17.88
C ILE A 157 -9.89 -30.83 -16.66
N GLY A 158 -10.88 -29.94 -16.72
CA GLY A 158 -11.22 -29.14 -15.58
C GLY A 158 -10.04 -28.35 -15.11
N GLY A 159 -9.70 -28.56 -13.84
CA GLY A 159 -8.62 -27.81 -13.27
C GLY A 159 -7.28 -28.07 -13.91
N SER A 160 -7.11 -29.19 -14.57
CA SER A 160 -5.87 -29.48 -15.28
C SER A 160 -5.80 -28.78 -16.62
N ASP A 161 -6.84 -28.01 -16.99
CA ASP A 161 -6.98 -27.47 -18.34
C ASP A 161 -7.19 -25.97 -18.28
N LEU A 162 -8.15 -25.54 -17.45
CA LEU A 162 -8.71 -24.20 -17.60
C LEU A 162 -7.70 -23.12 -17.18
N GLY A 163 -6.92 -23.39 -16.13
CA GLY A 163 -6.02 -22.39 -15.59
C GLY A 163 -4.88 -22.19 -16.55
N PRO A 164 -4.22 -23.29 -16.91
CA PRO A 164 -3.13 -23.15 -17.86
C PRO A 164 -3.58 -22.56 -19.19
N LEU A 165 -4.76 -22.94 -19.71
CA LEU A 165 -5.25 -22.29 -20.91
C LEU A 165 -5.49 -20.79 -20.68
N MET A 166 -6.16 -20.45 -19.59
CA MET A 166 -6.52 -19.04 -19.42
C MET A 166 -5.25 -18.20 -19.31
N VAL A 167 -4.24 -18.70 -18.59
CA VAL A 167 -3.01 -17.93 -18.36
C VAL A 167 -2.21 -17.82 -19.64
N THR A 168 -2.03 -18.94 -20.39
CA THR A 168 -1.23 -18.83 -21.62
C THR A 168 -1.94 -17.95 -22.63
N GLU A 169 -3.28 -17.99 -22.67
CA GLU A 169 -3.99 -17.01 -23.49
C GLU A 169 -3.70 -15.57 -23.02
N ALA A 170 -3.76 -15.33 -21.71
CA ALA A 170 -3.62 -13.96 -21.20
C ALA A 170 -2.21 -13.43 -21.36
N LEU A 171 -1.21 -14.31 -21.40
CA LEU A 171 0.19 -13.90 -21.39
C LEU A 171 0.85 -14.21 -22.73
N LYS A 172 0.04 -14.40 -23.77
CA LYS A 172 0.53 -14.63 -25.13
C LYS A 172 1.63 -13.69 -25.57
N PRO A 173 1.63 -12.39 -25.26
CA PRO A 173 2.76 -11.54 -25.67
C PRO A 173 4.10 -11.96 -25.10
N TYR A 174 4.16 -12.77 -24.06
CA TYR A 174 5.38 -13.14 -23.35
C TYR A 174 5.92 -14.49 -23.80
N SER A 175 5.39 -15.02 -24.89
CA SER A 175 5.72 -16.36 -25.37
C SER A 175 6.73 -16.39 -26.49
N SER A 176 7.42 -15.29 -26.73
CA SER A 176 8.44 -15.29 -27.76
C SER A 176 9.49 -16.32 -27.38
N GLY A 177 9.85 -17.18 -28.33
CA GLY A 177 10.85 -18.16 -28.00
C GLY A 177 10.32 -19.40 -27.31
N GLY A 178 9.02 -19.49 -27.10
CA GLY A 178 8.42 -20.68 -26.56
C GLY A 178 7.70 -21.49 -27.64
N PRO A 179 7.48 -22.76 -27.38
CA PRO A 179 6.68 -23.55 -28.34
C PRO A 179 5.21 -23.12 -28.28
N ARG A 180 4.48 -23.41 -29.37
CA ARG A 180 3.03 -23.23 -29.42
C ARG A 180 2.43 -24.17 -28.37
N VAL A 181 1.36 -23.73 -27.72
CA VAL A 181 0.65 -24.58 -26.74
C VAL A 181 -0.76 -24.83 -27.26
N TRP A 182 -1.21 -26.06 -27.05
CA TRP A 182 -2.51 -26.58 -27.39
C TRP A 182 -3.12 -27.22 -26.16
N TYR A 183 -4.46 -27.14 -26.03
CA TYR A 183 -5.17 -27.67 -24.87
C TYR A 183 -6.28 -28.59 -25.38
N VAL A 184 -6.18 -29.85 -25.03
CA VAL A 184 -7.17 -30.88 -25.35
C VAL A 184 -7.81 -31.29 -24.05
N SER A 185 -9.11 -31.05 -23.92
CA SER A 185 -9.83 -31.34 -22.67
C SER A 185 -11.07 -32.22 -22.91
N ASN A 186 -11.87 -31.89 -23.90
CA ASN A 186 -13.14 -32.61 -24.09
C ASN A 186 -12.86 -34.07 -24.43
N ILE A 187 -13.68 -34.97 -23.91
CA ILE A 187 -13.65 -36.35 -24.41
C ILE A 187 -14.17 -36.47 -25.82
N ASP A 188 -15.04 -35.55 -26.26
CA ASP A 188 -15.50 -35.47 -27.64
C ASP A 188 -14.30 -35.61 -28.57
N GLY A 189 -14.33 -36.65 -29.42
CA GLY A 189 -13.13 -36.96 -30.18
C GLY A 189 -12.73 -35.86 -31.15
N THR A 190 -13.66 -34.97 -31.45
CA THR A 190 -13.35 -33.80 -32.26
C THR A 190 -12.13 -33.09 -31.68
N HIS A 191 -12.06 -33.00 -30.36
CA HIS A 191 -11.04 -32.13 -29.76
C HIS A 191 -9.63 -32.68 -30.01
N ILE A 192 -9.37 -33.95 -29.68
CA ILE A 192 -8.04 -34.51 -29.97
C ILE A 192 -7.83 -34.65 -31.48
N ALA A 193 -8.87 -34.99 -32.23
CA ALA A 193 -8.66 -35.33 -33.64
C ALA A 193 -8.29 -34.10 -34.43
N LYS A 194 -8.99 -32.99 -34.20
CA LYS A 194 -8.68 -31.80 -34.97
C LYS A 194 -7.37 -31.20 -34.54
N THR A 195 -6.91 -31.50 -33.33
CA THR A 195 -5.62 -31.03 -32.83
C THR A 195 -4.48 -31.81 -33.47
N LEU A 196 -4.61 -33.14 -33.50
CA LEU A 196 -3.57 -34.03 -34.00
C LEU A 196 -3.38 -33.83 -35.48
N ALA A 197 -4.44 -33.44 -36.19
CA ALA A 197 -4.34 -33.25 -37.63
C ALA A 197 -3.41 -32.09 -37.97
N GLN A 198 -3.18 -31.19 -37.05
CA GLN A 198 -2.32 -30.02 -37.25
C GLN A 198 -0.91 -30.18 -36.72
N LEU A 199 -0.52 -31.37 -36.30
CA LEU A 199 0.72 -31.53 -35.56
C LEU A 199 1.62 -32.51 -36.29
N ASN A 200 2.90 -32.36 -36.06
CA ASN A 200 3.90 -33.32 -36.55
C ASN A 200 4.37 -34.15 -35.37
N PRO A 201 4.18 -35.50 -35.36
CA PRO A 201 4.66 -36.30 -34.24
C PRO A 201 6.13 -36.08 -33.85
N GLU A 202 6.99 -35.82 -34.83
CA GLU A 202 8.42 -35.66 -34.54
C GLU A 202 8.72 -34.46 -33.67
N SER A 203 7.82 -33.47 -33.63
CA SER A 203 8.14 -32.22 -32.94
C SER A 203 7.07 -31.81 -31.94
N SER A 204 6.28 -32.76 -31.49
CA SER A 204 5.20 -32.52 -30.53
C SER A 204 5.52 -33.19 -29.21
N LEU A 205 5.28 -32.45 -28.14
CA LEU A 205 5.40 -32.92 -26.76
C LEU A 205 4.05 -32.86 -26.08
N PHE A 206 3.58 -34.00 -25.55
CA PHE A 206 2.29 -34.13 -24.88
C PHE A 206 2.51 -34.13 -23.38
N ILE A 207 1.73 -33.34 -22.66
CA ILE A 207 1.75 -33.24 -21.22
C ILE A 207 0.45 -33.85 -20.73
N ILE A 208 0.54 -34.95 -20.01
CA ILE A 208 -0.68 -35.63 -19.59
C ILE A 208 -0.91 -35.18 -18.16
N ALA A 209 -1.97 -34.39 -17.90
CA ALA A 209 -2.21 -33.83 -16.59
C ALA A 209 -3.33 -34.54 -15.83
N SER A 210 -2.95 -35.31 -14.79
CA SER A 210 -3.85 -36.11 -13.96
C SER A 210 -3.15 -36.67 -12.73
N LYS A 211 -3.55 -36.22 -11.55
CA LYS A 211 -3.03 -36.79 -10.28
C LYS A 211 -3.09 -38.32 -10.24
N THR A 212 -4.26 -38.87 -10.51
CA THR A 212 -4.43 -40.32 -10.46
C THR A 212 -3.77 -41.04 -11.66
N PHE A 213 -3.57 -40.34 -12.78
CA PHE A 213 -3.29 -40.94 -14.05
C PHE A 213 -4.29 -42.06 -14.34
N THR A 214 -5.48 -41.96 -13.75
CA THR A 214 -6.61 -42.86 -14.09
C THR A 214 -7.89 -42.13 -14.53
N THR A 215 -7.93 -40.79 -14.51
CA THR A 215 -9.04 -39.98 -14.98
C THR A 215 -9.54 -40.37 -16.39
N GLN A 216 -10.86 -40.63 -16.54
CA GLN A 216 -11.33 -41.30 -17.76
C GLN A 216 -11.10 -40.46 -19.03
N GLU A 217 -11.55 -39.20 -19.04
CA GLU A 217 -11.45 -38.40 -20.25
C GLU A 217 -9.98 -38.15 -20.61
N THR A 218 -9.18 -37.83 -19.61
CA THR A 218 -7.78 -37.49 -19.82
C THR A 218 -6.99 -38.68 -20.27
N ILE A 219 -7.18 -39.82 -19.63
CA ILE A 219 -6.40 -40.97 -20.06
C ILE A 219 -6.89 -41.48 -21.42
N THR A 220 -8.20 -41.39 -21.74
CA THR A 220 -8.63 -41.82 -23.06
C THR A 220 -7.99 -40.94 -24.13
N ASN A 221 -7.99 -39.64 -23.91
CA ASN A 221 -7.33 -38.73 -24.85
C ASN A 221 -5.83 -39.01 -24.92
N ALA A 222 -5.21 -39.25 -23.77
CA ALA A 222 -3.79 -39.56 -23.74
C ALA A 222 -3.47 -40.82 -24.52
N GLU A 223 -4.30 -41.86 -24.39
CA GLU A 223 -4.10 -43.09 -25.17
C GLU A 223 -4.32 -42.86 -26.66
N THR A 224 -5.29 -42.04 -27.03
CA THR A 224 -5.46 -41.75 -28.43
C THR A 224 -4.25 -41.02 -29.01
N ALA A 225 -3.69 -40.07 -28.25
CA ALA A 225 -2.49 -39.35 -28.70
C ALA A 225 -1.31 -40.30 -28.83
N LYS A 226 -1.15 -41.21 -27.88
CA LYS A 226 -0.03 -42.15 -27.95
C LYS A 226 -0.17 -43.13 -29.11
N GLU A 227 -1.40 -43.56 -29.43
CA GLU A 227 -1.61 -44.36 -30.63
C GLU A 227 -1.24 -43.61 -31.90
N TRP A 228 -1.73 -42.38 -32.04
CA TRP A 228 -1.31 -41.55 -33.16
C TRP A 228 0.21 -41.41 -33.23
N PHE A 229 0.83 -41.11 -32.09
CA PHE A 229 2.26 -40.94 -32.06
C PHE A 229 2.97 -42.19 -32.56
N LEU A 230 2.59 -43.36 -32.03
CA LEU A 230 3.27 -44.62 -32.36
C LEU A 230 2.93 -45.10 -33.76
N GLN A 231 1.85 -44.62 -34.35
CA GLN A 231 1.59 -44.95 -35.75
C GLN A 231 2.68 -44.35 -36.62
N ALA A 232 3.24 -43.24 -36.19
CA ALA A 232 4.37 -42.62 -36.85
C ALA A 232 5.70 -43.23 -36.42
N ALA A 233 5.93 -43.29 -35.12
CA ALA A 233 7.24 -43.56 -34.55
C ALA A 233 7.56 -45.05 -34.42
N LYS A 234 6.53 -45.85 -34.21
CA LYS A 234 6.55 -47.31 -34.17
C LYS A 234 7.19 -47.84 -32.90
N ASP A 235 8.32 -47.27 -32.52
CA ASP A 235 9.15 -47.77 -31.43
C ASP A 235 8.59 -47.32 -30.09
N PRO A 236 8.15 -48.23 -29.22
CA PRO A 236 7.57 -47.79 -27.95
C PRO A 236 8.52 -46.98 -27.12
N SER A 237 9.84 -47.16 -27.29
CA SER A 237 10.74 -46.37 -26.45
C SER A 237 10.77 -44.89 -26.84
N ALA A 238 10.23 -44.52 -27.99
CA ALA A 238 10.17 -43.11 -28.38
C ALA A 238 9.14 -42.31 -27.57
N VAL A 239 8.16 -42.98 -26.96
CA VAL A 239 7.16 -42.29 -26.14
C VAL A 239 7.83 -41.43 -25.08
N ALA A 240 8.92 -41.89 -24.47
CA ALA A 240 9.55 -41.14 -23.38
C ALA A 240 10.15 -39.80 -23.83
N LYS A 241 10.36 -39.61 -25.11
CA LYS A 241 10.81 -38.32 -25.62
C LYS A 241 9.66 -37.38 -25.94
N HIS A 242 8.41 -37.87 -25.91
CA HIS A 242 7.30 -37.06 -26.38
C HIS A 242 6.13 -36.98 -25.41
N PHE A 243 6.19 -37.65 -24.28
CA PHE A 243 5.11 -37.67 -23.27
C PHE A 243 5.73 -37.47 -21.90
N VAL A 244 5.22 -36.48 -21.15
CA VAL A 244 5.50 -36.33 -19.72
C VAL A 244 4.16 -36.29 -18.98
N ALA A 245 4.25 -36.48 -17.64
CA ALA A 245 3.08 -36.55 -16.79
C ALA A 245 3.13 -35.51 -15.67
N LEU A 246 1.96 -34.91 -15.36
CA LEU A 246 1.75 -34.10 -14.14
C LEU A 246 0.85 -34.95 -13.25
N SER A 247 1.47 -35.66 -12.26
CA SER A 247 0.82 -36.81 -11.57
C SER A 247 1.72 -37.31 -10.43
N THR A 248 1.15 -38.15 -9.54
CA THR A 248 1.95 -38.89 -8.58
C THR A 248 1.91 -40.41 -8.78
N ASN A 249 1.16 -40.94 -9.75
CA ASN A 249 1.08 -42.39 -9.87
C ASN A 249 2.26 -42.91 -10.70
N THR A 250 3.40 -43.06 -10.04
CA THR A 250 4.59 -43.51 -10.78
C THR A 250 4.33 -44.77 -11.59
N THR A 251 3.58 -45.72 -11.02
CA THR A 251 3.40 -47.00 -11.70
C THR A 251 2.63 -46.82 -13.00
N LYS A 252 1.49 -46.14 -12.93
CA LYS A 252 0.70 -45.91 -14.14
C LYS A 252 1.47 -45.06 -15.15
N VAL A 253 2.29 -44.13 -14.67
CA VAL A 253 3.03 -43.28 -15.59
C VAL A 253 4.03 -44.13 -16.38
N LYS A 254 4.77 -44.97 -15.66
CA LYS A 254 5.74 -45.87 -16.29
C LYS A 254 5.06 -46.85 -17.23
N GLU A 255 3.92 -47.42 -16.82
N GLU A 255 3.92 -47.38 -16.80
CA GLU A 255 3.25 -48.36 -17.73
CA GLU A 255 3.19 -48.33 -17.65
C GLU A 255 2.86 -47.68 -19.04
C GLU A 255 2.72 -47.70 -18.96
N PHE A 256 2.53 -46.38 -18.98
CA PHE A 256 2.09 -45.67 -20.18
C PHE A 256 3.26 -45.52 -21.16
N GLY A 257 4.50 -45.52 -20.65
CA GLY A 257 5.70 -45.38 -21.50
C GLY A 257 6.52 -44.13 -21.20
N ILE A 258 6.11 -43.48 -20.14
CA ILE A 258 6.64 -42.20 -19.70
C ILE A 258 7.79 -42.47 -18.74
N ASP A 259 8.94 -41.86 -19.02
CA ASP A 259 10.07 -41.95 -18.08
C ASP A 259 9.63 -41.35 -16.73
N PRO A 260 9.75 -42.09 -15.63
CA PRO A 260 9.32 -41.52 -14.32
C PRO A 260 10.10 -40.29 -13.85
N GLN A 261 11.31 -40.01 -14.36
CA GLN A 261 11.89 -38.73 -14.00
C GLN A 261 11.21 -37.54 -14.69
N ASN A 262 10.28 -37.79 -15.62
CA ASN A 262 9.44 -36.76 -16.21
C ASN A 262 8.00 -36.83 -15.70
N MET A 263 7.88 -37.25 -14.45
CA MET A 263 6.68 -37.03 -13.68
C MET A 263 6.88 -35.84 -12.75
N PHE A 264 6.04 -34.82 -12.92
CA PHE A 264 6.04 -33.58 -12.17
C PHE A 264 4.93 -33.69 -11.12
N GLU A 265 5.33 -33.79 -9.86
CA GLU A 265 4.41 -34.11 -8.77
C GLU A 265 3.70 -32.88 -8.19
N PHE A 266 2.54 -33.14 -7.57
CA PHE A 266 1.86 -32.19 -6.70
C PHE A 266 1.14 -33.02 -5.64
N TRP A 267 0.37 -32.35 -4.77
CA TRP A 267 -0.02 -32.88 -3.46
C TRP A 267 -1.52 -32.76 -3.28
N ASP A 268 -2.05 -33.53 -2.31
CA ASP A 268 -3.49 -33.62 -2.16
C ASP A 268 -4.09 -32.32 -1.67
N TRP A 269 -3.26 -31.42 -1.13
CA TRP A 269 -3.71 -30.15 -0.64
C TRP A 269 -3.69 -29.07 -1.74
N VAL A 270 -3.53 -29.50 -3.00
CA VAL A 270 -3.67 -28.65 -4.18
C VAL A 270 -4.97 -29.06 -4.82
N GLY A 271 -6.00 -28.24 -4.72
CA GLY A 271 -7.23 -28.59 -5.40
C GLY A 271 -7.06 -28.35 -6.88
N GLY A 272 -7.75 -29.12 -7.72
CA GLY A 272 -7.62 -28.90 -9.17
C GLY A 272 -7.88 -27.46 -9.62
N ARG A 273 -8.93 -26.85 -9.10
CA ARG A 273 -9.26 -25.49 -9.51
C ARG A 273 -8.40 -24.43 -8.87
N TYR A 274 -7.39 -24.84 -8.09
CA TYR A 274 -6.36 -24.00 -7.49
C TYR A 274 -4.97 -24.49 -7.88
N SER A 275 -4.82 -25.18 -8.99
CA SER A 275 -3.60 -25.93 -9.24
C SER A 275 -2.65 -25.32 -10.26
N LEU A 276 -3.02 -24.23 -10.94
CA LEU A 276 -2.16 -23.75 -12.02
C LEU A 276 -0.80 -23.32 -11.49
N TRP A 277 -0.71 -23.04 -10.19
CA TRP A 277 0.50 -22.62 -9.51
C TRP A 277 1.49 -23.76 -9.30
N SER A 278 1.03 -25.01 -9.43
CA SER A 278 1.78 -26.21 -9.20
C SER A 278 2.39 -26.69 -10.51
N ALA A 279 2.89 -27.92 -10.49
CA ALA A 279 3.25 -28.65 -11.70
C ALA A 279 2.24 -28.54 -12.81
N ILE A 280 0.95 -28.38 -12.46
CA ILE A 280 -0.09 -28.27 -13.49
C ILE A 280 0.21 -27.12 -14.43
N GLY A 281 0.91 -26.10 -13.93
CA GLY A 281 1.31 -24.99 -14.78
C GLY A 281 2.46 -25.23 -15.69
N LEU A 282 2.95 -26.46 -15.82
CA LEU A 282 4.11 -26.68 -16.67
C LEU A 282 3.93 -26.09 -18.07
N SER A 283 2.76 -26.23 -18.67
CA SER A 283 2.60 -25.69 -20.00
C SER A 283 2.74 -24.15 -20.00
N ILE A 284 2.32 -23.47 -18.94
CA ILE A 284 2.59 -22.03 -18.83
C ILE A 284 4.09 -21.76 -18.90
N ALA A 285 4.84 -22.41 -18.04
CA ALA A 285 6.29 -22.17 -17.96
C ALA A 285 6.97 -22.53 -19.29
N LEU A 286 6.51 -23.59 -19.96
CA LEU A 286 7.05 -23.89 -21.29
C LEU A 286 6.77 -22.79 -22.27
N HIS A 287 5.56 -22.19 -22.20
CA HIS A 287 5.14 -21.25 -23.22
C HIS A 287 5.79 -19.90 -22.99
N VAL A 288 5.74 -19.38 -21.78
CA VAL A 288 6.26 -18.03 -21.54
C VAL A 288 7.61 -18.03 -20.84
N GLY A 289 8.14 -19.18 -20.49
CA GLY A 289 9.40 -19.35 -19.78
C GLY A 289 9.23 -19.39 -18.27
N PHE A 290 10.15 -20.08 -17.62
CA PHE A 290 10.03 -20.24 -16.18
C PHE A 290 10.16 -18.91 -15.43
N ASP A 291 11.00 -17.98 -15.90
CA ASP A 291 11.10 -16.68 -15.23
C ASP A 291 9.75 -15.99 -15.14
N ASN A 292 9.00 -16.01 -16.23
CA ASN A 292 7.66 -15.41 -16.20
C ASN A 292 6.68 -16.22 -15.35
N PHE A 293 6.81 -17.56 -15.31
CA PHE A 293 6.03 -18.36 -14.38
C PHE A 293 6.34 -17.97 -12.94
N GLU A 294 7.62 -17.75 -12.62
CA GLU A 294 7.93 -17.29 -11.28
C GLU A 294 7.32 -15.92 -11.01
N GLN A 295 7.25 -15.05 -12.01
CA GLN A 295 6.64 -13.74 -11.79
C GLN A 295 5.16 -13.90 -11.48
N LEU A 296 4.50 -14.81 -12.21
CA LEU A 296 3.09 -15.16 -11.94
C LEU A 296 2.92 -15.63 -10.49
N LEU A 297 3.79 -16.54 -10.02
CA LEU A 297 3.73 -16.97 -8.64
C LEU A 297 3.95 -15.79 -7.68
N SER A 298 4.92 -14.92 -8.01
CA SER A 298 5.23 -13.80 -7.11
C SER A 298 4.09 -12.82 -6.99
N GLY A 299 3.33 -12.58 -8.07
CA GLY A 299 2.16 -11.74 -7.93
C GLY A 299 1.12 -12.36 -7.01
N ALA A 300 0.87 -13.65 -7.16
CA ALA A 300 -0.08 -14.32 -6.25
C ALA A 300 0.38 -14.19 -4.79
N HIS A 301 1.67 -14.44 -4.55
CA HIS A 301 2.25 -14.26 -3.22
C HIS A 301 2.05 -12.87 -2.66
N TRP A 302 2.20 -11.85 -3.50
CA TRP A 302 1.97 -10.49 -3.05
C TRP A 302 0.55 -10.34 -2.55
N MET A 303 -0.41 -10.85 -3.33
CA MET A 303 -1.80 -10.70 -2.90
C MET A 303 -2.11 -11.59 -1.69
N ASP A 304 -1.46 -12.73 -1.57
CA ASP A 304 -1.58 -13.52 -0.36
C ASP A 304 -1.20 -12.69 0.88
N GLN A 305 -0.11 -11.92 0.81
CA GLN A 305 0.29 -11.11 1.94
C GLN A 305 -0.69 -9.97 2.19
N HIS A 306 -1.17 -9.32 1.12
CA HIS A 306 -2.20 -8.29 1.26
C HIS A 306 -3.39 -8.87 2.01
N PHE A 307 -3.81 -10.07 1.60
CA PHE A 307 -4.96 -10.69 2.28
C PHE A 307 -4.70 -11.04 3.72
N ARG A 308 -3.47 -11.42 4.06
CA ARG A 308 -3.12 -11.77 5.41
C ARG A 308 -2.96 -10.58 6.35
N THR A 309 -2.41 -9.44 5.88
CA THR A 309 -2.02 -8.38 6.79
C THR A 309 -2.93 -7.17 6.81
N THR A 310 -3.89 -7.10 5.92
CA THR A 310 -4.67 -5.87 5.77
C THR A 310 -5.95 -5.94 6.60
N PRO A 311 -6.25 -4.90 7.39
CA PRO A 311 -7.50 -4.87 8.13
C PRO A 311 -8.66 -5.17 7.20
N LEU A 312 -9.64 -5.91 7.72
CA LEU A 312 -10.77 -6.36 6.91
C LEU A 312 -11.40 -5.23 6.12
N GLU A 313 -11.56 -4.07 6.76
CA GLU A 313 -12.25 -2.95 6.12
C GLU A 313 -11.50 -2.37 4.94
N LYS A 314 -10.25 -2.76 4.72
CA LYS A 314 -9.49 -2.25 3.58
C LYS A 314 -8.90 -3.40 2.74
N ASN A 315 -9.40 -4.61 2.93
CA ASN A 315 -8.80 -5.85 2.40
C ASN A 315 -9.54 -6.22 1.13
N ALA A 316 -8.87 -6.16 -0.03
CA ALA A 316 -9.60 -6.27 -1.30
C ALA A 316 -10.39 -7.56 -1.43
N PRO A 317 -9.82 -8.74 -1.26
CA PRO A 317 -10.66 -9.95 -1.46
C PRO A 317 -11.83 -10.00 -0.49
N VAL A 318 -11.63 -9.53 0.74
CA VAL A 318 -12.71 -9.51 1.73
C VAL A 318 -13.82 -8.61 1.28
N LEU A 319 -13.48 -7.43 0.79
CA LEU A 319 -14.50 -6.47 0.40
C LEU A 319 -15.26 -6.99 -0.83
N LEU A 320 -14.53 -7.57 -1.80
CA LEU A 320 -15.23 -8.16 -2.92
C LEU A 320 -16.17 -9.23 -2.45
N ALA A 321 -15.71 -10.06 -1.50
CA ALA A 321 -16.55 -11.15 -0.99
C ALA A 321 -17.83 -10.62 -0.32
N LEU A 322 -17.65 -9.61 0.55
CA LEU A 322 -18.75 -8.99 1.28
C LEU A 322 -19.76 -8.33 0.36
N LEU A 323 -19.31 -7.59 -0.65
CA LEU A 323 -20.26 -7.06 -1.61
C LEU A 323 -21.10 -8.18 -2.23
N GLY A 324 -20.44 -9.27 -2.60
CA GLY A 324 -21.15 -10.39 -3.19
C GLY A 324 -22.18 -10.97 -2.24
N ILE A 325 -21.84 -11.07 -0.94
CA ILE A 325 -22.77 -11.56 0.07
C ILE A 325 -23.99 -10.65 0.15
N TRP A 326 -23.74 -9.35 0.11
CA TRP A 326 -24.83 -8.39 0.11
C TRP A 326 -25.78 -8.62 -1.06
N TYR A 327 -25.23 -8.78 -2.27
CA TYR A 327 -26.13 -8.97 -3.42
C TYR A 327 -26.78 -10.35 -3.42
N ILE A 328 -26.09 -11.37 -2.96
CA ILE A 328 -26.66 -12.73 -3.00
C ILE A 328 -27.69 -12.94 -1.91
N ASN A 329 -27.32 -12.67 -0.69
CA ASN A 329 -28.12 -13.03 0.47
C ASN A 329 -29.12 -11.94 0.87
N CYS A 330 -28.94 -10.73 0.40
CA CYS A 330 -29.91 -9.68 0.69
C CYS A 330 -30.71 -9.31 -0.54
N PHE A 331 -30.07 -8.96 -1.65
CA PHE A 331 -30.83 -8.64 -2.86
C PHE A 331 -31.27 -9.88 -3.65
N GLY A 332 -30.71 -11.06 -3.35
CA GLY A 332 -31.13 -12.25 -4.05
C GLY A 332 -30.67 -12.42 -5.50
N CYS A 333 -29.53 -11.83 -5.86
CA CYS A 333 -29.05 -11.90 -7.25
C CYS A 333 -28.44 -13.28 -7.49
N GLU A 334 -28.92 -13.97 -8.52
CA GLU A 334 -28.40 -15.31 -8.80
C GLU A 334 -27.03 -15.31 -9.48
N THR A 335 -26.63 -14.21 -10.14
CA THR A 335 -25.45 -14.28 -11.00
C THR A 335 -24.49 -13.14 -10.69
N HIS A 336 -23.29 -13.32 -11.22
CA HIS A 336 -22.17 -12.41 -11.06
C HIS A 336 -21.46 -12.39 -12.40
N ALA A 337 -21.44 -11.26 -13.06
CA ALA A 337 -20.75 -11.12 -14.33
C ALA A 337 -19.33 -10.58 -14.17
N MET A 338 -18.41 -11.25 -14.85
CA MET A 338 -17.02 -10.87 -14.94
C MET A 338 -16.70 -10.44 -16.36
N LEU A 339 -16.36 -9.16 -16.52
CA LEU A 339 -16.27 -8.51 -17.82
C LEU A 339 -14.91 -7.84 -18.02
N PRO A 340 -13.89 -8.58 -18.41
CA PRO A 340 -12.57 -7.97 -18.63
C PRO A 340 -12.53 -7.30 -19.99
N TYR A 341 -12.11 -6.05 -20.00
CA TYR A 341 -11.97 -5.27 -21.24
C TYR A 341 -10.58 -5.52 -21.83
N ASP A 342 -10.38 -6.76 -22.27
CA ASP A 342 -9.04 -7.23 -22.63
C ASP A 342 -9.20 -8.57 -23.33
N GLN A 343 -8.89 -8.59 -24.63
CA GLN A 343 -9.07 -9.78 -25.43
C GLN A 343 -8.18 -10.93 -24.95
N TYR A 344 -7.00 -10.61 -24.40
CA TYR A 344 -6.14 -11.67 -23.90
C TYR A 344 -6.78 -12.40 -22.73
N LEU A 345 -7.65 -11.71 -21.96
CA LEU A 345 -8.42 -12.30 -20.85
C LEU A 345 -9.73 -12.93 -21.30
N HIS A 346 -9.83 -13.32 -22.57
CA HIS A 346 -11.10 -13.84 -23.04
C HIS A 346 -11.54 -15.13 -22.35
N ARG A 347 -10.65 -15.83 -21.62
CA ARG A 347 -11.01 -17.05 -20.90
C ARG A 347 -10.99 -16.88 -19.38
N PHE A 348 -10.90 -15.64 -18.91
CA PHE A 348 -10.86 -15.33 -17.49
C PHE A 348 -12.21 -15.64 -16.83
N ALA A 349 -13.31 -15.22 -17.44
CA ALA A 349 -14.59 -15.51 -16.82
C ALA A 349 -14.82 -17.02 -16.75
N ALA A 350 -14.50 -17.73 -17.84
CA ALA A 350 -14.68 -19.19 -17.85
C ALA A 350 -13.84 -19.89 -16.78
N TYR A 351 -12.65 -19.34 -16.48
CA TYR A 351 -11.86 -19.92 -15.43
C TYR A 351 -12.56 -19.78 -14.10
N PHE A 352 -13.11 -18.63 -13.82
CA PHE A 352 -13.75 -18.45 -12.52
C PHE A 352 -15.13 -19.07 -12.47
N GLN A 353 -15.70 -19.53 -13.59
CA GLN A 353 -16.83 -20.42 -13.50
C GLN A 353 -16.49 -21.63 -12.67
N GLN A 354 -15.36 -22.28 -12.96
CA GLN A 354 -14.93 -23.39 -12.12
C GLN A 354 -14.53 -22.91 -10.76
N GLY A 355 -13.66 -21.91 -10.70
CA GLY A 355 -13.07 -21.61 -9.44
C GLY A 355 -14.09 -21.19 -8.40
N ASP A 356 -15.07 -20.42 -8.82
CA ASP A 356 -16.14 -19.93 -7.95
C ASP A 356 -17.27 -20.98 -7.81
N MET A 357 -17.80 -21.45 -8.93
CA MET A 357 -19.05 -22.27 -8.88
C MET A 357 -18.75 -23.66 -8.33
N GLU A 358 -17.62 -24.25 -8.66
CA GLU A 358 -17.33 -25.55 -8.09
C GLU A 358 -16.92 -25.43 -6.65
N SER A 359 -16.36 -24.27 -6.27
CA SER A 359 -16.03 -24.06 -4.86
C SER A 359 -17.28 -23.87 -4.02
N ASN A 360 -18.13 -22.95 -4.42
CA ASN A 360 -19.17 -22.49 -3.52
C ASN A 360 -20.59 -22.88 -3.98
N GLY A 361 -20.71 -23.69 -5.00
CA GLY A 361 -21.95 -24.30 -5.40
C GLY A 361 -22.27 -25.45 -4.48
N LYS A 362 -22.67 -25.11 -3.26
CA LYS A 362 -22.71 -26.09 -2.17
C LYS A 362 -23.98 -25.87 -1.36
N TYR A 363 -24.38 -26.86 -0.57
CA TYR A 363 -25.60 -26.66 0.21
C TYR A 363 -25.59 -27.33 1.57
N ILE A 364 -24.50 -27.98 1.97
CA ILE A 364 -24.34 -28.58 3.29
C ILE A 364 -23.26 -27.81 4.05
N THR A 365 -23.55 -27.43 5.29
CA THR A 365 -22.58 -26.71 6.07
C THR A 365 -21.66 -27.63 6.87
N LYS A 366 -20.71 -26.98 7.56
CA LYS A 366 -19.67 -27.68 8.32
C LYS A 366 -20.27 -28.62 9.35
N SER A 367 -21.43 -28.26 9.89
CA SER A 367 -22.05 -29.11 10.89
C SER A 367 -22.91 -30.21 10.28
N GLY A 368 -22.97 -30.31 8.96
CA GLY A 368 -23.84 -31.27 8.34
C GLY A 368 -25.24 -30.76 8.05
N THR A 369 -25.56 -29.57 8.51
CA THR A 369 -26.86 -28.94 8.34
C THR A 369 -27.01 -28.36 6.95
N ARG A 370 -28.21 -28.53 6.37
CA ARG A 370 -28.55 -27.91 5.10
C ARG A 370 -28.57 -26.40 5.22
N VAL A 371 -28.05 -25.69 4.19
CA VAL A 371 -28.21 -24.24 4.25
C VAL A 371 -29.69 -23.88 4.09
N ASP A 372 -30.09 -22.75 4.68
CA ASP A 372 -31.41 -22.16 4.44
C ASP A 372 -31.27 -20.76 3.84
N HIS A 373 -30.25 -20.61 3.02
CA HIS A 373 -29.93 -19.35 2.37
C HIS A 373 -29.22 -19.69 1.06
N GLN A 374 -29.05 -18.69 0.20
CA GLN A 374 -28.24 -18.89 -1.00
C GLN A 374 -26.76 -19.07 -0.71
N THR A 375 -26.10 -19.81 -1.61
CA THR A 375 -24.65 -19.87 -1.62
C THR A 375 -24.16 -19.33 -2.97
N GLY A 376 -23.21 -19.99 -3.62
CA GLY A 376 -22.49 -19.36 -4.69
C GLY A 376 -23.36 -18.97 -5.85
N PRO A 377 -22.98 -17.88 -6.53
CA PRO A 377 -23.71 -17.47 -7.74
C PRO A 377 -23.23 -18.15 -9.00
N ILE A 378 -24.05 -17.98 -10.04
CA ILE A 378 -23.69 -18.37 -11.40
C ILE A 378 -22.79 -17.26 -11.92
N VAL A 379 -21.55 -17.61 -12.29
CA VAL A 379 -20.58 -16.68 -12.84
C VAL A 379 -20.60 -16.83 -14.35
N TRP A 380 -20.48 -15.69 -15.05
CA TRP A 380 -20.52 -15.68 -16.50
C TRP A 380 -19.89 -14.38 -17.00
N GLY A 381 -19.70 -14.29 -18.31
CA GLY A 381 -19.19 -13.07 -18.92
C GLY A 381 -18.44 -13.36 -20.21
N GLU A 382 -18.20 -12.29 -20.98
CA GLU A 382 -17.35 -12.25 -22.16
C GLU A 382 -16.52 -10.98 -22.05
N PRO A 383 -15.36 -10.92 -22.71
CA PRO A 383 -14.59 -9.65 -22.70
C PRO A 383 -15.30 -8.49 -23.35
N GLY A 384 -15.12 -7.29 -22.78
CA GLY A 384 -15.50 -6.07 -23.46
C GLY A 384 -14.49 -5.73 -24.53
N THR A 385 -14.97 -5.08 -25.61
CA THR A 385 -16.32 -4.50 -25.81
C THR A 385 -17.32 -5.48 -26.46
N ASN A 386 -16.90 -6.72 -26.68
CA ASN A 386 -17.77 -7.67 -27.41
C ASN A 386 -19.08 -7.87 -26.67
N GLY A 387 -19.04 -8.07 -25.35
CA GLY A 387 -20.26 -8.29 -24.60
C GLY A 387 -21.24 -7.16 -24.73
N GLN A 388 -20.74 -5.95 -24.97
CA GLN A 388 -21.56 -4.77 -25.14
C GLN A 388 -22.52 -4.92 -26.30
N HIS A 389 -22.06 -5.55 -27.36
CA HIS A 389 -22.87 -5.80 -28.54
C HIS A 389 -23.54 -7.16 -28.54
N ALA A 390 -23.49 -7.90 -27.43
CA ALA A 390 -24.19 -9.17 -27.26
C ALA A 390 -25.29 -9.09 -26.21
N PHE A 391 -24.96 -8.82 -24.94
CA PHE A 391 -25.92 -8.95 -23.88
C PHE A 391 -26.12 -7.74 -23.01
N TYR A 392 -25.40 -6.66 -23.26
CA TYR A 392 -25.55 -5.56 -22.33
C TYR A 392 -26.95 -4.97 -22.44
N GLN A 393 -27.65 -5.16 -23.57
CA GLN A 393 -29.06 -4.75 -23.64
C GLN A 393 -29.83 -5.21 -22.41
N LEU A 394 -29.67 -6.49 -22.03
CA LEU A 394 -30.39 -7.02 -20.88
C LEU A 394 -29.87 -6.43 -19.58
N ILE A 395 -28.56 -6.22 -19.46
CA ILE A 395 -28.06 -5.68 -18.19
C ILE A 395 -28.62 -4.28 -17.94
N HIS A 396 -28.74 -3.49 -18.98
CA HIS A 396 -29.27 -2.12 -18.92
C HIS A 396 -30.79 -2.04 -18.79
N GLN A 397 -31.55 -2.93 -19.46
CA GLN A 397 -32.99 -2.74 -19.65
C GLN A 397 -33.83 -4.01 -19.45
N GLY A 398 -33.24 -5.07 -18.97
CA GLY A 398 -34.01 -6.22 -18.58
C GLY A 398 -34.55 -6.09 -17.19
N THR A 399 -34.95 -7.24 -16.63
CA THR A 399 -35.66 -7.31 -15.35
C THR A 399 -34.84 -7.96 -14.27
N LYS A 400 -33.52 -8.06 -14.48
CA LYS A 400 -32.59 -8.77 -13.61
C LYS A 400 -31.53 -7.82 -13.06
N MET A 401 -31.25 -7.95 -11.79
CA MET A 401 -30.13 -7.27 -11.15
C MET A 401 -28.92 -8.16 -11.22
N ILE A 402 -27.86 -7.63 -11.83
CA ILE A 402 -26.65 -8.41 -12.19
C ILE A 402 -25.40 -7.64 -11.72
N PRO A 403 -24.86 -7.94 -10.55
CA PRO A 403 -23.56 -7.36 -10.16
C PRO A 403 -22.52 -7.70 -11.20
N CYS A 404 -21.73 -6.70 -11.62
CA CYS A 404 -20.70 -6.84 -12.65
C CYS A 404 -19.37 -6.38 -12.15
N ASP A 405 -18.33 -7.19 -12.41
CA ASP A 405 -16.95 -6.73 -12.26
C ASP A 405 -16.44 -6.36 -13.66
N PHE A 406 -16.05 -5.09 -13.82
CA PHE A 406 -15.39 -4.59 -15.01
C PHE A 406 -13.90 -4.48 -14.72
N LEU A 407 -13.05 -5.11 -15.53
CA LEU A 407 -11.60 -5.11 -15.32
C LEU A 407 -10.89 -4.59 -16.55
N ILE A 408 -9.77 -3.88 -16.37
CA ILE A 408 -8.99 -3.44 -17.53
C ILE A 408 -7.55 -3.05 -17.17
N PRO A 409 -6.56 -3.29 -18.04
CA PRO A 409 -5.23 -2.68 -17.86
C PRO A 409 -5.15 -1.28 -18.42
N VAL A 410 -4.46 -0.41 -17.68
CA VAL A 410 -4.22 0.95 -18.16
C VAL A 410 -3.35 0.92 -19.40
N GLN A 411 -2.32 0.08 -19.38
CA GLN A 411 -1.37 -0.02 -20.49
C GLN A 411 -1.62 -1.26 -21.32
N THR A 412 -1.72 -1.07 -22.64
CA THR A 412 -1.99 -2.16 -23.55
C THR A 412 -0.70 -2.83 -23.99
N GLN A 413 -0.76 -4.14 -24.25
CA GLN A 413 0.37 -4.84 -24.85
C GLN A 413 0.57 -4.47 -26.32
N HIS A 414 -0.40 -3.83 -26.95
CA HIS A 414 -0.36 -3.51 -28.38
C HIS A 414 -0.82 -2.08 -28.63
N PRO A 415 0.04 -1.08 -28.34
CA PRO A 415 -0.37 0.33 -28.46
C PRO A 415 -0.37 0.82 -29.91
N ILE A 416 -1.16 0.15 -30.71
CA ILE A 416 -1.20 0.48 -32.16
C ILE A 416 -1.91 1.80 -32.40
N ARG A 417 -1.61 2.40 -33.55
CA ARG A 417 -2.27 3.65 -33.95
C ARG A 417 -2.10 4.73 -32.89
N LYS A 418 -0.91 4.80 -32.30
CA LYS A 418 -0.59 5.82 -31.32
C LYS A 418 -1.54 5.78 -30.14
N GLY A 419 -2.05 4.60 -29.83
CA GLY A 419 -2.91 4.43 -28.68
C GLY A 419 -4.40 4.56 -28.96
N LEU A 420 -4.82 4.73 -30.22
CA LEU A 420 -6.21 5.04 -30.49
C LEU A 420 -7.16 3.92 -30.05
N HIS A 421 -6.79 2.67 -30.35
CA HIS A 421 -7.68 1.56 -30.00
C HIS A 421 -7.87 1.48 -28.48
N HIS A 422 -6.79 1.61 -27.72
CA HIS A 422 -6.89 1.44 -26.28
C HIS A 422 -7.64 2.60 -25.68
N LYS A 423 -7.52 3.78 -26.32
CA LYS A 423 -8.29 4.93 -25.86
C LYS A 423 -9.78 4.67 -26.00
N ILE A 424 -10.21 4.09 -27.12
CA ILE A 424 -11.62 3.81 -27.31
C ILE A 424 -12.07 2.72 -26.35
N LEU A 425 -11.22 1.73 -26.11
CA LEU A 425 -11.54 0.65 -25.18
C LEU A 425 -11.77 1.21 -23.76
N LEU A 426 -10.85 2.06 -23.30
CA LEU A 426 -10.96 2.67 -21.97
C LEU A 426 -12.22 3.50 -21.89
N ALA A 427 -12.53 4.23 -22.95
CA ALA A 427 -13.71 5.10 -22.90
C ALA A 427 -14.98 4.28 -22.75
N ASN A 428 -15.05 3.10 -23.40
CA ASN A 428 -16.22 2.23 -23.23
C ASN A 428 -16.27 1.58 -21.84
N PHE A 429 -15.11 1.18 -21.31
CA PHE A 429 -15.04 0.63 -19.97
C PHE A 429 -15.65 1.59 -18.99
N LEU A 430 -15.24 2.85 -19.09
CA LEU A 430 -15.72 3.85 -18.15
C LEU A 430 -17.19 4.22 -18.39
N ALA A 431 -17.56 4.41 -19.63
CA ALA A 431 -18.93 4.82 -19.96
C ALA A 431 -19.97 3.78 -19.56
N GLN A 432 -19.65 2.51 -19.74
CA GLN A 432 -20.65 1.50 -19.41
C GLN A 432 -21.02 1.48 -17.93
N THR A 433 -20.03 1.52 -16.99
CA THR A 433 -20.37 1.58 -15.59
C THR A 433 -21.03 2.91 -15.24
N GLU A 434 -20.63 4.00 -15.89
CA GLU A 434 -21.31 5.28 -15.64
C GLU A 434 -22.77 5.20 -16.08
N ALA A 435 -23.02 4.62 -17.23
CA ALA A 435 -24.38 4.45 -17.75
C ALA A 435 -25.21 3.54 -16.84
N LEU A 436 -24.63 2.43 -16.39
CA LEU A 436 -25.37 1.50 -15.54
C LEU A 436 -25.80 2.18 -14.26
N MET A 437 -24.91 2.99 -13.70
CA MET A 437 -25.20 3.76 -12.49
C MET A 437 -26.27 4.83 -12.72
N ARG A 438 -26.05 5.69 -13.70
CA ARG A 438 -26.82 6.90 -13.88
C ARG A 438 -28.15 6.67 -14.55
N GLY A 439 -28.21 5.70 -15.45
CA GLY A 439 -29.38 5.67 -16.32
C GLY A 439 -29.72 7.00 -16.96
N LYS A 440 -31.00 7.13 -17.32
CA LYS A 440 -31.50 8.24 -18.14
C LYS A 440 -33.00 8.32 -17.85
N SER A 441 -33.40 9.41 -17.22
CA SER A 441 -34.76 9.57 -16.73
C SER A 441 -35.72 9.87 -17.87
N THR A 442 -37.02 9.70 -17.56
CA THR A 442 -38.05 10.10 -18.54
C THR A 442 -37.87 11.55 -18.98
N GLU A 443 -37.64 12.47 -18.02
CA GLU A 443 -37.45 13.86 -18.42
C GLU A 443 -36.24 14.01 -19.32
N GLU A 444 -35.14 13.31 -19.01
CA GLU A 444 -33.94 13.46 -19.81
C GLU A 444 -34.15 12.91 -21.21
N ALA A 445 -34.83 11.77 -21.29
CA ALA A 445 -35.09 11.20 -22.62
C ALA A 445 -36.07 12.04 -23.42
N ARG A 446 -37.08 12.60 -22.74
CA ARG A 446 -38.00 13.50 -23.42
C ARG A 446 -37.25 14.66 -24.07
N LYS A 447 -36.42 15.35 -23.28
CA LYS A 447 -35.64 16.45 -23.83
C LYS A 447 -34.89 16.03 -25.08
N GLU A 448 -34.29 14.83 -25.09
CA GLU A 448 -33.54 14.41 -26.27
C GLU A 448 -34.46 14.23 -27.47
N LEU A 449 -35.64 13.68 -27.22
CA LEU A 449 -36.55 13.39 -28.31
C LEU A 449 -37.11 14.68 -28.93
N GLN A 450 -37.39 15.69 -28.09
CA GLN A 450 -37.83 16.99 -28.64
C GLN A 450 -36.73 17.62 -29.47
N ALA A 451 -35.49 17.64 -28.94
CA ALA A 451 -34.38 18.19 -29.69
C ALA A 451 -34.20 17.52 -31.04
N ALA A 452 -34.48 16.23 -31.12
CA ALA A 452 -34.39 15.49 -32.37
C ALA A 452 -35.55 15.78 -33.32
N GLY A 453 -36.57 16.50 -32.87
CA GLY A 453 -37.66 16.91 -33.74
C GLY A 453 -38.84 15.96 -33.83
N LYS A 454 -38.93 14.97 -32.95
CA LYS A 454 -40.05 14.03 -33.03
C LYS A 454 -41.37 14.78 -32.85
N SER A 455 -42.37 14.36 -33.62
CA SER A 455 -43.73 14.82 -33.41
C SER A 455 -44.17 14.51 -31.98
N PRO A 456 -45.18 15.20 -31.46
CA PRO A 456 -45.60 14.91 -30.08
C PRO A 456 -46.11 13.49 -29.88
N GLU A 457 -46.88 12.95 -30.81
CA GLU A 457 -47.35 11.58 -30.62
C GLU A 457 -46.23 10.58 -30.84
N ASP A 458 -45.31 10.85 -31.80
CA ASP A 458 -44.12 10.04 -31.96
C ASP A 458 -43.35 9.92 -30.64
N LEU A 459 -43.05 11.09 -30.05
CA LEU A 459 -42.23 11.17 -28.85
C LEU A 459 -42.85 10.38 -27.71
N GLU A 460 -44.17 10.48 -27.54
CA GLU A 460 -44.82 9.80 -26.42
C GLU A 460 -44.80 8.29 -26.62
N ARG A 461 -44.79 7.88 -27.88
CA ARG A 461 -44.73 6.46 -28.23
C ARG A 461 -43.38 5.87 -27.87
N LEU A 462 -42.31 6.55 -28.30
CA LEU A 462 -40.97 6.00 -28.18
C LEU A 462 -40.41 6.23 -26.81
N LEU A 463 -40.92 7.23 -26.10
CA LEU A 463 -40.26 7.74 -24.89
C LEU A 463 -39.99 6.66 -23.84
N PRO A 464 -40.94 5.80 -23.46
CA PRO A 464 -40.64 4.85 -22.38
C PRO A 464 -39.57 3.85 -22.76
N HIS A 465 -39.43 3.52 -24.03
CA HIS A 465 -38.41 2.61 -24.47
C HIS A 465 -37.00 3.18 -24.33
N LYS A 466 -36.85 4.50 -24.27
CA LYS A 466 -35.54 5.16 -24.21
C LYS A 466 -35.10 5.48 -22.81
N VAL A 467 -35.86 5.06 -21.81
CA VAL A 467 -35.54 5.34 -20.42
C VAL A 467 -34.70 4.21 -19.87
N PHE A 468 -33.70 4.59 -19.10
CA PHE A 468 -32.77 3.70 -18.42
C PHE A 468 -32.99 3.93 -16.93
N GLU A 469 -33.45 2.91 -16.22
CA GLU A 469 -33.72 3.05 -14.80
C GLU A 469 -32.42 3.18 -13.99
N GLY A 470 -31.30 2.70 -14.52
CA GLY A 470 -30.02 2.86 -13.87
C GLY A 470 -30.01 2.14 -12.55
N ASN A 471 -29.18 2.64 -11.66
CA ASN A 471 -29.03 2.06 -10.32
C ASN A 471 -28.52 0.63 -10.39
N ARG A 472 -27.73 0.31 -11.42
CA ARG A 472 -27.20 -1.02 -11.60
C ARG A 472 -25.75 -1.08 -11.15
N PRO A 473 -25.41 -1.84 -10.13
CA PRO A 473 -24.10 -1.67 -9.49
C PRO A 473 -22.97 -2.43 -10.18
N THR A 474 -21.76 -1.85 -10.06
CA THR A 474 -20.59 -2.46 -10.64
C THR A 474 -19.38 -2.20 -9.75
N ASN A 475 -18.40 -3.07 -9.90
CA ASN A 475 -17.02 -2.85 -9.51
C ASN A 475 -16.18 -2.56 -10.73
N SER A 476 -15.25 -1.61 -10.59
CA SER A 476 -14.23 -1.36 -11.62
C SER A 476 -12.86 -1.67 -11.03
N ILE A 477 -12.17 -2.62 -11.66
CA ILE A 477 -10.86 -3.08 -11.24
C ILE A 477 -9.87 -2.72 -12.35
N VAL A 478 -9.02 -1.74 -12.06
CA VAL A 478 -8.12 -1.14 -13.05
C VAL A 478 -6.68 -1.36 -12.55
N PHE A 479 -5.82 -1.85 -13.42
CA PHE A 479 -4.47 -2.15 -13.00
C PHE A 479 -3.51 -1.68 -14.09
N THR A 480 -2.26 -1.40 -13.66
CA THR A 480 -1.35 -0.72 -14.57
C THR A 480 -1.18 -1.45 -15.89
N LYS A 481 -0.84 -2.73 -15.85
CA LYS A 481 -0.54 -3.53 -17.01
C LYS A 481 -0.74 -5.01 -16.70
N LEU A 482 -1.25 -5.77 -17.67
CA LEU A 482 -1.44 -7.21 -17.47
C LEU A 482 -0.15 -7.96 -17.80
N THR A 483 0.75 -7.94 -16.85
CA THR A 483 2.01 -8.67 -16.84
C THR A 483 1.80 -10.00 -16.15
N PRO A 484 2.79 -10.93 -16.21
CA PRO A 484 2.65 -12.16 -15.42
C PRO A 484 2.43 -11.92 -13.94
N PHE A 485 3.17 -10.97 -13.35
CA PHE A 485 2.99 -10.67 -11.93
C PHE A 485 1.57 -10.18 -11.68
N MET A 486 1.09 -9.22 -12.50
CA MET A 486 -0.21 -8.64 -12.24
C MET A 486 -1.29 -9.71 -12.39
N LEU A 487 -1.17 -10.58 -13.39
CA LEU A 487 -2.21 -11.62 -13.53
C LEU A 487 -2.24 -12.49 -12.30
N GLY A 488 -1.07 -12.79 -11.74
CA GLY A 488 -1.03 -13.66 -10.58
C GLY A 488 -1.74 -13.03 -9.41
N ALA A 489 -1.49 -11.75 -9.18
CA ALA A 489 -2.16 -11.03 -8.11
C ALA A 489 -3.68 -11.01 -8.31
N LEU A 490 -4.15 -10.76 -9.54
CA LEU A 490 -5.59 -10.72 -9.80
C LEU A 490 -6.25 -12.08 -9.58
N VAL A 491 -5.63 -13.15 -10.05
CA VAL A 491 -6.24 -14.46 -9.83
C VAL A 491 -6.31 -14.78 -8.34
N ALA A 492 -5.22 -14.55 -7.65
CA ALA A 492 -5.21 -14.84 -6.20
C ALA A 492 -6.26 -14.02 -5.46
N MET A 493 -6.47 -12.79 -5.89
CA MET A 493 -7.50 -11.96 -5.30
C MET A 493 -8.87 -12.64 -5.34
N TYR A 494 -9.25 -13.12 -6.51
CA TYR A 494 -10.52 -13.83 -6.63
C TYR A 494 -10.52 -15.17 -5.89
N GLU A 495 -9.39 -15.87 -5.83
CA GLU A 495 -9.33 -17.06 -5.02
C GLU A 495 -9.70 -16.73 -3.61
N HIS A 496 -9.15 -15.66 -3.06
CA HIS A 496 -9.43 -15.37 -1.66
C HIS A 496 -10.83 -14.80 -1.46
N LYS A 497 -11.35 -14.10 -2.45
CA LYS A 497 -12.77 -13.71 -2.40
C LYS A 497 -13.64 -14.95 -2.21
N ILE A 498 -13.39 -15.97 -3.02
CA ILE A 498 -14.18 -17.20 -2.99
C ILE A 498 -14.06 -17.85 -1.60
N PHE A 499 -12.86 -17.81 -1.04
CA PHE A 499 -12.63 -18.40 0.27
C PHE A 499 -13.46 -17.66 1.32
N VAL A 500 -13.41 -16.34 1.30
CA VAL A 500 -14.12 -15.57 2.31
C VAL A 500 -15.61 -15.85 2.23
N GLN A 501 -16.16 -15.89 1.03
CA GLN A 501 -17.58 -16.17 0.91
C GLN A 501 -17.93 -17.52 1.46
N GLY A 502 -17.10 -18.53 1.21
CA GLY A 502 -17.38 -19.86 1.69
C GLY A 502 -17.32 -19.95 3.20
N ILE A 503 -16.40 -19.18 3.84
CA ILE A 503 -16.37 -19.17 5.33
C ILE A 503 -17.64 -18.53 5.87
N ILE A 504 -18.06 -17.41 5.27
CA ILE A 504 -19.28 -16.74 5.69
C ILE A 504 -20.49 -17.66 5.56
N TRP A 505 -20.57 -18.45 4.47
CA TRP A 505 -21.72 -19.35 4.29
C TRP A 505 -21.61 -20.61 5.10
N ASP A 506 -20.46 -20.86 5.69
CA ASP A 506 -20.15 -22.07 6.47
C ASP A 506 -20.12 -23.32 5.60
N ILE A 507 -19.69 -23.20 4.33
CA ILE A 507 -19.58 -24.36 3.46
C ILE A 507 -18.10 -24.68 3.25
N ASN A 508 -17.83 -25.86 2.65
CA ASN A 508 -16.47 -26.26 2.29
C ASN A 508 -16.17 -25.87 0.85
N SER A 509 -15.43 -24.78 0.66
CA SER A 509 -15.09 -24.34 -0.71
C SER A 509 -14.15 -25.27 -1.44
N PHE A 510 -13.66 -26.34 -0.82
CA PHE A 510 -12.50 -27.07 -1.31
C PHE A 510 -12.77 -28.52 -1.64
N ASP A 511 -14.01 -29.01 -1.49
CA ASP A 511 -14.43 -30.33 -1.93
C ASP A 511 -15.34 -30.21 -3.18
N GLN A 512 -15.80 -31.35 -3.66
CA GLN A 512 -16.64 -31.35 -4.87
C GLN A 512 -17.38 -32.67 -4.97
N TRP A 513 -18.10 -33.00 -3.92
CA TRP A 513 -18.85 -34.26 -3.92
C TRP A 513 -19.92 -34.31 -4.97
N GLY A 514 -20.31 -33.16 -5.53
CA GLY A 514 -21.38 -32.98 -6.46
C GLY A 514 -21.10 -33.54 -7.82
N VAL A 515 -19.89 -34.01 -8.08
CA VAL A 515 -19.60 -34.57 -9.40
C VAL A 515 -19.73 -36.08 -9.45
N GLU A 516 -19.95 -36.73 -8.31
CA GLU A 516 -19.86 -38.19 -8.27
C GLU A 516 -21.05 -38.88 -8.92
N LEU A 517 -22.27 -38.39 -8.71
CA LEU A 517 -23.44 -39.12 -9.19
C LEU A 517 -23.41 -39.22 -10.71
N GLY A 518 -23.13 -38.13 -11.40
CA GLY A 518 -23.06 -38.22 -12.86
C GLY A 518 -22.01 -39.18 -13.34
N LYS A 519 -20.88 -39.27 -12.63
CA LYS A 519 -19.82 -40.20 -13.01
C LYS A 519 -20.34 -41.63 -12.85
N GLN A 520 -21.05 -41.89 -11.76
CA GLN A 520 -21.46 -43.25 -11.49
C GLN A 520 -22.46 -43.69 -12.53
N LEU A 521 -23.36 -42.80 -12.89
CA LEU A 521 -24.42 -43.15 -13.84
C LEU A 521 -23.89 -43.29 -15.25
N ALA A 522 -22.87 -42.50 -15.63
CA ALA A 522 -22.27 -42.67 -16.96
C ALA A 522 -21.59 -44.04 -17.08
N LYS A 523 -20.96 -44.53 -16.02
CA LYS A 523 -20.31 -45.83 -16.13
C LYS A 523 -21.33 -46.93 -16.35
N LYS A 524 -22.53 -46.80 -15.79
CA LYS A 524 -23.57 -47.81 -16.01
C LYS A 524 -24.13 -47.75 -17.42
N ILE A 525 -24.18 -46.55 -18.02
CA ILE A 525 -24.75 -46.44 -19.36
C ILE A 525 -23.78 -46.89 -20.46
N GLU A 526 -22.45 -46.70 -20.30
CA GLU A 526 -21.54 -47.00 -21.41
C GLU A 526 -21.76 -48.37 -22.02
N PRO A 527 -21.79 -49.45 -21.26
CA PRO A 527 -21.91 -50.78 -21.87
C PRO A 527 -23.24 -51.00 -22.51
N GLU A 528 -24.26 -50.27 -22.07
CA GLU A 528 -25.57 -50.45 -22.63
C GLU A 528 -25.70 -49.87 -24.03
N LEU A 529 -24.79 -48.97 -24.43
CA LEU A 529 -24.87 -48.37 -25.76
C LEU A 529 -24.40 -49.33 -26.84
N ASP A 530 -23.51 -50.26 -26.48
CA ASP A 530 -23.01 -51.27 -27.40
C ASP A 530 -24.15 -52.20 -27.83
N GLY A 531 -24.10 -52.64 -29.08
CA GLY A 531 -25.09 -53.56 -29.62
C GLY A 531 -26.45 -52.90 -29.83
N SER A 532 -27.39 -53.68 -30.40
CA SER A 532 -28.61 -53.12 -30.94
C SER A 532 -29.84 -53.25 -30.04
N ALA A 533 -29.72 -53.94 -28.92
CA ALA A 533 -30.85 -54.18 -28.05
C ALA A 533 -31.42 -52.90 -27.48
N GLN A 534 -32.75 -52.84 -27.41
CA GLN A 534 -33.45 -51.77 -26.69
C GLN A 534 -33.08 -51.80 -25.22
N VAL A 535 -32.99 -50.61 -24.61
CA VAL A 535 -32.69 -50.48 -23.20
C VAL A 535 -33.95 -50.15 -22.42
N THR A 536 -34.12 -50.82 -21.29
CA THR A 536 -35.29 -50.64 -20.45
C THR A 536 -34.95 -50.43 -19.01
N SER A 537 -33.67 -50.34 -18.64
CA SER A 537 -33.23 -50.41 -17.25
C SER A 537 -33.27 -49.08 -16.49
N HIS A 538 -33.59 -47.96 -17.15
CA HIS A 538 -33.66 -46.64 -16.54
C HIS A 538 -35.09 -46.07 -16.52
N ASP A 539 -35.20 -44.79 -16.12
CA ASP A 539 -36.43 -44.03 -16.32
C ASP A 539 -36.78 -44.00 -17.81
N ALA A 540 -38.03 -43.62 -18.11
CA ALA A 540 -38.53 -43.71 -19.47
C ALA A 540 -37.78 -42.76 -20.40
N SER A 541 -37.29 -41.63 -19.87
CA SER A 541 -36.61 -40.66 -20.74
C SER A 541 -35.22 -41.13 -21.10
N THR A 542 -34.41 -41.53 -20.12
CA THR A 542 -33.11 -42.09 -20.41
C THR A 542 -33.20 -43.28 -21.38
N ASN A 543 -34.12 -44.24 -21.14
CA ASN A 543 -34.32 -45.30 -22.15
C ASN A 543 -34.67 -44.78 -23.54
N GLY A 544 -35.64 -43.87 -23.61
CA GLY A 544 -36.07 -43.32 -24.89
C GLY A 544 -34.93 -42.65 -25.64
N LEU A 545 -34.11 -41.88 -24.92
CA LEU A 545 -32.93 -41.26 -25.54
C LEU A 545 -31.97 -42.31 -26.03
N ILE A 546 -31.68 -43.33 -25.22
CA ILE A 546 -30.76 -44.35 -25.68
C ILE A 546 -31.31 -45.03 -26.94
N ASN A 547 -32.59 -45.35 -26.93
CA ASN A 547 -33.13 -46.07 -28.07
C ASN A 547 -33.20 -45.23 -29.32
N PHE A 548 -33.39 -43.89 -29.17
CA PHE A 548 -33.25 -42.99 -30.30
C PHE A 548 -31.82 -42.96 -30.81
N ILE A 549 -30.85 -42.92 -29.90
CA ILE A 549 -29.44 -42.96 -30.30
C ILE A 549 -29.15 -44.23 -31.08
N LYS A 550 -29.61 -45.38 -30.57
CA LYS A 550 -29.35 -46.62 -31.29
C LYS A 550 -30.06 -46.65 -32.64
N GLN A 551 -31.25 -46.06 -32.72
CA GLN A 551 -31.95 -45.99 -33.99
C GLN A 551 -31.20 -45.14 -34.98
N GLN A 552 -30.66 -44.00 -34.53
CA GLN A 552 -30.05 -43.06 -35.46
C GLN A 552 -28.58 -43.32 -35.76
N ARG A 553 -27.97 -44.29 -35.08
CA ARG A 553 -26.59 -44.65 -35.34
C ARG A 553 -26.37 -45.01 -36.80
N GLU A 554 -27.39 -45.66 -37.36
CA GLU A 554 -27.42 -46.31 -38.66
C GLU A 554 -28.38 -45.56 -39.60
N ALA A 555 -28.38 -44.24 -39.51
CA ALA A 555 -29.09 -43.38 -40.45
C ALA A 555 -28.08 -42.69 -41.36
N ARG A 556 -28.41 -42.54 -42.64
CA ARG A 556 -27.43 -42.07 -43.62
C ARG A 556 -27.54 -40.56 -43.84
N ALA B 2 20.43 30.76 -9.06
CA ALA B 2 20.60 29.32 -8.86
C ALA B 2 19.41 28.55 -9.44
N ALA B 3 19.55 27.22 -9.59
CA ALA B 3 18.52 26.44 -10.28
C ALA B 3 17.14 26.66 -9.66
N LEU B 4 17.03 26.57 -8.32
CA LEU B 4 15.69 26.62 -7.74
C LEU B 4 15.01 27.94 -8.04
N THR B 5 15.74 29.05 -7.87
CA THR B 5 15.12 30.35 -7.97
C THR B 5 14.60 30.61 -9.38
N ARG B 6 15.30 30.13 -10.37
CA ARG B 6 14.90 30.23 -11.77
C ARG B 6 13.86 29.19 -12.18
N ASP B 7 13.38 28.38 -11.25
CA ASP B 7 12.44 27.33 -11.69
C ASP B 7 11.03 27.90 -11.78
N PRO B 8 10.33 27.73 -12.91
CA PRO B 8 9.00 28.37 -13.00
C PRO B 8 7.98 27.83 -12.03
N GLN B 9 8.09 26.56 -11.63
CA GLN B 9 7.13 26.04 -10.65
C GLN B 9 7.40 26.64 -9.27
N PHE B 10 8.67 26.84 -8.97
CA PHE B 10 9.04 27.53 -7.74
C PHE B 10 8.53 28.97 -7.77
N GLN B 11 8.70 29.65 -8.91
CA GLN B 11 8.20 31.03 -8.97
C GLN B 11 6.69 31.06 -8.81
N LYS B 12 5.99 30.06 -9.38
CA LYS B 12 4.55 29.97 -9.13
C LYS B 12 4.22 29.79 -7.65
N LEU B 13 4.91 28.85 -6.98
CA LEU B 13 4.70 28.65 -5.55
C LEU B 13 4.85 29.95 -4.76
N GLN B 14 5.90 30.70 -5.08
CA GLN B 14 6.14 31.97 -4.41
C GLN B 14 5.01 32.95 -4.63
N GLN B 15 4.53 33.03 -5.87
CA GLN B 15 3.44 33.98 -6.11
C GLN B 15 2.19 33.56 -5.35
N TRP B 16 1.85 32.29 -5.40
CA TRP B 16 0.67 31.86 -4.66
C TRP B 16 0.81 32.24 -3.20
N TYR B 17 2.02 32.09 -2.68
CA TYR B 17 2.24 32.39 -1.27
C TYR B 17 2.05 33.87 -0.99
N ARG B 18 2.57 34.73 -1.86
CA ARG B 18 2.38 36.16 -1.61
C ARG B 18 0.90 36.54 -1.74
N GLU B 19 0.20 35.89 -2.65
CA GLU B 19 -1.19 36.22 -2.96
C GLU B 19 -2.17 35.66 -1.92
N HIS B 20 -1.92 34.46 -1.42
CA HIS B 20 -2.98 33.68 -0.80
C HIS B 20 -2.67 33.23 0.62
N ARG B 21 -1.46 33.44 1.13
CA ARG B 21 -1.05 33.14 2.49
C ARG B 21 -2.21 33.15 3.48
N SER B 22 -3.02 34.21 3.39
CA SER B 22 -4.06 34.53 4.36
C SER B 22 -5.21 33.54 4.35
N GLU B 23 -5.27 32.65 3.38
CA GLU B 23 -6.28 31.60 3.42
C GLU B 23 -5.89 30.46 4.34
N LEU B 24 -4.63 30.40 4.76
CA LEU B 24 -4.08 29.21 5.41
C LEU B 24 -4.24 29.33 6.93
N ASN B 25 -5.48 29.13 7.40
CA ASN B 25 -5.82 29.00 8.81
C ASN B 25 -6.41 27.61 9.04
N LEU B 26 -5.74 26.81 9.89
CA LEU B 26 -6.07 25.40 10.01
C LEU B 26 -7.47 25.21 10.55
N ARG B 27 -7.87 26.03 11.53
CA ARG B 27 -9.24 25.91 12.05
C ARG B 27 -10.26 26.05 10.92
N ARG B 28 -10.10 27.09 10.10
CA ARG B 28 -11.01 27.33 8.99
C ARG B 28 -10.97 26.19 7.99
N LEU B 29 -9.77 25.71 7.67
CA LEU B 29 -9.63 24.68 6.64
C LEU B 29 -10.31 23.39 7.09
N PHE B 30 -10.06 22.96 8.34
CA PHE B 30 -10.73 21.78 8.87
C PHE B 30 -12.24 21.99 9.01
N ASP B 31 -12.68 23.21 9.29
CA ASP B 31 -14.11 23.44 9.41
C ASP B 31 -14.81 23.36 8.05
N ALA B 32 -14.14 23.72 6.98
CA ALA B 32 -14.74 23.74 5.65
C ALA B 32 -14.64 22.41 4.89
N ASN B 33 -13.95 21.40 5.44
CA ASN B 33 -13.65 20.15 4.71
C ASN B 33 -13.57 19.03 5.74
N LYS B 34 -14.71 18.36 5.98
CA LYS B 34 -14.68 17.28 6.95
C LYS B 34 -13.85 16.10 6.46
N ASP B 35 -13.45 16.10 5.20
CA ASP B 35 -12.63 15.03 4.66
C ASP B 35 -11.17 15.45 4.59
N ARG B 36 -10.78 16.45 5.37
CA ARG B 36 -9.42 16.95 5.23
C ARG B 36 -8.40 15.87 5.58
N PHE B 37 -8.67 15.07 6.62
CA PHE B 37 -7.72 14.05 7.03
C PHE B 37 -7.55 13.02 5.92
N ASN B 38 -8.66 12.55 5.36
CA ASN B 38 -8.58 11.63 4.22
C ASN B 38 -7.75 12.17 3.07
N HIS B 39 -7.89 13.44 2.72
CA HIS B 39 -7.21 14.00 1.57
C HIS B 39 -5.73 14.22 1.79
N PHE B 40 -5.29 14.34 3.05
CA PHE B 40 -3.94 14.81 3.37
C PHE B 40 -3.26 13.84 4.33
N SER B 41 -3.35 12.55 4.01
CA SER B 41 -2.74 11.52 4.83
C SER B 41 -2.50 10.32 3.94
N LEU B 42 -1.47 9.56 4.31
CA LEU B 42 -1.06 8.33 3.65
C LEU B 42 -1.12 7.21 4.66
N THR B 43 -1.62 6.05 4.25
CA THR B 43 -1.57 4.85 5.08
C THR B 43 -0.75 3.82 4.34
N LEU B 44 0.33 3.37 4.95
CA LEU B 44 1.23 2.40 4.34
C LEU B 44 1.15 1.09 5.09
N ASN B 45 0.86 0.01 4.36
CA ASN B 45 0.92 -1.32 4.96
C ASN B 45 2.19 -1.99 4.49
N THR B 46 3.13 -2.15 5.42
CA THR B 46 4.40 -2.77 5.09
C THR B 46 4.39 -4.27 5.13
N ASN B 47 3.26 -4.87 5.56
CA ASN B 47 3.12 -6.26 5.93
C ASN B 47 3.77 -6.62 7.25
N HIS B 48 4.50 -5.68 7.84
CA HIS B 48 5.12 -5.83 9.16
C HIS B 48 4.77 -4.64 10.03
N GLY B 49 3.58 -4.10 9.82
CA GLY B 49 3.04 -3.00 10.55
C GLY B 49 2.61 -1.93 9.58
N HIS B 50 1.74 -1.06 10.02
CA HIS B 50 1.28 0.07 9.23
C HIS B 50 1.97 1.36 9.68
N ILE B 51 2.05 2.30 8.74
CA ILE B 51 2.52 3.67 8.97
C ILE B 51 1.44 4.62 8.47
N LEU B 52 0.94 5.46 9.36
CA LEU B 52 0.04 6.55 9.01
C LEU B 52 0.91 7.81 9.01
N VAL B 53 1.05 8.46 7.84
CA VAL B 53 1.66 9.76 7.70
C VAL B 53 0.56 10.78 7.50
N ASP B 54 0.21 11.47 8.56
CA ASP B 54 -0.87 12.46 8.56
C ASP B 54 -0.25 13.83 8.45
N TYR B 55 -0.35 14.41 7.26
CA TYR B 55 0.15 15.75 7.02
C TYR B 55 -0.99 16.74 6.89
N SER B 56 -2.16 16.44 7.45
CA SER B 56 -3.30 17.34 7.26
C SER B 56 -3.26 18.59 8.14
N LYS B 57 -2.52 18.56 9.25
CA LYS B 57 -2.33 19.79 10.06
C LYS B 57 -1.22 20.69 9.55
N ASN B 58 -1.04 20.75 8.25
CA ASN B 58 -0.07 21.62 7.63
C ASN B 58 -0.80 22.76 6.95
N LEU B 59 -0.07 23.84 6.69
CA LEU B 59 -0.62 25.03 6.05
C LEU B 59 -0.65 24.87 4.53
N VAL B 60 -1.43 23.87 4.10
CA VAL B 60 -1.55 23.56 2.68
C VAL B 60 -3.02 23.34 2.32
N THR B 61 -3.27 23.51 1.03
CA THR B 61 -4.52 23.15 0.34
C THR B 61 -4.21 22.22 -0.82
N GLU B 62 -5.25 21.70 -1.48
CA GLU B 62 -5.02 20.84 -2.63
C GLU B 62 -4.17 21.54 -3.67
N ASP B 63 -4.40 22.85 -3.88
CA ASP B 63 -3.66 23.60 -4.88
C ASP B 63 -2.17 23.66 -4.54
N VAL B 64 -1.87 23.93 -3.27
CA VAL B 64 -0.46 24.01 -2.84
C VAL B 64 0.23 22.67 -3.06
N MET B 65 -0.44 21.58 -2.66
CA MET B 65 0.19 20.28 -2.81
C MET B 65 0.44 19.97 -4.28
N ARG B 66 -0.53 20.31 -5.15
CA ARG B 66 -0.31 20.10 -6.58
C ARG B 66 0.87 20.93 -7.11
N MET B 67 1.02 22.16 -6.64
CA MET B 67 2.17 22.99 -7.05
C MET B 67 3.51 22.47 -6.50
N LEU B 68 3.51 21.95 -5.26
CA LEU B 68 4.72 21.35 -4.72
C LEU B 68 5.12 20.11 -5.52
N VAL B 69 4.15 19.28 -5.89
CA VAL B 69 4.45 18.10 -6.70
C VAL B 69 4.97 18.51 -8.08
N ASP B 70 4.35 19.53 -8.68
CA ASP B 70 4.87 20.07 -9.94
C ASP B 70 6.31 20.57 -9.81
N LEU B 71 6.67 21.17 -8.64
CA LEU B 71 8.06 21.50 -8.34
C LEU B 71 8.98 20.28 -8.36
N ALA B 72 8.59 19.20 -7.67
CA ALA B 72 9.43 18.04 -7.67
C ALA B 72 9.63 17.53 -9.10
N LYS B 73 8.56 17.56 -9.91
CA LYS B 73 8.71 17.12 -11.29
C LYS B 73 9.67 18.02 -12.06
N SER B 74 9.47 19.34 -11.93
CA SER B 74 10.32 20.30 -12.60
C SER B 74 11.76 20.19 -12.18
N ARG B 75 12.01 19.97 -10.89
CA ARG B 75 13.38 19.83 -10.43
C ARG B 75 13.99 18.46 -10.71
N GLY B 76 13.29 17.53 -11.40
CA GLY B 76 13.89 16.25 -11.73
C GLY B 76 14.08 15.28 -10.58
N VAL B 77 13.16 15.27 -9.62
CA VAL B 77 13.34 14.36 -8.48
C VAL B 77 13.38 12.89 -8.95
N GLU B 78 12.46 12.49 -9.85
CA GLU B 78 12.44 11.08 -10.23
C GLU B 78 13.70 10.66 -10.98
N ALA B 79 14.17 11.47 -11.94
CA ALA B 79 15.39 11.08 -12.66
C ALA B 79 16.60 11.01 -11.70
N ALA B 80 16.69 11.93 -10.74
CA ALA B 80 17.77 11.88 -9.75
C ALA B 80 17.68 10.62 -8.88
N ARG B 81 16.48 10.26 -8.45
CA ARG B 81 16.29 9.00 -7.71
C ARG B 81 16.81 7.83 -8.50
N GLU B 82 16.50 7.78 -9.79
CA GLU B 82 16.91 6.62 -10.56
C GLU B 82 18.44 6.62 -10.72
N ARG B 83 19.04 7.82 -10.91
CA ARG B 83 20.50 7.91 -10.93
C ARG B 83 21.11 7.34 -9.66
N MET B 84 20.50 7.64 -8.52
CA MET B 84 21.01 7.07 -7.26
C MET B 84 20.90 5.56 -7.25
N PHE B 85 19.70 5.03 -7.53
CA PHE B 85 19.50 3.59 -7.39
C PHE B 85 20.28 2.83 -8.43
N ASN B 86 20.63 3.48 -9.52
CA ASN B 86 21.34 2.82 -10.60
C ASN B 86 22.84 2.87 -10.44
N GLY B 87 23.35 3.45 -9.36
CA GLY B 87 24.78 3.48 -9.20
C GLY B 87 25.53 4.60 -9.88
N GLU B 88 24.86 5.62 -10.43
CA GLU B 88 25.59 6.75 -11.05
C GLU B 88 26.29 7.58 -9.99
N LYS B 89 27.33 8.30 -10.43
CA LYS B 89 28.22 8.99 -9.49
C LYS B 89 27.59 10.32 -9.13
N ILE B 90 26.54 10.25 -8.34
CA ILE B 90 25.75 11.45 -8.14
C ILE B 90 26.36 12.35 -7.08
N ASN B 91 27.28 11.82 -6.30
CA ASN B 91 28.09 12.63 -5.39
C ASN B 91 29.16 13.28 -6.27
N TYR B 92 28.78 14.36 -6.90
CA TYR B 92 29.58 14.82 -8.02
C TYR B 92 30.86 15.56 -7.62
N THR B 93 30.92 16.19 -6.45
CA THR B 93 32.17 16.84 -6.06
C THR B 93 33.26 15.81 -5.77
N GLU B 94 32.91 14.66 -5.18
CA GLU B 94 33.87 13.60 -4.93
C GLU B 94 33.96 12.56 -6.06
N GLY B 95 33.02 12.55 -7.00
CA GLY B 95 33.06 11.56 -8.05
C GLY B 95 32.68 10.16 -7.60
N ARG B 96 31.66 10.04 -6.76
CA ARG B 96 31.36 8.77 -6.12
C ARG B 96 29.89 8.43 -6.31
N ALA B 97 29.58 7.13 -6.33
CA ALA B 97 28.20 6.72 -6.28
C ALA B 97 27.69 6.93 -4.85
N VAL B 98 26.38 6.79 -4.70
CA VAL B 98 25.67 6.98 -3.40
C VAL B 98 24.72 5.78 -3.28
N LEU B 99 25.14 4.76 -2.53
CA LEU B 99 24.51 3.46 -2.58
C LEU B 99 24.30 2.88 -1.18
N HIS B 100 23.85 3.70 -0.24
CA HIS B 100 23.33 3.10 1.00
C HIS B 100 22.15 2.17 0.68
N VAL B 101 21.44 2.44 -0.41
CA VAL B 101 20.33 1.53 -0.78
C VAL B 101 20.85 0.16 -1.16
N ALA B 102 22.07 0.05 -1.70
CA ALA B 102 22.60 -1.28 -1.99
C ALA B 102 22.84 -2.11 -0.73
N LEU B 103 23.21 -1.45 0.38
CA LEU B 103 23.55 -2.15 1.62
C LEU B 103 22.39 -2.96 2.16
N ARG B 104 21.17 -2.48 1.91
CA ARG B 104 19.96 -3.13 2.39
C ARG B 104 19.15 -3.72 1.24
N ASN B 105 19.76 -3.93 0.08
CA ASN B 105 19.07 -4.47 -1.12
C ASN B 105 18.77 -5.97 -0.94
N ARG B 106 17.73 -6.26 -0.18
CA ARG B 106 17.47 -7.66 0.21
C ARG B 106 17.08 -8.51 -0.99
N SER B 107 16.60 -7.89 -2.03
CA SER B 107 16.21 -8.63 -3.23
C SER B 107 17.41 -9.08 -4.04
N ASN B 108 18.56 -8.44 -3.84
CA ASN B 108 19.80 -8.76 -4.53
C ASN B 108 19.77 -8.54 -6.02
N THR B 109 18.77 -7.83 -6.52
CA THR B 109 18.85 -7.19 -7.82
C THR B 109 20.21 -6.55 -8.06
N PRO B 110 20.88 -6.83 -9.18
CA PRO B 110 22.20 -6.24 -9.40
C PRO B 110 22.14 -4.73 -9.39
N ILE B 111 23.13 -4.09 -8.74
CA ILE B 111 23.32 -2.66 -8.79
C ILE B 111 24.77 -2.45 -9.21
N LEU B 112 24.98 -1.74 -10.32
CA LEU B 112 26.28 -1.66 -10.97
C LEU B 112 26.98 -0.35 -10.67
N VAL B 113 28.25 -0.44 -10.33
CA VAL B 113 29.13 0.73 -10.27
C VAL B 113 30.29 0.46 -11.23
N ASP B 114 30.47 1.33 -12.21
CA ASP B 114 31.55 1.11 -13.18
C ASP B 114 31.36 -0.25 -13.85
N GLY B 115 30.09 -0.64 -14.02
CA GLY B 115 29.72 -1.86 -14.71
C GLY B 115 29.77 -3.12 -13.87
N LYS B 116 30.10 -3.03 -12.61
CA LYS B 116 30.28 -4.17 -11.71
C LYS B 116 29.21 -4.22 -10.61
N ASP B 117 28.51 -5.35 -10.51
CA ASP B 117 27.52 -5.52 -9.46
C ASP B 117 28.20 -5.41 -8.10
N VAL B 118 27.69 -4.51 -7.24
CA VAL B 118 28.22 -4.39 -5.90
C VAL B 118 27.63 -5.43 -4.95
N MET B 119 26.51 -6.10 -5.27
CA MET B 119 25.91 -6.91 -4.24
C MET B 119 26.74 -8.10 -3.77
N PRO B 120 27.55 -8.76 -4.60
CA PRO B 120 28.38 -9.82 -4.02
C PRO B 120 29.28 -9.31 -2.89
N GLU B 121 29.89 -8.12 -3.02
CA GLU B 121 30.75 -7.62 -1.93
C GLU B 121 29.92 -7.17 -0.74
N VAL B 122 28.76 -6.53 -0.96
CA VAL B 122 27.87 -6.22 0.15
C VAL B 122 27.55 -7.48 0.94
N ASN B 123 27.07 -8.52 0.23
CA ASN B 123 26.72 -9.76 0.88
C ASN B 123 27.90 -10.49 1.51
N LYS B 124 29.09 -10.39 0.92
CA LYS B 124 30.24 -11.04 1.53
C LYS B 124 30.55 -10.40 2.88
N VAL B 125 30.49 -9.07 2.96
CA VAL B 125 30.66 -8.43 4.27
C VAL B 125 29.52 -8.78 5.21
N LEU B 126 28.26 -8.81 4.74
CA LEU B 126 27.19 -9.22 5.67
C LEU B 126 27.38 -10.65 6.20
N ASP B 127 27.83 -11.59 5.34
CA ASP B 127 28.08 -12.96 5.82
C ASP B 127 29.16 -12.99 6.90
N LYS B 128 30.20 -12.17 6.75
CA LYS B 128 31.27 -12.12 7.74
C LYS B 128 30.78 -11.52 9.04
N MET B 129 29.90 -10.52 8.93
CA MET B 129 29.23 -9.92 10.08
C MET B 129 28.40 -10.95 10.82
N LYS B 130 27.63 -11.73 10.09
CA LYS B 130 26.78 -12.74 10.70
C LYS B 130 27.59 -13.78 11.45
N SER B 131 28.66 -14.26 10.85
CA SER B 131 29.50 -15.26 11.49
C SER B 131 30.11 -14.72 12.77
N PHE B 132 30.68 -13.51 12.69
CA PHE B 132 31.32 -12.90 13.86
C PHE B 132 30.32 -12.68 14.97
N CYS B 133 29.13 -12.20 14.62
CA CYS B 133 28.11 -11.98 15.61
C CYS B 133 27.70 -13.28 16.27
N GLN B 134 27.56 -14.36 15.50
CA GLN B 134 27.19 -15.60 16.18
C GLN B 134 28.30 -16.02 17.15
N ARG B 135 29.55 -15.96 16.72
CA ARG B 135 30.64 -16.39 17.60
C ARG B 135 30.67 -15.56 18.87
N VAL B 136 30.56 -14.24 18.74
CA VAL B 136 30.72 -13.41 19.95
C VAL B 136 29.52 -13.62 20.85
N ARG B 137 28.33 -13.65 20.27
CA ARG B 137 27.13 -13.71 21.09
C ARG B 137 26.97 -15.06 21.79
N SER B 138 27.41 -16.15 21.17
CA SER B 138 27.25 -17.51 21.73
C SER B 138 28.25 -17.82 22.83
N GLY B 139 29.40 -17.15 22.82
CA GLY B 139 30.52 -17.45 23.70
C GLY B 139 31.63 -18.19 23.01
N ASP B 140 31.47 -18.50 21.71
CA ASP B 140 32.55 -19.14 20.98
C ASP B 140 33.79 -18.25 20.99
N TRP B 141 33.58 -16.94 20.90
CA TRP B 141 34.71 -16.00 20.81
C TRP B 141 35.20 -15.73 22.22
N LYS B 142 36.49 -16.00 22.45
CA LYS B 142 37.09 -15.91 23.78
C LYS B 142 38.14 -14.81 23.87
N GLY B 143 38.16 -14.18 25.03
CA GLY B 143 39.21 -13.26 25.41
C GLY B 143 40.57 -13.95 25.59
N TYR B 144 41.59 -13.13 25.85
CA TYR B 144 42.98 -13.63 25.85
C TYR B 144 43.26 -14.58 27.03
N THR B 145 42.39 -14.61 28.03
CA THR B 145 42.47 -15.53 29.14
C THR B 145 41.35 -16.56 29.12
N GLY B 146 40.60 -16.66 28.01
CA GLY B 146 39.61 -17.72 27.85
C GLY B 146 38.19 -17.36 28.25
N LYS B 147 37.91 -16.11 28.61
CA LYS B 147 36.57 -15.74 29.02
C LYS B 147 35.72 -15.25 27.83
N THR B 148 34.42 -15.25 28.06
CA THR B 148 33.50 -14.86 26.99
C THR B 148 33.31 -13.35 27.04
N ILE B 149 32.87 -12.79 25.92
CA ILE B 149 32.72 -11.34 25.77
C ILE B 149 31.40 -10.87 26.36
N THR B 150 31.47 -9.92 27.30
CA THR B 150 30.28 -9.38 27.96
C THR B 150 30.00 -7.93 27.59
N ASP B 151 30.97 -7.23 26.99
CA ASP B 151 30.87 -5.79 26.73
C ASP B 151 31.50 -5.55 25.38
N VAL B 152 30.78 -4.79 24.55
CA VAL B 152 31.21 -4.39 23.20
C VAL B 152 31.30 -2.88 23.24
N ILE B 153 32.47 -2.34 22.83
CA ILE B 153 32.70 -0.89 22.86
C ILE B 153 32.98 -0.41 21.45
N ASN B 154 32.06 0.41 20.91
CA ASN B 154 32.23 0.99 19.61
C ASN B 154 32.96 2.31 19.78
N ILE B 155 34.08 2.48 19.07
CA ILE B 155 34.87 3.72 19.14
C ILE B 155 34.81 4.29 17.74
N GLY B 156 34.16 5.44 17.62
CA GLY B 156 34.12 6.14 16.35
C GLY B 156 33.46 7.50 16.51
N ILE B 157 33.57 8.31 15.45
CA ILE B 157 32.99 9.64 15.47
C ILE B 157 31.95 9.77 14.39
N GLY B 158 31.04 10.74 14.60
CA GLY B 158 30.07 11.11 13.57
C GLY B 158 29.22 9.93 13.18
N GLY B 159 29.23 9.64 11.88
CA GLY B 159 28.41 8.54 11.40
C GLY B 159 28.89 7.19 11.87
N SER B 160 30.15 7.08 12.28
CA SER B 160 30.55 5.80 12.86
C SER B 160 30.02 5.61 14.27
N ASP B 161 29.28 6.60 14.80
CA ASP B 161 28.81 6.56 16.18
C ASP B 161 27.32 6.76 16.31
N LEU B 162 26.78 7.80 15.66
CA LEU B 162 25.42 8.27 16.02
C LEU B 162 24.35 7.25 15.60
N GLY B 163 24.55 6.61 14.46
CA GLY B 163 23.64 5.64 13.91
C GLY B 163 23.55 4.43 14.82
N PRO B 164 24.69 3.77 15.03
CA PRO B 164 24.67 2.58 15.90
C PRO B 164 24.18 2.86 17.29
N LEU B 165 24.54 3.99 17.85
CA LEU B 165 24.00 4.34 19.16
C LEU B 165 22.48 4.57 19.11
N MET B 166 22.00 5.32 18.11
CA MET B 166 20.58 5.61 18.09
C MET B 166 19.78 4.30 17.95
N VAL B 167 20.28 3.38 17.12
CA VAL B 167 19.53 2.15 16.86
C VAL B 167 19.58 1.23 18.06
N THR B 168 20.75 1.07 18.69
CA THR B 168 20.78 0.16 19.81
C THR B 168 19.95 0.71 20.95
N GLU B 169 19.94 2.04 21.14
CA GLU B 169 19.02 2.61 22.12
C GLU B 169 17.57 2.29 21.78
N ALA B 170 17.21 2.44 20.52
CA ALA B 170 15.82 2.30 20.11
C ALA B 170 15.32 0.85 20.16
N LEU B 171 16.22 -0.13 19.99
CA LEU B 171 15.88 -1.56 19.92
C LEU B 171 16.34 -2.29 21.19
N LYS B 172 16.56 -1.55 22.28
CA LYS B 172 16.98 -2.17 23.55
C LYS B 172 16.13 -3.38 23.95
N PRO B 173 14.81 -3.44 23.73
CA PRO B 173 14.08 -4.68 24.04
C PRO B 173 14.53 -5.90 23.27
N TYR B 174 15.29 -5.75 22.17
CA TYR B 174 15.65 -6.86 21.30
C TYR B 174 17.03 -7.43 21.58
N SER B 175 17.64 -7.04 22.70
CA SER B 175 19.03 -7.35 22.98
C SER B 175 19.19 -8.41 24.07
N SER B 176 18.15 -9.20 24.36
CA SER B 176 18.35 -10.28 25.32
C SER B 176 19.31 -11.26 24.70
N GLY B 177 20.30 -11.69 25.48
CA GLY B 177 21.32 -12.54 24.91
C GLY B 177 22.45 -11.84 24.21
N GLY B 178 22.44 -10.51 24.14
CA GLY B 178 23.53 -9.80 23.56
C GLY B 178 24.42 -9.20 24.63
N PRO B 179 25.67 -8.93 24.27
CA PRO B 179 26.55 -8.21 25.19
C PRO B 179 26.07 -6.79 25.36
N ARG B 180 26.48 -6.16 26.47
CA ARG B 180 26.23 -4.75 26.67
C ARG B 180 26.99 -3.98 25.59
N VAL B 181 26.45 -2.84 25.12
CA VAL B 181 27.17 -2.04 24.13
C VAL B 181 27.43 -0.65 24.71
N TRP B 182 28.63 -0.14 24.42
CA TRP B 182 29.06 1.19 24.79
C TRP B 182 29.54 1.92 23.55
N TYR B 183 29.33 3.24 23.58
CA TYR B 183 29.77 4.12 22.50
C TYR B 183 30.71 5.18 23.05
N VAL B 184 31.90 5.24 22.47
CA VAL B 184 32.89 6.26 22.81
C VAL B 184 33.17 7.06 21.55
N SER B 185 33.00 8.37 21.64
CA SER B 185 33.04 9.19 20.44
C SER B 185 33.83 10.49 20.70
N ASN B 186 33.60 11.10 21.85
CA ASN B 186 34.25 12.39 22.11
C ASN B 186 35.75 12.17 22.29
N ILE B 187 36.55 13.12 21.79
CA ILE B 187 37.96 13.11 22.11
C ILE B 187 38.16 13.45 23.58
N ASP B 188 37.26 14.24 24.16
CA ASP B 188 37.33 14.54 25.58
C ASP B 188 37.61 13.26 26.34
N GLY B 189 38.76 13.22 27.01
CA GLY B 189 39.19 12.05 27.74
C GLY B 189 38.19 11.52 28.75
N THR B 190 37.30 12.38 29.24
CA THR B 190 36.21 11.91 30.08
C THR B 190 35.48 10.72 29.46
N HIS B 191 35.26 10.76 28.17
CA HIS B 191 34.41 9.74 27.56
C HIS B 191 35.03 8.36 27.67
N ILE B 192 36.26 8.18 27.16
CA ILE B 192 36.87 6.87 27.22
C ILE B 192 37.21 6.55 28.67
N ALA B 193 37.67 7.53 29.47
CA ALA B 193 38.05 7.17 30.84
C ALA B 193 36.89 6.59 31.64
N LYS B 194 35.74 7.26 31.62
CA LYS B 194 34.65 6.78 32.47
C LYS B 194 34.04 5.50 31.93
N THR B 195 34.24 5.19 30.64
CA THR B 195 33.80 3.92 30.11
C THR B 195 34.74 2.81 30.55
N LEU B 196 36.05 3.03 30.41
CA LEU B 196 37.00 1.99 30.74
C LEU B 196 36.91 1.62 32.22
N ALA B 197 36.53 2.59 33.06
CA ALA B 197 36.50 2.39 34.50
C ALA B 197 35.43 1.41 34.90
N GLN B 198 34.50 1.11 34.00
CA GLN B 198 33.43 0.14 34.21
C GLN B 198 33.68 -1.19 33.53
N LEU B 199 34.84 -1.40 32.94
CA LEU B 199 35.06 -2.59 32.12
C LEU B 199 36.20 -3.47 32.62
N ASN B 200 36.19 -4.71 32.13
CA ASN B 200 37.19 -5.74 32.40
C ASN B 200 37.96 -6.04 31.12
N PRO B 201 39.28 -5.88 31.05
CA PRO B 201 39.95 -6.12 29.77
C PRO B 201 39.75 -7.53 29.24
N GLU B 202 39.54 -8.49 30.14
CA GLU B 202 39.47 -9.89 29.75
C GLU B 202 38.18 -10.22 29.04
N SER B 203 37.14 -9.40 29.21
CA SER B 203 35.84 -9.73 28.62
C SER B 203 35.28 -8.59 27.76
N SER B 204 36.14 -7.69 27.27
CA SER B 204 35.71 -6.51 26.56
C SER B 204 36.23 -6.61 25.14
N LEU B 205 35.36 -6.30 24.17
CA LEU B 205 35.69 -6.31 22.75
C LEU B 205 35.47 -4.91 22.18
N PHE B 206 36.51 -4.34 21.58
CA PHE B 206 36.48 -3.00 21.01
C PHE B 206 36.31 -3.07 19.51
N ILE B 207 35.41 -2.27 18.99
CA ILE B 207 35.19 -2.12 17.55
C ILE B 207 35.72 -0.74 17.15
N ILE B 208 36.75 -0.69 16.36
CA ILE B 208 37.36 0.59 15.96
C ILE B 208 36.80 0.92 14.58
N ALA B 209 35.95 1.93 14.50
CA ALA B 209 35.19 2.24 13.27
C ALA B 209 35.82 3.45 12.56
N SER B 210 36.55 3.20 11.48
CA SER B 210 37.16 4.30 10.71
C SER B 210 37.60 3.80 9.34
N LYS B 211 37.05 4.37 8.28
CA LYS B 211 37.38 3.92 6.90
C LYS B 211 38.88 4.02 6.62
N THR B 212 39.51 5.16 6.99
CA THR B 212 40.91 5.40 6.72
C THR B 212 41.81 4.76 7.77
N PHE B 213 41.26 4.47 8.94
CA PHE B 213 41.98 4.08 10.13
C PHE B 213 43.06 5.10 10.52
N THR B 214 42.83 6.36 10.17
CA THR B 214 43.73 7.44 10.60
C THR B 214 42.98 8.61 11.22
N THR B 215 41.66 8.52 11.31
CA THR B 215 40.82 9.55 11.91
C THR B 215 41.37 9.93 13.30
N GLN B 216 41.79 11.19 13.51
CA GLN B 216 42.54 11.51 14.73
C GLN B 216 41.80 11.09 16.01
N GLU B 217 40.56 11.52 16.18
CA GLU B 217 39.91 11.29 17.46
C GLU B 217 39.63 9.81 17.70
N THR B 218 39.19 9.10 16.68
CA THR B 218 38.92 7.69 16.83
C THR B 218 40.18 6.92 17.12
N ILE B 219 41.25 7.22 16.39
CA ILE B 219 42.47 6.44 16.62
C ILE B 219 43.10 6.81 17.97
N THR B 220 42.99 8.07 18.42
CA THR B 220 43.50 8.41 19.77
C THR B 220 42.74 7.63 20.83
N ASN B 221 41.40 7.62 20.75
CA ASN B 221 40.61 6.82 21.71
C ASN B 221 40.95 5.34 21.63
N ALA B 222 41.11 4.82 20.41
CA ALA B 222 41.47 3.43 20.22
C ALA B 222 42.82 3.13 20.86
N GLU B 223 43.79 4.03 20.69
CA GLU B 223 45.12 3.86 21.29
C GLU B 223 45.03 3.88 22.81
N THR B 224 44.19 4.76 23.39
CA THR B 224 44.03 4.78 24.85
C THR B 224 43.45 3.48 25.34
N ALA B 225 42.44 2.96 24.64
CA ALA B 225 41.87 1.67 24.98
C ALA B 225 42.90 0.56 24.87
N LYS B 226 43.69 0.54 23.79
CA LYS B 226 44.71 -0.49 23.66
C LYS B 226 45.75 -0.41 24.80
N GLU B 227 46.19 0.80 25.16
CA GLU B 227 47.11 0.97 26.29
C GLU B 227 46.52 0.39 27.58
N TRP B 228 45.26 0.69 27.84
CA TRP B 228 44.58 0.17 29.01
C TRP B 228 44.47 -1.35 28.95
N PHE B 229 44.12 -1.86 27.77
CA PHE B 229 44.04 -3.30 27.62
C PHE B 229 45.37 -3.97 27.89
N LEU B 230 46.45 -3.47 27.27
CA LEU B 230 47.75 -4.10 27.41
C LEU B 230 48.33 -3.93 28.80
N GLN B 231 47.80 -2.99 29.59
CA GLN B 231 48.31 -2.87 30.96
C GLN B 231 47.88 -4.11 31.76
N ALA B 232 46.76 -4.72 31.36
CA ALA B 232 46.35 -5.99 31.98
C ALA B 232 46.97 -7.19 31.25
N ALA B 233 46.94 -7.23 29.92
CA ALA B 233 47.33 -8.44 29.20
C ALA B 233 48.82 -8.50 28.87
N LYS B 234 49.49 -7.37 28.77
CA LYS B 234 50.93 -7.29 28.52
C LYS B 234 51.34 -7.89 27.17
N ASP B 235 50.56 -8.83 26.64
CA ASP B 235 50.92 -9.56 25.42
C ASP B 235 50.35 -8.87 24.19
N PRO B 236 51.17 -8.25 23.34
CA PRO B 236 50.63 -7.52 22.19
C PRO B 236 49.85 -8.40 21.25
N SER B 237 50.03 -9.73 21.35
CA SER B 237 49.27 -10.64 20.52
C SER B 237 47.84 -10.80 21.02
N ALA B 238 47.57 -10.52 22.29
CA ALA B 238 46.20 -10.58 22.78
C ALA B 238 45.31 -9.52 22.16
N VAL B 239 45.89 -8.49 21.53
CA VAL B 239 45.09 -7.41 20.97
C VAL B 239 44.17 -7.96 19.91
N ALA B 240 44.65 -8.90 19.10
CA ALA B 240 43.83 -9.42 18.02
C ALA B 240 42.62 -10.16 18.53
N LYS B 241 42.54 -10.49 19.83
CA LYS B 241 41.34 -11.09 20.39
C LYS B 241 40.33 -10.09 20.94
N HIS B 242 40.68 -8.81 21.04
CA HIS B 242 39.85 -7.84 21.72
C HIS B 242 39.59 -6.59 20.92
N PHE B 243 40.18 -6.47 19.73
CA PHE B 243 40.01 -5.34 18.84
C PHE B 243 39.72 -5.80 17.40
N VAL B 244 38.62 -5.30 16.85
CA VAL B 244 38.27 -5.49 15.45
C VAL B 244 38.09 -4.13 14.79
N ALA B 245 38.12 -4.12 13.47
CA ALA B 245 38.11 -2.86 12.76
C ALA B 245 37.02 -2.85 11.69
N LEU B 246 36.40 -1.68 11.53
CA LEU B 246 35.44 -1.40 10.44
C LEU B 246 36.20 -0.41 9.57
N SER B 247 36.79 -0.89 8.46
CA SER B 247 37.83 -0.13 7.77
C SER B 247 38.15 -0.80 6.44
N THR B 248 38.85 -0.06 5.56
CA THR B 248 39.50 -0.69 4.41
C THR B 248 41.03 -0.59 4.43
N ASN B 249 41.64 -0.04 5.49
CA ASN B 249 43.08 0.25 5.47
C ASN B 249 43.83 -0.91 6.12
N THR B 250 44.04 -1.96 5.33
CA THR B 250 44.58 -3.20 5.84
C THR B 250 45.90 -2.98 6.56
N THR B 251 46.76 -2.16 5.98
CA THR B 251 48.10 -1.96 6.52
C THR B 251 48.01 -1.34 7.91
N LYS B 252 47.23 -0.27 8.05
CA LYS B 252 47.13 0.40 9.36
C LYS B 252 46.41 -0.50 10.36
N VAL B 253 45.42 -1.26 9.92
CA VAL B 253 44.74 -2.15 10.85
C VAL B 253 45.71 -3.18 11.38
N LYS B 254 46.52 -3.77 10.49
CA LYS B 254 47.50 -4.76 10.93
C LYS B 254 48.53 -4.11 11.86
N GLU B 255 49.01 -2.92 11.49
CA GLU B 255 50.02 -2.24 12.31
C GLU B 255 49.50 -1.92 13.70
N PHE B 256 48.18 -1.73 13.86
CA PHE B 256 47.58 -1.49 15.18
C PHE B 256 47.54 -2.76 16.02
N GLY B 257 47.63 -3.92 15.39
CA GLY B 257 47.57 -5.20 16.10
C GLY B 257 46.30 -5.98 15.88
N ILE B 258 45.42 -5.52 15.00
CA ILE B 258 44.18 -6.23 14.71
C ILE B 258 44.49 -7.28 13.66
N ASP B 259 43.88 -8.43 13.78
CA ASP B 259 44.01 -9.44 12.72
C ASP B 259 43.20 -9.01 11.51
N PRO B 260 43.81 -8.79 10.35
CA PRO B 260 43.05 -8.25 9.21
C PRO B 260 41.93 -9.15 8.76
N GLN B 261 41.89 -10.43 9.14
CA GLN B 261 40.67 -11.16 8.80
C GLN B 261 39.49 -10.63 9.61
N ASN B 262 39.71 -9.70 10.53
CA ASN B 262 38.63 -9.09 11.29
C ASN B 262 38.51 -7.61 10.96
N MET B 263 38.82 -7.29 9.71
CA MET B 263 38.54 -5.99 9.11
C MET B 263 37.25 -6.13 8.31
N PHE B 264 36.20 -5.46 8.76
CA PHE B 264 34.91 -5.48 8.07
C PHE B 264 34.84 -4.28 7.15
N GLU B 265 34.75 -4.53 5.86
CA GLU B 265 34.90 -3.48 4.88
C GLU B 265 33.60 -2.77 4.51
N PHE B 266 33.77 -1.56 3.97
CA PHE B 266 32.70 -0.84 3.28
C PHE B 266 33.37 0.03 2.23
N TRP B 267 32.58 0.82 1.52
CA TRP B 267 32.98 1.32 0.23
C TRP B 267 32.83 2.83 0.22
N ASP B 268 33.42 3.45 -0.81
CA ASP B 268 33.38 4.90 -0.85
C ASP B 268 32.01 5.44 -1.22
N TRP B 269 31.10 4.59 -1.72
CA TRP B 269 29.74 5.02 -1.98
C TRP B 269 28.84 4.86 -0.75
N VAL B 270 29.40 4.48 0.42
CA VAL B 270 28.72 4.52 1.71
C VAL B 270 29.14 5.78 2.45
N GLY B 271 28.27 6.75 2.55
CA GLY B 271 28.60 7.92 3.31
C GLY B 271 28.47 7.64 4.79
N GLY B 272 29.29 8.36 5.59
CA GLY B 272 29.29 8.07 7.00
C GLY B 272 27.92 8.25 7.65
N ARG B 273 27.22 9.30 7.29
CA ARG B 273 25.94 9.54 7.90
C ARG B 273 24.83 8.68 7.29
N TYR B 274 25.20 7.80 6.36
CA TYR B 274 24.31 6.79 5.78
C TYR B 274 24.88 5.39 5.95
N SER B 275 25.68 5.15 6.98
CA SER B 275 26.52 3.97 7.02
C SER B 275 26.07 2.91 8.03
N LEU B 276 25.04 3.16 8.82
CA LEU B 276 24.67 2.16 9.83
C LEU B 276 24.21 0.86 9.22
N TRP B 277 23.84 0.86 7.94
CA TRP B 277 23.38 -0.32 7.23
C TRP B 277 24.53 -1.21 6.81
N SER B 278 25.78 -0.69 6.87
CA SER B 278 26.99 -1.32 6.40
C SER B 278 27.65 -2.05 7.59
N ALA B 279 28.87 -2.53 7.39
CA ALA B 279 29.71 -2.96 8.50
C ALA B 279 29.74 -2.01 9.70
N ILE B 280 29.56 -0.70 9.47
CA ILE B 280 29.55 0.26 10.59
C ILE B 280 28.46 -0.14 11.57
N GLY B 281 27.47 -0.92 11.11
CA GLY B 281 26.44 -1.38 11.99
C GLY B 281 26.75 -2.62 12.80
N LEU B 282 28.02 -3.10 12.79
CA LEU B 282 28.37 -4.32 13.51
C LEU B 282 27.89 -4.26 14.95
N SER B 283 28.07 -3.13 15.67
CA SER B 283 27.65 -3.13 17.06
C SER B 283 26.14 -3.33 17.23
N ILE B 284 25.34 -2.91 16.25
CA ILE B 284 23.89 -3.16 16.28
C ILE B 284 23.62 -4.66 16.25
N ALA B 285 24.25 -5.34 15.29
CA ALA B 285 24.06 -6.78 15.09
C ALA B 285 24.66 -7.59 16.22
N LEU B 286 25.73 -7.09 16.87
CA LEU B 286 26.18 -7.79 18.06
C LEU B 286 25.16 -7.67 19.19
N HIS B 287 24.47 -6.52 19.29
CA HIS B 287 23.65 -6.27 20.47
C HIS B 287 22.27 -6.90 20.37
N VAL B 288 21.60 -6.73 19.23
CA VAL B 288 20.27 -7.30 19.04
C VAL B 288 20.29 -8.57 18.20
N GLY B 289 21.44 -8.97 17.68
CA GLY B 289 21.45 -10.20 16.89
C GLY B 289 21.36 -9.92 15.41
N PHE B 290 21.99 -10.77 14.62
CA PHE B 290 22.06 -10.52 13.19
C PHE B 290 20.71 -10.63 12.51
N ASP B 291 19.82 -11.50 13.01
CA ASP B 291 18.50 -11.60 12.41
C ASP B 291 17.73 -10.29 12.59
N ASN B 292 17.81 -9.69 13.79
CA ASN B 292 17.20 -8.37 14.00
C ASN B 292 17.87 -7.29 13.15
N PHE B 293 19.19 -7.38 12.93
CA PHE B 293 19.82 -6.46 11.98
C PHE B 293 19.28 -6.66 10.56
N GLU B 294 19.06 -7.92 10.17
CA GLU B 294 18.51 -8.15 8.84
C GLU B 294 17.10 -7.57 8.70
N GLN B 295 16.30 -7.66 9.75
CA GLN B 295 14.98 -7.04 9.77
C GLN B 295 15.08 -5.52 9.61
N LEU B 296 16.02 -4.92 10.33
CA LEU B 296 16.28 -3.49 10.17
C LEU B 296 16.55 -3.15 8.71
N LEU B 297 17.48 -3.89 8.08
CA LEU B 297 17.75 -3.69 6.67
C LEU B 297 16.49 -3.87 5.83
N SER B 298 15.70 -4.88 6.14
CA SER B 298 14.54 -5.18 5.31
C SER B 298 13.53 -4.05 5.39
N GLY B 299 13.40 -3.42 6.56
CA GLY B 299 12.49 -2.30 6.68
C GLY B 299 12.93 -1.12 5.83
N ALA B 300 14.23 -0.83 5.83
CA ALA B 300 14.71 0.22 4.94
C ALA B 300 14.45 -0.16 3.49
N HIS B 301 14.66 -1.43 3.16
CA HIS B 301 14.44 -1.92 1.80
C HIS B 301 13.01 -1.69 1.36
N TRP B 302 12.06 -1.94 2.28
CA TRP B 302 10.65 -1.71 1.99
C TRP B 302 10.42 -0.25 1.62
N MET B 303 11.02 0.65 2.41
CA MET B 303 10.77 2.06 2.15
C MET B 303 11.46 2.52 0.89
N ASP B 304 12.61 1.94 0.58
CA ASP B 304 13.30 2.25 -0.67
C ASP B 304 12.38 1.96 -1.84
N GLN B 305 11.65 0.86 -1.74
CA GLN B 305 10.77 0.43 -2.84
C GLN B 305 9.55 1.34 -2.92
N HIS B 306 9.02 1.76 -1.77
CA HIS B 306 7.94 2.74 -1.75
C HIS B 306 8.40 4.01 -2.44
N PHE B 307 9.58 4.50 -2.07
CA PHE B 307 10.11 5.71 -2.67
C PHE B 307 10.28 5.53 -4.17
N ARG B 308 10.75 4.37 -4.61
CA ARG B 308 10.99 4.13 -6.05
C ARG B 308 9.72 4.00 -6.92
N THR B 309 8.64 3.41 -6.40
CA THR B 309 7.48 2.99 -7.21
C THR B 309 6.22 3.84 -7.02
N THR B 310 6.17 4.71 -6.04
CA THR B 310 4.97 5.43 -5.69
C THR B 310 4.92 6.77 -6.41
N PRO B 311 3.76 7.07 -7.03
CA PRO B 311 3.61 8.38 -7.66
C PRO B 311 3.95 9.47 -6.65
N LEU B 312 4.57 10.53 -7.16
CA LEU B 312 5.08 11.59 -6.29
C LEU B 312 4.03 12.11 -5.33
N GLU B 313 2.81 12.30 -5.83
CA GLU B 313 1.72 12.85 -5.07
C GLU B 313 1.28 12.01 -3.89
N LYS B 314 1.70 10.74 -3.78
CA LYS B 314 1.37 9.88 -2.66
C LYS B 314 2.60 9.25 -2.04
N ASN B 315 3.79 9.84 -2.29
CA ASN B 315 5.10 9.25 -1.97
C ASN B 315 5.58 9.88 -0.64
N ALA B 316 5.61 9.07 0.42
CA ALA B 316 5.85 9.66 1.76
C ALA B 316 7.11 10.50 1.87
N PRO B 317 8.30 10.01 1.53
CA PRO B 317 9.48 10.91 1.69
C PRO B 317 9.38 12.19 0.80
N VAL B 318 8.77 12.07 -0.38
CA VAL B 318 8.64 13.21 -1.26
C VAL B 318 7.74 14.29 -0.64
N LEU B 319 6.60 13.88 -0.13
CA LEU B 319 5.67 14.84 0.49
C LEU B 319 6.32 15.48 1.72
N LEU B 320 6.92 14.67 2.62
CA LEU B 320 7.61 15.27 3.75
C LEU B 320 8.65 16.28 3.28
N ALA B 321 9.40 15.93 2.24
CA ALA B 321 10.40 16.86 1.67
C ALA B 321 9.77 18.15 1.19
N LEU B 322 8.66 18.03 0.46
CA LEU B 322 8.04 19.20 -0.14
C LEU B 322 7.38 20.08 0.89
N LEU B 323 6.75 19.50 1.93
CA LEU B 323 6.24 20.31 3.02
C LEU B 323 7.37 21.12 3.64
N GLY B 324 8.55 20.52 3.73
CA GLY B 324 9.68 21.24 4.31
C GLY B 324 10.17 22.36 3.43
N ILE B 325 10.15 22.15 2.12
CA ILE B 325 10.52 23.21 1.17
C ILE B 325 9.57 24.39 1.32
N TRP B 326 8.28 24.10 1.45
CA TRP B 326 7.25 25.12 1.62
C TRP B 326 7.53 25.98 2.84
N TYR B 327 7.79 25.33 3.98
CA TYR B 327 8.07 26.11 5.21
C TYR B 327 9.43 26.82 5.14
N ILE B 328 10.43 26.20 4.52
CA ILE B 328 11.78 26.80 4.47
C ILE B 328 11.85 27.95 3.47
N ASN B 329 11.46 27.67 2.23
CA ASN B 329 11.74 28.56 1.12
C ASN B 329 10.62 29.55 0.88
N CYS B 330 9.46 29.32 1.44
CA CYS B 330 8.38 30.30 1.38
C CYS B 330 8.06 30.91 2.73
N PHE B 331 7.81 30.13 3.78
CA PHE B 331 7.59 30.77 5.10
C PHE B 331 8.88 31.22 5.81
N GLY B 332 10.06 30.76 5.41
CA GLY B 332 11.32 31.19 6.01
C GLY B 332 11.66 30.59 7.36
N CYS B 333 11.06 29.46 7.72
CA CYS B 333 11.36 28.77 8.96
C CYS B 333 12.79 28.23 8.96
N GLU B 334 13.55 28.60 10.00
CA GLU B 334 14.91 28.12 10.06
C GLU B 334 15.03 26.69 10.59
N THR B 335 14.05 26.21 11.36
CA THR B 335 14.24 24.96 12.07
C THR B 335 13.13 23.97 11.76
N HIS B 336 13.42 22.72 12.12
CA HIS B 336 12.51 21.58 12.05
C HIS B 336 12.67 20.74 13.32
N ALA B 337 11.59 20.58 14.06
CA ALA B 337 11.61 19.79 15.29
C ALA B 337 11.13 18.38 15.07
N MET B 338 11.88 17.44 15.61
CA MET B 338 11.54 16.03 15.56
C MET B 338 11.28 15.58 16.99
N LEU B 339 10.04 15.13 17.23
CA LEU B 339 9.47 14.94 18.56
C LEU B 339 8.86 13.55 18.69
N PRO B 340 9.70 12.54 18.93
CA PRO B 340 9.17 11.16 19.06
C PRO B 340 8.68 10.95 20.48
N TYR B 341 7.44 10.46 20.59
CA TYR B 341 6.82 10.17 21.88
C TYR B 341 7.18 8.75 22.27
N ASP B 342 8.47 8.60 22.55
CA ASP B 342 9.05 7.28 22.71
C ASP B 342 10.41 7.45 23.29
N GLN B 343 10.59 6.96 24.53
CA GLN B 343 11.87 7.12 25.22
C GLN B 343 13.00 6.35 24.56
N TYR B 344 12.68 5.21 23.95
CA TYR B 344 13.70 4.43 23.25
C TYR B 344 14.29 5.23 22.09
N LEU B 345 13.50 6.11 21.50
CA LEU B 345 13.94 6.99 20.43
C LEU B 345 14.56 8.29 20.93
N HIS B 346 15.06 8.30 22.18
CA HIS B 346 15.58 9.56 22.70
C HIS B 346 16.77 10.10 21.91
N ARG B 347 17.41 9.28 21.07
CA ARG B 347 18.51 9.82 20.28
C ARG B 347 18.18 9.94 18.80
N PHE B 348 16.90 9.87 18.44
CA PHE B 348 16.50 9.92 17.03
C PHE B 348 16.63 11.31 16.47
N ALA B 349 16.20 12.35 17.23
CA ALA B 349 16.42 13.68 16.69
C ALA B 349 17.90 13.98 16.51
N ALA B 350 18.75 13.58 17.47
CA ALA B 350 20.20 13.81 17.35
C ALA B 350 20.82 13.13 16.14
N TYR B 351 20.31 11.95 15.79
CA TYR B 351 20.77 11.27 14.61
C TYR B 351 20.49 12.11 13.36
N PHE B 352 19.28 12.66 13.26
CA PHE B 352 18.98 13.40 12.06
C PHE B 352 19.55 14.82 12.06
N GLN B 353 20.01 15.34 13.21
CA GLN B 353 20.89 16.50 13.16
C GLN B 353 22.02 16.27 12.21
N GLN B 354 22.70 15.12 12.32
CA GLN B 354 23.75 14.85 11.38
C GLN B 354 23.18 14.54 10.03
N GLY B 355 22.26 13.59 10.00
CA GLY B 355 21.77 13.14 8.70
C GLY B 355 21.24 14.26 7.81
N ASP B 356 20.40 15.11 8.37
CA ASP B 356 19.88 16.27 7.66
C ASP B 356 20.90 17.42 7.55
N MET B 357 21.46 17.90 8.68
CA MET B 357 22.23 19.15 8.61
C MET B 357 23.59 18.98 7.94
N GLU B 358 24.25 17.84 8.10
CA GLU B 358 25.51 17.65 7.40
C GLU B 358 25.24 17.38 5.92
N SER B 359 24.09 16.78 5.58
CA SER B 359 23.74 16.60 4.16
C SER B 359 23.42 17.92 3.46
N ASN B 360 22.52 18.72 4.03
CA ASN B 360 21.89 19.79 3.27
C ASN B 360 22.26 21.19 3.79
N GLY B 361 23.18 21.27 4.75
CA GLY B 361 23.74 22.55 5.17
C GLY B 361 24.83 22.94 4.21
N LYS B 362 24.39 23.40 3.04
CA LYS B 362 25.23 23.61 1.87
C LYS B 362 24.83 24.91 1.21
N TYR B 363 25.74 25.47 0.41
CA TYR B 363 25.45 26.76 -0.20
C TYR B 363 25.97 26.86 -1.64
N ILE B 364 26.67 25.85 -2.14
CA ILE B 364 27.16 25.82 -3.52
C ILE B 364 26.39 24.77 -4.31
N THR B 365 25.83 25.15 -5.46
CA THR B 365 25.07 24.22 -6.29
C THR B 365 25.94 23.41 -7.26
N LYS B 366 25.25 22.46 -7.92
CA LYS B 366 25.94 21.55 -8.83
C LYS B 366 26.70 22.30 -9.91
N SER B 367 26.18 23.45 -10.34
CA SER B 367 26.90 24.25 -11.34
C SER B 367 28.02 25.09 -10.75
N GLY B 368 28.34 24.91 -9.46
CA GLY B 368 29.33 25.76 -8.82
C GLY B 368 28.84 27.14 -8.45
N THR B 369 27.60 27.46 -8.74
CA THR B 369 26.98 28.73 -8.41
C THR B 369 26.53 28.76 -6.95
N ARG B 370 26.58 29.95 -6.35
CA ARG B 370 26.09 30.13 -4.99
C ARG B 370 24.57 30.12 -4.91
N VAL B 371 24.01 29.45 -3.89
CA VAL B 371 22.56 29.53 -3.75
C VAL B 371 22.18 30.96 -3.40
N ASP B 372 20.97 31.35 -3.82
CA ASP B 372 20.34 32.60 -3.42
C ASP B 372 19.01 32.35 -2.71
N HIS B 373 18.98 31.24 -1.94
CA HIS B 373 17.81 30.80 -1.20
C HIS B 373 18.33 29.99 -0.02
N GLN B 374 17.45 29.75 0.92
CA GLN B 374 17.75 28.84 2.02
C GLN B 374 17.92 27.40 1.55
N THR B 375 18.80 26.69 2.25
CA THR B 375 18.92 25.25 2.16
C THR B 375 18.52 24.64 3.54
N GLY B 376 19.22 23.61 4.00
CA GLY B 376 18.75 22.82 5.12
C GLY B 376 18.41 23.57 6.40
N PRO B 377 17.44 23.07 7.13
CA PRO B 377 17.05 23.65 8.42
C PRO B 377 17.90 23.13 9.57
N ILE B 378 17.84 23.87 10.68
CA ILE B 378 18.38 23.39 11.94
C ILE B 378 17.38 22.39 12.50
N VAL B 379 17.81 21.14 12.67
CA VAL B 379 16.98 20.08 13.24
C VAL B 379 17.28 19.94 14.70
N TRP B 380 16.23 19.72 15.50
CA TRP B 380 16.34 19.64 16.95
C TRP B 380 15.14 18.92 17.54
N GLY B 381 15.25 18.59 18.83
CA GLY B 381 14.11 17.99 19.50
C GLY B 381 14.49 17.16 20.69
N GLU B 382 13.46 16.78 21.45
CA GLU B 382 13.60 15.87 22.57
C GLU B 382 12.36 14.99 22.53
N PRO B 383 12.41 13.81 23.12
CA PRO B 383 11.24 12.94 23.08
C PRO B 383 10.11 13.49 23.94
N GLY B 384 8.87 13.31 23.44
CA GLY B 384 7.69 13.56 24.25
C GLY B 384 7.47 12.42 25.22
N THR B 385 6.90 12.76 26.41
CA THR B 385 6.35 14.05 26.77
C THR B 385 7.32 15.06 27.40
N ASN B 386 8.56 14.61 27.63
CA ASN B 386 9.60 15.46 28.25
C ASN B 386 9.64 16.86 27.64
N GLY B 387 9.59 16.96 26.31
CA GLY B 387 9.69 18.28 25.69
C GLY B 387 8.54 19.19 26.01
N GLN B 388 7.39 18.64 26.36
CA GLN B 388 6.24 19.45 26.74
C GLN B 388 6.48 20.28 27.98
N HIS B 389 7.30 19.76 28.88
CA HIS B 389 7.68 20.44 30.09
C HIS B 389 9.01 21.15 29.97
N ALA B 390 9.57 21.22 28.77
CA ALA B 390 10.79 22.01 28.58
C ALA B 390 10.59 23.18 27.65
N PHE B 391 10.22 22.96 26.37
CA PHE B 391 10.25 24.02 25.38
C PHE B 391 8.94 24.22 24.66
N TYR B 392 7.92 23.40 24.92
CA TYR B 392 6.69 23.60 24.15
C TYR B 392 6.05 24.93 24.43
N GLN B 393 6.39 25.58 25.56
CA GLN B 393 5.92 26.95 25.77
C GLN B 393 6.25 27.85 24.59
N LEU B 394 7.49 27.80 24.11
CA LEU B 394 7.84 28.65 23.01
C LEU B 394 7.13 28.21 21.72
N ILE B 395 6.91 26.91 21.55
CA ILE B 395 6.26 26.46 20.31
C ILE B 395 4.85 27.03 20.26
N HIS B 396 4.15 27.00 21.40
CA HIS B 396 2.77 27.48 21.48
C HIS B 396 2.65 28.99 21.51
N GLN B 397 3.55 29.72 22.25
CA GLN B 397 3.35 31.14 22.54
C GLN B 397 4.57 32.02 22.28
N GLY B 398 5.58 31.50 21.62
CA GLY B 398 6.70 32.29 21.19
C GLY B 398 6.37 33.04 19.95
N THR B 399 7.42 33.49 19.28
CA THR B 399 7.31 34.34 18.10
C THR B 399 7.91 33.65 16.88
N LYS B 400 8.10 32.33 16.96
CA LYS B 400 8.72 31.56 15.89
C LYS B 400 7.75 30.53 15.33
N MET B 401 7.77 30.37 14.03
CA MET B 401 7.02 29.27 13.42
C MET B 401 8.01 28.12 13.24
N ILE B 402 7.58 26.95 13.71
CA ILE B 402 8.43 25.78 13.90
C ILE B 402 7.69 24.54 13.44
N PRO B 403 7.90 24.12 12.21
CA PRO B 403 7.29 22.85 11.76
C PRO B 403 7.78 21.73 12.67
N CYS B 404 6.87 20.87 13.11
CA CYS B 404 7.21 19.76 13.99
C CYS B 404 6.74 18.45 13.39
N ASP B 405 7.59 17.41 13.49
CA ASP B 405 7.13 16.04 13.27
C ASP B 405 6.92 15.37 14.62
N PHE B 406 5.70 14.94 14.87
CA PHE B 406 5.35 14.15 16.05
C PHE B 406 5.28 12.67 15.67
N LEU B 407 6.00 11.78 16.39
CA LEU B 407 6.02 10.37 16.02
C LEU B 407 5.65 9.50 17.21
N ILE B 408 5.00 8.37 16.94
CA ILE B 408 4.65 7.48 18.06
C ILE B 408 4.31 6.07 17.61
N PRO B 409 4.67 5.05 18.38
CA PRO B 409 4.10 3.72 18.13
C PRO B 409 2.80 3.51 18.86
N VAL B 410 1.90 2.85 18.15
CA VAL B 410 0.60 2.50 18.74
C VAL B 410 0.76 1.52 19.88
N GLN B 411 1.62 0.54 19.70
CA GLN B 411 1.86 -0.49 20.70
C GLN B 411 3.19 -0.20 21.40
N THR B 412 3.18 -0.33 22.71
CA THR B 412 4.39 -0.06 23.50
C THR B 412 5.10 -1.38 23.74
N GLN B 413 6.42 -1.28 23.89
CA GLN B 413 7.25 -2.38 24.31
C GLN B 413 7.03 -2.75 25.78
N HIS B 414 6.38 -1.89 26.55
CA HIS B 414 6.20 -2.07 27.99
C HIS B 414 4.79 -1.67 28.39
N PRO B 415 3.83 -2.55 28.17
CA PRO B 415 2.43 -2.24 28.49
C PRO B 415 2.11 -2.45 29.96
N ILE B 416 2.80 -1.69 30.82
CA ILE B 416 2.59 -1.81 32.26
C ILE B 416 1.28 -1.16 32.67
N ARG B 417 0.84 -1.48 33.91
CA ARG B 417 -0.42 -0.96 34.48
C ARG B 417 -1.57 -1.10 33.49
N LYS B 418 -1.59 -2.24 32.81
CA LYS B 418 -2.62 -2.56 31.80
C LYS B 418 -2.78 -1.43 30.76
N GLY B 419 -1.67 -0.87 30.33
CA GLY B 419 -1.70 0.13 29.30
C GLY B 419 -1.94 1.55 29.74
N LEU B 420 -1.99 1.81 31.04
CA LEU B 420 -2.35 3.16 31.48
C LEU B 420 -1.28 4.18 31.06
N HIS B 421 -0.01 3.80 31.16
CA HIS B 421 1.06 4.73 30.80
C HIS B 421 1.00 5.08 29.31
N HIS B 422 0.88 4.06 28.48
CA HIS B 422 0.84 4.32 27.04
C HIS B 422 -0.42 5.06 26.63
N LYS B 423 -1.55 4.80 27.31
CA LYS B 423 -2.74 5.59 27.03
C LYS B 423 -2.52 7.07 27.29
N ILE B 424 -1.88 7.43 28.42
CA ILE B 424 -1.58 8.83 28.68
C ILE B 424 -0.62 9.39 27.63
N LEU B 425 0.39 8.62 27.26
CA LEU B 425 1.35 9.08 26.26
C LEU B 425 0.62 9.39 24.96
N LEU B 426 -0.22 8.47 24.52
CA LEU B 426 -0.98 8.70 23.29
C LEU B 426 -1.88 9.92 23.41
N ALA B 427 -2.54 10.11 24.57
CA ALA B 427 -3.42 11.26 24.68
C ALA B 427 -2.67 12.56 24.51
N ASN B 428 -1.47 12.64 25.09
CA ASN B 428 -0.67 13.84 24.94
C ASN B 428 -0.20 14.01 23.51
N PHE B 429 0.21 12.91 22.88
CA PHE B 429 0.64 13.01 21.48
C PHE B 429 -0.45 13.67 20.65
N LEU B 430 -1.68 13.20 20.83
CA LEU B 430 -2.77 13.73 20.04
C LEU B 430 -3.12 15.16 20.45
N ALA B 431 -3.16 15.41 21.76
CA ALA B 431 -3.60 16.70 22.28
C ALA B 431 -2.67 17.82 21.88
N GLN B 432 -1.36 17.56 21.82
CA GLN B 432 -0.44 18.65 21.53
C GLN B 432 -0.60 19.13 20.09
N THR B 433 -0.78 18.21 19.14
CA THR B 433 -0.89 18.68 17.75
C THR B 433 -2.26 19.33 17.51
N GLU B 434 -3.29 18.82 18.17
CA GLU B 434 -4.58 19.50 18.16
C GLU B 434 -4.47 20.88 18.78
N ALA B 435 -3.80 20.98 19.92
CA ALA B 435 -3.61 22.28 20.57
C ALA B 435 -2.86 23.24 19.66
N LEU B 436 -1.75 22.79 19.04
CA LEU B 436 -1.02 23.66 18.13
C LEU B 436 -1.89 24.14 16.99
N MET B 437 -2.77 23.27 16.50
CA MET B 437 -3.61 23.63 15.34
C MET B 437 -4.70 24.62 15.71
N ARG B 438 -5.48 24.30 16.76
CA ARG B 438 -6.68 25.04 17.12
C ARG B 438 -6.38 26.31 17.89
N GLY B 439 -5.45 26.23 18.80
CA GLY B 439 -5.31 27.44 19.63
C GLY B 439 -6.50 27.61 20.58
N LYS B 440 -6.64 28.84 21.07
CA LYS B 440 -7.70 29.20 22.01
C LYS B 440 -7.86 30.70 21.89
N SER B 441 -9.03 31.15 21.49
CA SER B 441 -9.26 32.52 21.12
C SER B 441 -9.48 33.40 22.35
N THR B 442 -9.42 34.72 22.13
CA THR B 442 -9.70 35.65 23.22
C THR B 442 -11.08 35.39 23.82
N GLU B 443 -12.10 35.19 22.97
CA GLU B 443 -13.44 34.99 23.53
C GLU B 443 -13.53 33.64 24.24
N GLU B 444 -12.80 32.62 23.78
CA GLU B 444 -12.79 31.34 24.47
C GLU B 444 -12.05 31.44 25.80
N ALA B 445 -10.92 32.14 25.83
CA ALA B 445 -10.23 32.31 27.10
C ALA B 445 -11.02 33.21 28.03
N ARG B 446 -11.68 34.24 27.49
CA ARG B 446 -12.47 35.14 28.32
C ARG B 446 -13.54 34.37 29.06
N LYS B 447 -14.27 33.51 28.35
CA LYS B 447 -15.32 32.73 28.99
C LYS B 447 -14.73 31.85 30.07
N GLU B 448 -13.56 31.27 29.82
CA GLU B 448 -12.89 30.48 30.85
C GLU B 448 -12.65 31.30 32.10
N LEU B 449 -12.21 32.55 31.94
CA LEU B 449 -11.88 33.38 33.10
C LEU B 449 -13.14 33.90 33.79
N GLN B 450 -14.18 34.20 33.03
CA GLN B 450 -15.48 34.53 33.64
C GLN B 450 -15.93 33.43 34.58
N ALA B 451 -15.78 32.18 34.16
CA ALA B 451 -16.33 31.05 34.89
C ALA B 451 -15.45 30.62 36.04
N ALA B 452 -14.16 30.98 36.00
CA ALA B 452 -13.31 30.77 37.16
C ALA B 452 -13.59 31.76 38.28
N GLY B 453 -14.26 32.86 38.00
CA GLY B 453 -14.64 33.82 39.00
C GLY B 453 -13.72 35.03 39.12
N LYS B 454 -13.09 35.45 38.03
CA LYS B 454 -12.16 36.57 38.11
C LYS B 454 -12.91 37.89 38.15
N SER B 455 -12.43 38.79 38.98
CA SER B 455 -12.88 40.16 38.88
C SER B 455 -12.70 40.65 37.45
N PRO B 456 -13.58 41.52 36.96
CA PRO B 456 -13.32 42.13 35.64
C PRO B 456 -11.90 42.65 35.48
N GLU B 457 -11.33 43.23 36.56
CA GLU B 457 -10.00 43.80 36.48
C GLU B 457 -8.94 42.71 36.35
N ASP B 458 -9.08 41.63 37.14
CA ASP B 458 -8.10 40.55 37.13
C ASP B 458 -8.23 39.76 35.83
N LEU B 459 -9.45 39.66 35.32
CA LEU B 459 -9.67 38.94 34.07
C LEU B 459 -9.03 39.67 32.88
N GLU B 460 -9.14 41.01 32.85
CA GLU B 460 -8.59 41.76 31.73
C GLU B 460 -7.07 41.88 31.81
N ARG B 461 -6.51 41.83 33.03
CA ARG B 461 -5.06 41.75 33.21
C ARG B 461 -4.52 40.43 32.66
N LEU B 462 -5.17 39.33 33.03
CA LEU B 462 -4.74 37.97 32.75
C LEU B 462 -5.15 37.47 31.37
N LEU B 463 -6.04 38.18 30.66
CA LEU B 463 -6.70 37.55 29.50
C LEU B 463 -5.76 37.42 28.31
N PRO B 464 -5.02 38.43 27.88
CA PRO B 464 -4.21 38.24 26.68
C PRO B 464 -3.11 37.20 26.87
N HIS B 465 -2.73 36.88 28.13
CA HIS B 465 -1.73 35.86 28.43
C HIS B 465 -2.24 34.45 28.21
N LYS B 466 -3.56 34.23 28.24
CA LYS B 466 -4.12 32.90 28.20
C LYS B 466 -4.55 32.49 26.79
N VAL B 467 -4.33 33.35 25.83
CA VAL B 467 -4.75 33.19 24.44
C VAL B 467 -3.68 32.41 23.69
N PHE B 468 -4.11 31.49 22.84
CA PHE B 468 -3.20 30.71 22.01
C PHE B 468 -3.52 31.02 20.55
N GLU B 469 -2.58 31.60 19.81
CA GLU B 469 -2.90 31.99 18.43
C GLU B 469 -2.99 30.78 17.50
N GLY B 470 -2.50 29.62 17.92
CA GLY B 470 -2.73 28.42 17.11
C GLY B 470 -2.14 28.55 15.71
N ASN B 471 -2.69 27.73 14.81
CA ASN B 471 -2.26 27.75 13.42
C ASN B 471 -0.81 27.31 13.25
N ARG B 472 -0.36 26.43 14.16
CA ARG B 472 1.01 25.95 14.16
C ARG B 472 1.03 24.53 13.59
N PRO B 473 1.73 24.32 12.48
CA PRO B 473 1.55 23.11 11.68
C PRO B 473 2.40 21.96 12.18
N THR B 474 1.88 20.76 11.96
CA THR B 474 2.53 19.56 12.45
C THR B 474 2.27 18.42 11.49
N ASN B 475 3.21 17.48 11.43
CA ASN B 475 3.00 16.15 10.86
C ASN B 475 2.87 15.20 12.04
N SER B 476 1.93 14.26 11.93
CA SER B 476 1.83 13.15 12.86
C SER B 476 2.13 11.86 12.11
N ILE B 477 3.15 11.13 12.61
CA ILE B 477 3.61 9.89 12.02
C ILE B 477 3.40 8.80 13.07
N VAL B 478 2.44 7.91 12.82
CA VAL B 478 1.98 6.89 13.74
C VAL B 478 2.23 5.52 13.11
N PHE B 479 2.83 4.60 13.87
CA PHE B 479 3.15 3.30 13.30
C PHE B 479 2.79 2.23 14.33
N THR B 480 2.56 1.03 13.83
CA THR B 480 2.01 -0.02 14.67
C THR B 480 2.89 -0.29 15.92
N LYS B 481 4.20 -0.49 15.73
CA LYS B 481 5.08 -0.88 16.81
C LYS B 481 6.51 -0.55 16.41
N LEU B 482 7.35 -0.09 17.37
CA LEU B 482 8.76 0.18 17.03
C LEU B 482 9.61 -1.10 17.10
N THR B 483 9.56 -1.86 16.02
CA THR B 483 10.32 -3.07 15.78
C THR B 483 11.55 -2.74 14.98
N PRO B 484 12.49 -3.71 14.85
CA PRO B 484 13.64 -3.46 13.98
C PRO B 484 13.23 -3.09 12.56
N PHE B 485 12.25 -3.82 12.03
CA PHE B 485 11.83 -3.53 10.65
C PHE B 485 11.27 -2.13 10.56
N MET B 486 10.40 -1.78 11.50
CA MET B 486 9.72 -0.51 11.38
C MET B 486 10.73 0.64 11.59
N LEU B 487 11.66 0.48 12.54
CA LEU B 487 12.72 1.51 12.66
C LEU B 487 13.46 1.68 11.32
N GLY B 488 13.76 0.57 10.65
CA GLY B 488 14.47 0.68 9.39
C GLY B 488 13.69 1.48 8.38
N ALA B 489 12.40 1.21 8.28
CA ALA B 489 11.56 1.94 7.34
C ALA B 489 11.50 3.44 7.66
N LEU B 490 11.40 3.77 8.96
CA LEU B 490 11.29 5.16 9.36
C LEU B 490 12.60 5.92 9.08
N VAL B 491 13.75 5.30 9.37
CA VAL B 491 15.01 6.00 9.13
C VAL B 491 15.23 6.19 7.63
N ALA B 492 14.94 5.14 6.84
CA ALA B 492 15.05 5.31 5.41
C ALA B 492 14.10 6.36 4.85
N MET B 493 12.92 6.52 5.40
CA MET B 493 12.01 7.53 4.90
C MET B 493 12.57 8.93 5.08
N TYR B 494 13.20 9.19 6.21
CA TYR B 494 13.88 10.48 6.36
C TYR B 494 15.14 10.59 5.51
N GLU B 495 15.88 9.49 5.30
CA GLU B 495 17.00 9.53 4.36
C GLU B 495 16.51 10.03 3.05
N HIS B 496 15.40 9.50 2.56
CA HIS B 496 14.97 9.92 1.25
C HIS B 496 14.34 11.31 1.23
N LYS B 497 13.73 11.73 2.34
CA LYS B 497 13.24 13.10 2.43
C LYS B 497 14.39 14.05 2.18
N ILE B 498 15.50 13.82 2.89
CA ILE B 498 16.71 14.65 2.81
C ILE B 498 17.25 14.66 1.40
N PHE B 499 17.23 13.51 0.72
CA PHE B 499 17.66 13.44 -0.66
C PHE B 499 16.78 14.30 -1.58
N VAL B 500 15.47 14.24 -1.40
CA VAL B 500 14.57 14.97 -2.27
C VAL B 500 14.81 16.46 -2.10
N GLN B 501 15.02 16.89 -0.86
CA GLN B 501 15.27 18.32 -0.65
C GLN B 501 16.58 18.78 -1.27
N GLY B 502 17.63 17.96 -1.21
CA GLY B 502 18.88 18.35 -1.81
C GLY B 502 18.78 18.45 -3.31
N ILE B 503 17.98 17.58 -3.92
CA ILE B 503 17.78 17.67 -5.36
C ILE B 503 17.02 18.94 -5.71
N ILE B 504 15.98 19.27 -4.95
CA ILE B 504 15.25 20.50 -5.24
C ILE B 504 16.16 21.70 -5.12
N TRP B 505 17.06 21.70 -4.13
CA TRP B 505 17.92 22.89 -3.92
C TRP B 505 19.14 22.88 -4.83
N ASP B 506 19.39 21.79 -5.56
CA ASP B 506 20.50 21.63 -6.49
C ASP B 506 21.85 21.61 -5.77
N ILE B 507 21.88 21.05 -4.55
CA ILE B 507 23.10 20.93 -3.78
C ILE B 507 23.50 19.45 -3.70
N ASN B 508 24.67 19.17 -3.14
CA ASN B 508 25.19 17.82 -3.02
C ASN B 508 24.93 17.35 -1.58
N SER B 509 23.97 16.45 -1.41
CA SER B 509 23.65 15.98 -0.07
C SER B 509 24.70 15.04 0.48
N PHE B 510 25.69 14.63 -0.31
CA PHE B 510 26.52 13.48 -0.01
C PHE B 510 27.98 13.81 0.21
N ASP B 511 28.37 15.09 0.15
CA ASP B 511 29.72 15.53 0.47
C ASP B 511 29.68 16.31 1.79
N GLN B 512 30.85 16.80 2.23
CA GLN B 512 30.92 17.48 3.53
C GLN B 512 32.22 18.27 3.61
N TRP B 513 32.36 19.17 2.67
CA TRP B 513 33.59 19.94 2.57
C TRP B 513 33.73 20.92 3.70
N GLY B 514 32.65 21.17 4.41
CA GLY B 514 32.57 22.16 5.44
C GLY B 514 33.24 21.75 6.71
N VAL B 515 33.80 20.53 6.78
CA VAL B 515 34.53 20.15 7.98
C VAL B 515 36.02 20.38 7.88
N GLU B 516 36.54 20.73 6.70
CA GLU B 516 37.98 20.73 6.50
C GLU B 516 38.67 21.85 7.27
N LEU B 517 38.11 23.04 7.25
CA LEU B 517 38.83 24.21 7.76
C LEU B 517 39.12 24.05 9.24
N GLY B 518 38.10 23.66 10.04
CA GLY B 518 38.35 23.45 11.47
C GLY B 518 39.41 22.40 11.77
N LYS B 519 39.41 21.30 11.03
CA LYS B 519 40.46 20.30 11.11
C LYS B 519 41.84 20.91 10.83
N GLN B 520 41.96 21.69 9.76
CA GLN B 520 43.26 22.26 9.44
C GLN B 520 43.78 23.15 10.58
N LEU B 521 42.92 24.04 11.08
CA LEU B 521 43.32 25.02 12.07
C LEU B 521 43.62 24.37 13.42
N ALA B 522 42.90 23.30 13.74
CA ALA B 522 43.20 22.63 15.00
C ALA B 522 44.60 22.02 14.95
N LYS B 523 44.98 21.46 13.80
CA LYS B 523 46.30 20.85 13.68
C LYS B 523 47.39 21.88 13.87
N LYS B 524 47.11 23.14 13.49
CA LYS B 524 48.11 24.18 13.65
C LYS B 524 48.24 24.58 15.12
N ILE B 525 47.13 24.57 15.85
CA ILE B 525 47.12 24.96 17.26
C ILE B 525 47.70 23.90 18.19
N GLU B 526 47.53 22.62 17.88
CA GLU B 526 47.94 21.57 18.81
C GLU B 526 49.37 21.74 19.31
N PRO B 527 50.39 21.87 18.45
CA PRO B 527 51.76 22.01 18.98
C PRO B 527 51.99 23.29 19.76
N GLU B 528 51.21 24.34 19.52
CA GLU B 528 51.42 25.60 20.22
C GLU B 528 50.97 25.56 21.66
N LEU B 529 50.11 24.60 22.00
CA LEU B 529 49.60 24.54 23.36
C LEU B 529 50.64 24.05 24.33
N ASP B 530 51.62 23.28 23.85
CA ASP B 530 52.68 22.78 24.74
C ASP B 530 53.53 23.96 25.18
N GLY B 531 53.77 24.09 26.48
CA GLY B 531 54.74 25.03 27.01
C GLY B 531 54.09 26.32 27.46
N SER B 532 54.86 27.09 28.22
CA SER B 532 54.34 28.29 28.88
C SER B 532 54.41 29.53 28.00
N ALA B 533 55.21 29.49 26.94
CA ALA B 533 55.36 30.64 26.04
C ALA B 533 54.02 31.12 25.50
N GLN B 534 53.83 32.45 25.53
CA GLN B 534 52.63 33.01 24.95
C GLN B 534 52.69 32.86 23.45
N VAL B 535 51.51 32.72 22.88
CA VAL B 535 51.34 32.50 21.45
C VAL B 535 50.91 33.80 20.83
N THR B 536 51.51 34.12 19.63
CA THR B 536 51.19 35.32 18.90
C THR B 536 50.81 35.06 17.44
N SER B 537 50.73 33.81 17.02
CA SER B 537 50.67 33.47 15.61
C SER B 537 49.28 33.51 14.97
N HIS B 538 48.21 33.84 15.75
CA HIS B 538 46.81 33.90 15.33
C HIS B 538 46.26 35.32 15.49
N ASP B 539 44.97 35.47 15.17
CA ASP B 539 44.21 36.66 15.56
C ASP B 539 44.22 36.83 17.08
N ALA B 540 43.79 38.03 17.54
CA ALA B 540 43.99 38.43 18.95
C ALA B 540 43.13 37.60 19.91
N SER B 541 42.01 37.05 19.42
CA SER B 541 41.11 36.26 20.29
C SER B 541 41.65 34.86 20.50
N THR B 542 41.96 34.15 19.40
CA THR B 542 42.64 32.88 19.50
C THR B 542 43.90 32.99 20.38
N ASN B 543 44.75 34.02 20.14
CA ASN B 543 45.94 34.14 20.98
C ASN B 543 45.58 34.31 22.44
N GLY B 544 44.60 35.15 22.69
CA GLY B 544 44.21 35.49 24.04
C GLY B 544 43.63 34.29 24.73
N LEU B 545 42.83 33.51 24.01
CA LEU B 545 42.28 32.30 24.64
C LEU B 545 43.38 31.33 24.99
N ILE B 546 44.32 31.09 24.05
CA ILE B 546 45.45 30.19 24.28
C ILE B 546 46.23 30.68 25.49
N ASN B 547 46.46 31.97 25.59
CA ASN B 547 47.30 32.44 26.68
C ASN B 547 46.59 32.36 28.02
N PHE B 548 45.26 32.51 28.02
CA PHE B 548 44.48 32.26 29.24
C PHE B 548 44.53 30.78 29.65
N ILE B 549 44.37 29.89 28.68
CA ILE B 549 44.57 28.47 28.91
C ILE B 549 45.92 28.22 29.53
N LYS B 550 46.97 28.86 29.01
CA LYS B 550 48.31 28.57 29.52
C LYS B 550 48.43 29.06 30.95
N GLN B 551 47.83 30.21 31.23
CA GLN B 551 47.90 30.79 32.56
C GLN B 551 47.18 29.91 33.57
N GLN B 552 45.99 29.42 33.23
CA GLN B 552 45.10 28.70 34.15
C GLN B 552 45.42 27.23 34.27
N ARG B 553 46.25 26.66 33.38
CA ARG B 553 46.76 25.31 33.61
C ARG B 553 47.45 25.20 34.96
N GLU B 554 48.01 26.29 35.47
CA GLU B 554 48.84 26.30 36.68
C GLU B 554 48.05 26.69 37.93
N ALA B 555 46.78 27.02 37.79
CA ALA B 555 45.96 27.47 38.90
C ALA B 555 45.58 26.28 39.78
N ARG B 556 45.59 26.48 41.09
CA ARG B 556 45.39 25.37 42.02
C ARG B 556 43.98 25.38 42.61
N ALA C 2 -49.35 -4.95 -16.91
CA ALA C 2 -48.78 -5.37 -18.18
C ALA C 2 -49.70 -6.44 -18.79
N ALA C 3 -49.64 -6.69 -20.09
CA ALA C 3 -50.63 -7.58 -20.70
C ALA C 3 -50.55 -8.97 -20.10
N LEU C 4 -49.35 -9.51 -19.92
CA LEU C 4 -49.24 -10.91 -19.50
C LEU C 4 -49.91 -11.11 -18.14
N THR C 5 -49.63 -10.20 -17.21
CA THR C 5 -50.14 -10.34 -15.86
C THR C 5 -51.66 -10.32 -15.82
N ARG C 6 -52.29 -9.58 -16.73
CA ARG C 6 -53.74 -9.48 -16.83
C ARG C 6 -54.35 -10.59 -17.67
N ASP C 7 -53.54 -11.50 -18.16
CA ASP C 7 -54.09 -12.52 -19.02
C ASP C 7 -54.71 -13.66 -18.18
N PRO C 8 -55.96 -14.06 -18.46
CA PRO C 8 -56.60 -15.07 -17.57
C PRO C 8 -55.95 -16.44 -17.60
N GLN C 9 -55.34 -16.82 -18.71
CA GLN C 9 -54.66 -18.10 -18.76
C GLN C 9 -53.36 -18.07 -17.97
N PHE C 10 -52.70 -16.93 -17.96
CA PHE C 10 -51.51 -16.83 -17.12
C PHE C 10 -51.89 -16.95 -15.66
N GLN C 11 -52.95 -16.27 -15.26
CA GLN C 11 -53.42 -16.37 -13.89
C GLN C 11 -53.77 -17.80 -13.53
N LYS C 12 -54.43 -18.53 -14.42
CA LYS C 12 -54.72 -19.93 -14.13
C LYS C 12 -53.41 -20.71 -13.97
N LEU C 13 -52.38 -20.39 -14.78
CA LEU C 13 -51.09 -21.06 -14.58
C LEU C 13 -50.49 -20.75 -13.20
N GLN C 14 -50.48 -19.47 -12.81
CA GLN C 14 -49.93 -19.11 -11.52
C GLN C 14 -50.70 -19.77 -10.39
N GLN C 15 -52.02 -19.94 -10.53
CA GLN C 15 -52.76 -20.64 -9.47
C GLN C 15 -52.35 -22.11 -9.42
N TRP C 16 -52.33 -22.77 -10.57
CA TRP C 16 -51.96 -24.17 -10.56
C TRP C 16 -50.60 -24.34 -9.90
N TYR C 17 -49.69 -23.40 -10.14
CA TYR C 17 -48.33 -23.46 -9.60
C TYR C 17 -48.35 -23.33 -8.10
N ARG C 18 -49.08 -22.35 -7.58
CA ARG C 18 -49.23 -22.22 -6.13
C ARG C 18 -49.82 -23.49 -5.52
N GLU C 19 -50.86 -24.08 -6.13
CA GLU C 19 -51.57 -25.18 -5.48
C GLU C 19 -50.87 -26.52 -5.63
N HIS C 20 -50.01 -26.69 -6.63
CA HIS C 20 -49.42 -27.99 -6.92
C HIS C 20 -47.91 -28.00 -7.00
N ARG C 21 -47.23 -26.85 -6.93
CA ARG C 21 -45.77 -26.79 -6.97
C ARG C 21 -45.14 -27.88 -6.12
N SER C 22 -45.49 -27.94 -4.84
CA SER C 22 -44.85 -28.95 -3.97
C SER C 22 -45.25 -30.35 -4.29
N GLU C 23 -45.88 -30.56 -5.45
CA GLU C 23 -46.31 -31.86 -5.96
C GLU C 23 -45.48 -32.34 -7.13
N LEU C 24 -44.62 -31.49 -7.70
CA LEU C 24 -43.88 -31.82 -8.91
C LEU C 24 -42.53 -32.34 -8.43
N ASN C 25 -42.37 -33.64 -8.48
CA ASN C 25 -41.13 -34.36 -8.23
C ASN C 25 -40.97 -35.29 -9.41
N LEU C 26 -39.82 -35.22 -10.09
CA LEU C 26 -39.63 -35.96 -11.32
C LEU C 26 -39.55 -37.47 -11.09
N ARG C 27 -38.88 -37.90 -10.01
CA ARG C 27 -38.83 -39.35 -9.74
C ARG C 27 -40.23 -39.93 -9.66
N ARG C 28 -41.15 -39.20 -9.01
CA ARG C 28 -42.50 -39.72 -8.82
C ARG C 28 -43.27 -39.66 -10.13
N LEU C 29 -43.14 -38.54 -10.87
CA LEU C 29 -43.79 -38.48 -12.17
C LEU C 29 -43.38 -39.67 -13.03
N PHE C 30 -42.08 -39.97 -13.09
CA PHE C 30 -41.67 -41.08 -13.96
C PHE C 30 -42.15 -42.42 -13.42
N ASP C 31 -42.17 -42.60 -12.10
CA ASP C 31 -42.63 -43.85 -11.50
C ASP C 31 -44.12 -44.06 -11.75
N ALA C 32 -44.91 -42.98 -11.75
CA ALA C 32 -46.35 -43.03 -11.99
C ALA C 32 -46.75 -43.18 -13.45
N ASN C 33 -45.86 -42.96 -14.41
CA ASN C 33 -46.31 -42.89 -15.79
C ASN C 33 -45.20 -43.45 -16.68
N LYS C 34 -45.33 -44.73 -17.00
CA LYS C 34 -44.31 -45.36 -17.81
C LYS C 34 -44.32 -44.85 -19.25
N ASP C 35 -45.35 -44.09 -19.67
CA ASP C 35 -45.43 -43.44 -20.95
C ASP C 35 -45.00 -41.98 -20.88
N ARG C 36 -44.32 -41.56 -19.83
CA ARG C 36 -44.04 -40.14 -19.71
C ARG C 36 -43.14 -39.66 -20.86
N PHE C 37 -42.14 -40.45 -21.25
CA PHE C 37 -41.33 -40.03 -22.40
C PHE C 37 -42.15 -39.91 -23.71
N ASN C 38 -43.04 -40.87 -23.99
CA ASN C 38 -43.86 -40.76 -25.20
C ASN C 38 -44.71 -39.51 -25.19
N HIS C 39 -45.26 -39.13 -24.05
CA HIS C 39 -46.18 -38.01 -24.03
C HIS C 39 -45.46 -36.67 -23.98
N PHE C 40 -44.20 -36.67 -23.54
CA PHE C 40 -43.55 -35.37 -23.39
C PHE C 40 -42.27 -35.28 -24.21
N SER C 41 -42.33 -35.70 -25.47
CA SER C 41 -41.24 -35.60 -26.44
C SER C 41 -41.79 -35.43 -27.85
N LEU C 42 -40.99 -34.82 -28.71
CA LEU C 42 -41.33 -34.67 -30.11
C LEU C 42 -40.23 -35.25 -30.94
N THR C 43 -40.62 -35.97 -32.00
CA THR C 43 -39.66 -36.42 -33.00
C THR C 43 -39.99 -35.77 -34.33
N LEU C 44 -39.01 -35.07 -34.86
CA LEU C 44 -39.12 -34.38 -36.14
C LEU C 44 -38.22 -35.08 -37.13
N ASN C 45 -38.77 -35.39 -38.31
CA ASN C 45 -37.99 -35.87 -39.41
C ASN C 45 -37.88 -34.76 -40.43
N THR C 46 -36.69 -34.20 -40.52
CA THR C 46 -36.48 -33.09 -41.44
C THR C 46 -36.25 -33.57 -42.85
N ASN C 47 -36.12 -34.87 -43.04
CA ASN C 47 -35.68 -35.53 -44.27
C ASN C 47 -34.19 -35.36 -44.50
N HIS C 48 -33.49 -34.62 -43.59
CA HIS C 48 -32.04 -34.43 -43.58
C HIS C 48 -31.50 -34.63 -42.17
N GLY C 49 -32.09 -35.55 -41.42
CA GLY C 49 -31.74 -35.84 -40.05
C GLY C 49 -32.98 -35.71 -39.20
N HIS C 50 -33.05 -36.53 -38.16
CA HIS C 50 -34.11 -36.46 -37.17
C HIS C 50 -33.68 -35.61 -35.99
N ILE C 51 -34.68 -35.00 -35.34
CA ILE C 51 -34.51 -34.21 -34.12
C ILE C 51 -35.47 -34.74 -33.05
N LEU C 52 -34.92 -35.18 -31.94
CA LEU C 52 -35.68 -35.58 -30.78
C LEU C 52 -35.60 -34.46 -29.76
N VAL C 53 -36.73 -33.80 -29.52
CA VAL C 53 -36.82 -32.81 -28.45
C VAL C 53 -37.51 -33.49 -27.29
N ASP C 54 -36.74 -33.95 -26.31
CA ASP C 54 -37.29 -34.68 -25.17
C ASP C 54 -37.41 -33.71 -24.00
N TYR C 55 -38.66 -33.32 -23.68
CA TYR C 55 -38.92 -32.38 -22.60
C TYR C 55 -39.58 -33.05 -21.41
N SER C 56 -39.38 -34.36 -21.27
CA SER C 56 -40.05 -35.10 -20.22
C SER C 56 -39.40 -34.98 -18.87
N LYS C 57 -38.09 -34.60 -18.78
CA LYS C 57 -37.48 -34.33 -17.48
C LYS C 57 -37.75 -32.90 -17.02
N ASN C 58 -38.84 -32.28 -17.47
CA ASN C 58 -39.29 -30.98 -16.98
C ASN C 58 -40.36 -31.12 -15.93
N LEU C 59 -40.47 -30.11 -15.05
CA LEU C 59 -41.43 -30.13 -13.92
C LEU C 59 -42.81 -29.73 -14.46
N VAL C 60 -43.37 -30.62 -15.27
CA VAL C 60 -44.63 -30.37 -15.95
C VAL C 60 -45.46 -31.65 -15.97
N THR C 61 -46.78 -31.48 -16.05
CA THR C 61 -47.76 -32.56 -16.24
C THR C 61 -48.54 -32.23 -17.49
N GLU C 62 -49.44 -33.14 -17.90
CA GLU C 62 -50.28 -32.79 -19.04
C GLU C 62 -51.10 -31.54 -18.78
N ASP C 63 -51.58 -31.35 -17.55
CA ASP C 63 -52.38 -30.15 -17.30
C ASP C 63 -51.55 -28.88 -17.48
N VAL C 64 -50.32 -28.87 -16.98
CA VAL C 64 -49.48 -27.69 -17.18
C VAL C 64 -49.27 -27.42 -18.66
N MET C 65 -48.94 -28.45 -19.42
CA MET C 65 -48.67 -28.25 -20.84
C MET C 65 -49.92 -27.72 -21.55
N ARG C 66 -51.10 -28.22 -21.13
CA ARG C 66 -52.35 -27.71 -21.70
C ARG C 66 -52.56 -26.24 -21.36
N MET C 67 -52.27 -25.87 -20.10
CA MET C 67 -52.40 -24.48 -19.69
C MET C 67 -51.39 -23.62 -20.44
N LEU C 68 -50.20 -24.17 -20.70
CA LEU C 68 -49.20 -23.37 -21.39
C LEU C 68 -49.62 -23.09 -22.83
N VAL C 69 -50.16 -24.11 -23.52
CA VAL C 69 -50.63 -23.89 -24.88
C VAL C 69 -51.84 -22.93 -24.90
N ASP C 70 -52.72 -23.06 -23.92
CA ASP C 70 -53.81 -22.09 -23.81
C ASP C 70 -53.30 -20.65 -23.64
N LEU C 71 -52.20 -20.47 -22.90
CA LEU C 71 -51.57 -19.15 -22.83
C LEU C 71 -51.05 -18.68 -24.19
N ALA C 72 -50.40 -19.56 -24.94
CA ALA C 72 -49.93 -19.19 -26.27
C ALA C 72 -51.07 -18.72 -27.15
N LYS C 73 -52.23 -19.38 -27.05
CA LYS C 73 -53.36 -18.94 -27.88
C LYS C 73 -53.91 -17.62 -27.39
N SER C 74 -54.03 -17.46 -26.07
CA SER C 74 -54.58 -16.26 -25.47
C SER C 74 -53.70 -15.04 -25.75
N ARG C 75 -52.38 -15.22 -25.75
CA ARG C 75 -51.46 -14.13 -26.03
C ARG C 75 -51.25 -13.94 -27.52
N GLY C 76 -51.91 -14.75 -28.33
CA GLY C 76 -51.93 -14.45 -29.75
C GLY C 76 -50.69 -14.80 -30.53
N VAL C 77 -50.05 -15.92 -30.20
CA VAL C 77 -48.77 -16.26 -30.82
C VAL C 77 -48.92 -16.51 -32.32
N GLU C 78 -49.97 -17.21 -32.73
CA GLU C 78 -50.11 -17.57 -34.14
C GLU C 78 -50.31 -16.33 -35.02
N ALA C 79 -51.14 -15.38 -34.59
CA ALA C 79 -51.35 -14.17 -35.38
C ALA C 79 -50.08 -13.36 -35.48
N ALA C 80 -49.38 -13.21 -34.34
CA ALA C 80 -48.10 -12.51 -34.36
C ALA C 80 -47.14 -13.19 -35.33
N ARG C 81 -47.09 -14.52 -35.30
CA ARG C 81 -46.21 -15.22 -36.25
C ARG C 81 -46.55 -14.88 -37.70
N GLU C 82 -47.84 -14.93 -38.05
CA GLU C 82 -48.20 -14.56 -39.42
C GLU C 82 -47.81 -13.14 -39.74
N ARG C 83 -47.96 -12.22 -38.79
CA ARG C 83 -47.52 -10.85 -39.07
C ARG C 83 -46.04 -10.84 -39.43
N MET C 84 -45.21 -11.59 -38.69
CA MET C 84 -43.78 -11.53 -39.02
C MET C 84 -43.55 -12.08 -40.42
N PHE C 85 -44.15 -13.26 -40.72
CA PHE C 85 -43.86 -13.90 -41.99
C PHE C 85 -44.44 -13.16 -43.17
N ASN C 86 -45.48 -12.38 -42.94
CA ASN C 86 -46.09 -11.63 -44.02
C ASN C 86 -45.46 -10.27 -44.23
N GLY C 87 -44.43 -9.90 -43.45
CA GLY C 87 -43.74 -8.65 -43.73
C GLY C 87 -44.34 -7.43 -43.06
N GLU C 88 -45.26 -7.61 -42.12
CA GLU C 88 -45.76 -6.46 -41.36
C GLU C 88 -44.66 -5.89 -40.45
N LYS C 89 -44.85 -4.63 -40.04
CA LYS C 89 -43.86 -3.85 -39.32
C LYS C 89 -43.92 -4.15 -37.81
N ILE C 90 -43.63 -5.41 -37.45
CA ILE C 90 -43.78 -5.83 -36.06
C ILE C 90 -42.66 -5.36 -35.15
N ASN C 91 -41.58 -4.82 -35.71
CA ASN C 91 -40.59 -4.12 -34.90
C ASN C 91 -41.18 -2.73 -34.73
N TYR C 92 -42.13 -2.62 -33.82
CA TYR C 92 -42.95 -1.43 -33.80
C TYR C 92 -42.26 -0.18 -33.26
N THR C 93 -41.21 -0.29 -32.43
CA THR C 93 -40.56 0.94 -31.98
C THR C 93 -39.69 1.56 -33.06
N GLU C 94 -39.30 0.78 -34.07
CA GLU C 94 -38.42 1.24 -35.14
C GLU C 94 -39.17 1.29 -36.48
N GLY C 95 -40.43 0.87 -36.49
CA GLY C 95 -41.22 0.92 -37.70
C GLY C 95 -40.68 0.01 -38.78
N ARG C 96 -40.18 -1.17 -38.43
CA ARG C 96 -39.53 -2.05 -39.38
C ARG C 96 -40.22 -3.41 -39.42
N ALA C 97 -40.13 -4.03 -40.60
CA ALA C 97 -40.44 -5.46 -40.73
C ALA C 97 -39.36 -6.27 -40.04
N VAL C 98 -39.62 -7.58 -39.89
CA VAL C 98 -38.71 -8.53 -39.24
C VAL C 98 -38.67 -9.75 -40.15
N LEU C 99 -37.67 -9.79 -41.04
CA LEU C 99 -37.73 -10.74 -42.16
C LEU C 99 -36.44 -11.56 -42.33
N HIS C 100 -35.77 -11.98 -41.23
CA HIS C 100 -34.73 -13.01 -41.42
C HIS C 100 -35.30 -14.29 -42.05
N VAL C 101 -36.59 -14.56 -41.91
CA VAL C 101 -37.11 -15.74 -42.60
C VAL C 101 -37.10 -15.55 -44.13
N ALA C 102 -37.20 -14.31 -44.63
CA ALA C 102 -37.07 -14.06 -46.05
C ALA C 102 -35.69 -14.42 -46.58
N LEU C 103 -34.65 -14.26 -45.78
CA LEU C 103 -33.30 -14.48 -46.25
C LEU C 103 -33.04 -15.91 -46.64
N ARG C 104 -33.74 -16.85 -45.99
CA ARG C 104 -33.60 -18.26 -46.23
C ARG C 104 -34.87 -18.86 -46.84
N ASN C 105 -35.72 -18.02 -47.48
CA ASN C 105 -36.97 -18.45 -48.11
C ASN C 105 -36.65 -19.09 -49.46
N ARG C 106 -36.25 -20.36 -49.37
CA ARG C 106 -35.83 -21.10 -50.55
C ARG C 106 -36.99 -21.37 -51.50
N SER C 107 -38.22 -21.41 -50.98
CA SER C 107 -39.42 -21.59 -51.83
C SER C 107 -39.71 -20.39 -52.72
N ASN C 108 -39.13 -19.24 -52.41
CA ASN C 108 -39.31 -17.99 -53.13
C ASN C 108 -40.77 -17.54 -53.25
N THR C 109 -41.59 -17.97 -52.34
CA THR C 109 -42.88 -17.33 -52.13
C THR C 109 -42.70 -15.82 -51.96
N PRO C 110 -43.48 -14.98 -52.62
CA PRO C 110 -43.25 -13.54 -52.48
C PRO C 110 -43.51 -13.10 -51.04
N ILE C 111 -42.64 -12.22 -50.54
CA ILE C 111 -42.89 -11.55 -49.26
C ILE C 111 -42.83 -10.04 -49.50
N LEU C 112 -43.94 -9.36 -49.27
CA LEU C 112 -44.05 -7.96 -49.61
C LEU C 112 -43.69 -7.10 -48.40
N VAL C 113 -42.90 -6.07 -48.65
CA VAL C 113 -42.71 -4.96 -47.74
C VAL C 113 -42.99 -3.66 -48.48
N ASP C 114 -43.87 -2.83 -47.91
CA ASP C 114 -44.31 -1.59 -48.54
C ASP C 114 -44.67 -1.83 -50.00
N GLY C 115 -45.31 -2.97 -50.24
CA GLY C 115 -45.86 -3.33 -51.53
C GLY C 115 -44.90 -3.91 -52.54
N LYS C 116 -43.66 -4.16 -52.19
CA LYS C 116 -42.71 -4.75 -53.13
C LYS C 116 -42.17 -6.07 -52.56
N ASP C 117 -42.10 -7.07 -53.42
CA ASP C 117 -41.52 -8.37 -53.06
C ASP C 117 -40.03 -8.24 -52.77
N VAL C 118 -39.59 -8.67 -51.57
CA VAL C 118 -38.17 -8.58 -51.24
C VAL C 118 -37.35 -9.73 -51.84
N MET C 119 -37.97 -10.79 -52.31
CA MET C 119 -37.19 -11.96 -52.70
C MET C 119 -36.26 -11.73 -53.88
N PRO C 120 -36.63 -10.99 -54.92
CA PRO C 120 -35.67 -10.78 -56.00
C PRO C 120 -34.35 -10.18 -55.51
N GLU C 121 -34.41 -9.26 -54.55
CA GLU C 121 -33.15 -8.66 -54.07
C GLU C 121 -32.41 -9.61 -53.14
N VAL C 122 -33.14 -10.38 -52.32
CA VAL C 122 -32.49 -11.43 -51.51
C VAL C 122 -31.69 -12.32 -52.42
N ASN C 123 -32.31 -12.71 -53.54
CA ASN C 123 -31.65 -13.68 -54.39
C ASN C 123 -30.57 -13.06 -55.23
N LYS C 124 -30.69 -11.78 -55.56
CA LYS C 124 -29.62 -11.13 -56.28
C LYS C 124 -28.36 -11.11 -55.43
N VAL C 125 -28.52 -10.93 -54.12
CA VAL C 125 -27.32 -10.83 -53.27
C VAL C 125 -26.73 -12.22 -53.08
N LEU C 126 -27.60 -13.23 -52.93
CA LEU C 126 -27.14 -14.60 -52.85
C LEU C 126 -26.37 -14.98 -54.11
N ASP C 127 -26.89 -14.60 -55.29
CA ASP C 127 -26.15 -14.93 -56.51
C ASP C 127 -24.79 -14.23 -56.54
N LYS C 128 -24.73 -12.98 -56.08
CA LYS C 128 -23.46 -12.28 -55.99
C LYS C 128 -22.54 -13.02 -55.03
N MET C 129 -23.06 -13.44 -53.88
CA MET C 129 -22.22 -14.20 -52.95
C MET C 129 -21.67 -15.48 -53.59
N LYS C 130 -22.52 -16.19 -54.32
CA LYS C 130 -22.09 -17.44 -54.94
C LYS C 130 -20.96 -17.21 -55.95
N SER C 131 -21.14 -16.26 -56.84
CA SER C 131 -20.09 -15.98 -57.82
C SER C 131 -18.78 -15.61 -57.12
N PHE C 132 -18.87 -14.76 -56.10
CA PHE C 132 -17.65 -14.31 -55.43
C PHE C 132 -16.96 -15.47 -54.74
N CYS C 133 -17.74 -16.32 -54.06
CA CYS C 133 -17.13 -17.46 -53.37
C CYS C 133 -16.45 -18.41 -54.33
N GLN C 134 -17.09 -18.67 -55.49
CA GLN C 134 -16.46 -19.53 -56.48
C GLN C 134 -15.12 -18.95 -56.95
N ARG C 135 -15.09 -17.65 -57.23
CA ARG C 135 -13.86 -17.02 -57.70
C ARG C 135 -12.77 -17.03 -56.64
N VAL C 136 -13.12 -16.75 -55.38
CA VAL C 136 -12.06 -16.69 -54.37
C VAL C 136 -11.54 -18.10 -54.09
N ARG C 137 -12.46 -19.04 -53.89
CA ARG C 137 -12.09 -20.40 -53.49
C ARG C 137 -11.31 -21.15 -54.57
N SER C 138 -11.63 -20.89 -55.84
CA SER C 138 -10.95 -21.55 -56.92
C SER C 138 -9.58 -21.00 -57.22
N GLY C 139 -9.25 -19.82 -56.70
CA GLY C 139 -8.00 -19.17 -57.06
C GLY C 139 -8.15 -18.19 -58.20
N ASP C 140 -9.34 -18.09 -58.80
CA ASP C 140 -9.62 -17.11 -59.84
C ASP C 140 -9.33 -15.68 -59.37
N TRP C 141 -9.72 -15.36 -58.14
CA TRP C 141 -9.56 -14.02 -57.61
C TRP C 141 -8.15 -13.86 -57.08
N LYS C 142 -7.40 -12.93 -57.67
CA LYS C 142 -6.02 -12.74 -57.29
C LYS C 142 -5.83 -11.45 -56.52
N GLY C 143 -4.86 -11.47 -55.62
CA GLY C 143 -4.45 -10.32 -54.88
C GLY C 143 -3.53 -9.44 -55.73
N TYR C 144 -2.98 -8.40 -55.09
CA TYR C 144 -2.33 -7.31 -55.82
C TYR C 144 -1.01 -7.76 -56.43
N THR C 145 -0.45 -8.88 -56.00
CA THR C 145 0.76 -9.43 -56.60
C THR C 145 0.47 -10.71 -57.39
N GLY C 146 -0.80 -11.01 -57.64
CA GLY C 146 -1.15 -12.15 -58.45
C GLY C 146 -1.34 -13.47 -57.73
N LYS C 147 -1.38 -13.46 -56.40
CA LYS C 147 -1.49 -14.67 -55.61
C LYS C 147 -2.95 -14.98 -55.29
N THR C 148 -3.21 -16.25 -55.04
CA THR C 148 -4.54 -16.65 -54.57
C THR C 148 -4.74 -16.27 -53.11
N ILE C 149 -6.02 -16.15 -52.73
CA ILE C 149 -6.38 -15.77 -51.37
C ILE C 149 -6.26 -16.99 -50.47
N THR C 150 -5.53 -16.85 -49.36
CA THR C 150 -5.38 -17.96 -48.43
C THR C 150 -6.03 -17.72 -47.07
N ASP C 151 -6.38 -16.46 -46.76
CA ASP C 151 -6.90 -16.04 -45.47
C ASP C 151 -8.01 -15.05 -45.74
N VAL C 152 -9.15 -15.26 -45.08
CA VAL C 152 -10.26 -14.34 -45.11
C VAL C 152 -10.41 -13.80 -43.70
N ILE C 153 -10.56 -12.48 -43.56
CA ILE C 153 -10.62 -11.85 -42.25
C ILE C 153 -11.90 -11.05 -42.14
N ASN C 154 -12.83 -11.49 -41.30
CA ASN C 154 -14.08 -10.81 -41.03
C ASN C 154 -13.83 -9.78 -39.92
N ILE C 155 -14.11 -8.51 -40.20
CA ILE C 155 -13.99 -7.43 -39.23
C ILE C 155 -15.39 -6.95 -38.97
N GLY C 156 -15.85 -7.14 -37.72
CA GLY C 156 -17.21 -6.82 -37.34
C GLY C 156 -17.40 -7.22 -35.89
N ILE C 157 -18.43 -6.67 -35.31
CA ILE C 157 -18.71 -6.99 -33.90
C ILE C 157 -20.20 -7.27 -33.75
N GLY C 158 -20.55 -7.92 -32.61
CA GLY C 158 -21.93 -8.22 -32.29
C GLY C 158 -22.54 -9.09 -33.38
N GLY C 159 -23.67 -8.66 -33.89
CA GLY C 159 -24.33 -9.46 -34.91
C GLY C 159 -23.52 -9.68 -36.19
N SER C 160 -22.50 -8.87 -36.45
CA SER C 160 -21.67 -9.06 -37.63
C SER C 160 -20.48 -9.98 -37.38
N ASP C 161 -20.44 -10.61 -36.22
CA ASP C 161 -19.32 -11.44 -35.78
C ASP C 161 -19.78 -12.77 -35.24
N LEU C 162 -20.68 -12.78 -34.25
CA LEU C 162 -20.90 -13.98 -33.43
C LEU C 162 -21.47 -15.11 -34.26
N GLY C 163 -22.42 -14.78 -35.13
CA GLY C 163 -23.05 -15.77 -35.99
C GLY C 163 -22.06 -16.47 -36.89
N PRO C 164 -21.42 -15.69 -37.79
CA PRO C 164 -20.42 -16.27 -38.69
C PRO C 164 -19.35 -17.02 -37.94
N LEU C 165 -18.90 -16.51 -36.79
CA LEU C 165 -17.89 -17.26 -36.04
C LEU C 165 -18.47 -18.58 -35.55
N MET C 166 -19.64 -18.55 -34.91
CA MET C 166 -20.20 -19.78 -34.35
C MET C 166 -20.35 -20.83 -35.44
N VAL C 167 -20.79 -20.41 -36.62
CA VAL C 167 -21.08 -21.36 -37.68
C VAL C 167 -19.80 -21.90 -38.32
N THR C 168 -18.84 -21.04 -38.66
CA THR C 168 -17.58 -21.56 -39.17
C THR C 168 -16.90 -22.50 -38.15
N GLU C 169 -16.98 -22.17 -36.84
CA GLU C 169 -16.44 -23.10 -35.88
C GLU C 169 -17.21 -24.42 -35.89
N ALA C 170 -18.54 -24.35 -35.98
CA ALA C 170 -19.36 -25.57 -35.90
C ALA C 170 -19.21 -26.43 -37.15
N LEU C 171 -18.93 -25.79 -38.27
CA LEU C 171 -18.88 -26.51 -39.54
C LEU C 171 -17.48 -26.66 -40.09
N LYS C 172 -16.48 -26.58 -39.20
CA LYS C 172 -15.08 -26.73 -39.57
C LYS C 172 -14.80 -27.98 -40.40
N PRO C 173 -15.47 -29.13 -40.21
CA PRO C 173 -15.22 -30.27 -41.12
C PRO C 173 -15.58 -30.02 -42.56
N TYR C 174 -16.40 -29.02 -42.87
CA TYR C 174 -16.84 -28.78 -44.22
C TYR C 174 -16.02 -27.74 -44.95
N SER C 175 -14.89 -27.38 -44.38
CA SER C 175 -14.05 -26.28 -44.90
C SER C 175 -12.83 -26.76 -45.70
N SER C 176 -12.72 -28.05 -46.01
CA SER C 176 -11.64 -28.51 -46.89
C SER C 176 -11.64 -27.72 -48.20
N GLY C 177 -10.48 -27.19 -48.57
CA GLY C 177 -10.35 -26.41 -49.78
C GLY C 177 -10.78 -24.96 -49.68
N GLY C 178 -11.13 -24.50 -48.48
CA GLY C 178 -11.52 -23.13 -48.30
C GLY C 178 -10.37 -22.40 -47.64
N PRO C 179 -10.36 -21.08 -47.75
CA PRO C 179 -9.32 -20.30 -47.08
C PRO C 179 -9.53 -20.36 -45.57
N ARG C 180 -8.46 -20.11 -44.84
CA ARG C 180 -8.59 -19.90 -43.37
C ARG C 180 -9.48 -18.70 -43.11
N VAL C 181 -10.30 -18.76 -42.06
CA VAL C 181 -11.11 -17.62 -41.69
C VAL C 181 -10.64 -17.15 -40.33
N TRP C 182 -10.63 -15.83 -40.17
CA TRP C 182 -10.28 -15.09 -38.97
C TRP C 182 -11.36 -14.06 -38.67
N TYR C 183 -11.65 -13.86 -37.38
CA TYR C 183 -12.67 -12.95 -36.88
C TYR C 183 -12.01 -11.95 -35.96
N VAL C 184 -12.13 -10.69 -36.31
CA VAL C 184 -11.60 -9.55 -35.57
C VAL C 184 -12.81 -8.72 -35.16
N SER C 185 -13.02 -8.53 -33.88
CA SER C 185 -14.25 -7.88 -33.45
C SER C 185 -14.02 -6.84 -32.37
N ASN C 186 -13.17 -7.18 -31.40
CA ASN C 186 -12.94 -6.26 -30.29
C ASN C 186 -12.25 -4.99 -30.80
N ILE C 187 -12.64 -3.86 -30.24
CA ILE C 187 -11.83 -2.66 -30.47
C ILE C 187 -10.46 -2.79 -29.85
N ASP C 188 -10.33 -3.50 -28.74
CA ASP C 188 -9.03 -3.76 -28.12
C ASP C 188 -8.03 -4.08 -29.20
N GLY C 189 -6.97 -3.24 -29.33
CA GLY C 189 -6.02 -3.39 -30.41
C GLY C 189 -5.25 -4.70 -30.43
N THR C 190 -5.22 -5.39 -29.30
CA THR C 190 -4.74 -6.76 -29.31
C THR C 190 -5.35 -7.60 -30.42
N HIS C 191 -6.66 -7.44 -30.67
CA HIS C 191 -7.36 -8.38 -31.55
C HIS C 191 -6.85 -8.27 -32.99
N ILE C 192 -6.85 -7.05 -33.55
CA ILE C 192 -6.33 -6.87 -34.91
C ILE C 192 -4.81 -7.04 -34.94
N ALA C 193 -4.09 -6.53 -33.93
CA ALA C 193 -2.64 -6.60 -33.99
C ALA C 193 -2.15 -8.04 -34.08
N LYS C 194 -2.62 -8.90 -33.16
CA LYS C 194 -2.16 -10.27 -33.16
C LYS C 194 -2.61 -11.04 -34.38
N THR C 195 -3.72 -10.63 -35.01
CA THR C 195 -4.18 -11.27 -36.24
C THR C 195 -3.29 -10.83 -37.41
N LEU C 196 -3.09 -9.52 -37.58
CA LEU C 196 -2.30 -9.02 -38.72
C LEU C 196 -0.88 -9.59 -38.68
N ALA C 197 -0.33 -9.79 -37.49
CA ALA C 197 1.02 -10.34 -37.44
C ALA C 197 1.12 -11.73 -38.05
N GLN C 198 0.01 -12.43 -38.28
CA GLN C 198 0.06 -13.78 -38.79
C GLN C 198 -0.25 -13.83 -40.29
N LEU C 199 -0.39 -12.68 -40.92
CA LEU C 199 -0.97 -12.61 -42.26
C LEU C 199 0.02 -12.01 -43.25
N ASN C 200 -0.14 -12.44 -44.50
CA ASN C 200 0.55 -11.86 -45.66
C ASN C 200 -0.41 -10.97 -46.44
N PRO C 201 -0.14 -9.67 -46.57
CA PRO C 201 -1.05 -8.77 -47.31
C PRO C 201 -1.32 -9.21 -48.74
N GLU C 202 -0.41 -9.97 -49.34
CA GLU C 202 -0.60 -10.42 -50.73
C GLU C 202 -1.70 -11.47 -50.89
N SER C 203 -2.09 -12.19 -49.80
CA SER C 203 -3.06 -13.25 -49.93
C SER C 203 -4.17 -13.21 -48.89
N SER C 204 -4.43 -12.06 -48.29
CA SER C 204 -5.46 -11.88 -47.28
C SER C 204 -6.57 -11.03 -47.86
N LEU C 205 -7.81 -11.46 -47.61
CA LEU C 205 -8.99 -10.78 -48.07
C LEU C 205 -9.75 -10.31 -46.85
N PHE C 206 -9.96 -9.00 -46.72
CA PHE C 206 -10.71 -8.44 -45.60
C PHE C 206 -12.18 -8.22 -45.95
N ILE C 207 -13.05 -8.61 -45.05
CA ILE C 207 -14.48 -8.42 -45.15
C ILE C 207 -14.90 -7.48 -44.03
N ILE C 208 -15.41 -6.30 -44.38
CA ILE C 208 -15.82 -5.30 -43.38
C ILE C 208 -17.33 -5.39 -43.26
N ALA C 209 -17.78 -5.93 -42.11
CA ALA C 209 -19.18 -6.21 -41.87
C ALA C 209 -19.82 -5.27 -40.86
N SER C 210 -20.82 -4.52 -41.31
CA SER C 210 -21.59 -3.64 -40.42
C SER C 210 -22.84 -3.13 -41.13
N LYS C 211 -24.06 -3.35 -40.61
CA LYS C 211 -25.19 -2.54 -41.12
C LYS C 211 -25.08 -1.18 -40.42
N THR C 212 -25.06 -0.11 -41.19
CA THR C 212 -24.77 1.26 -40.75
C THR C 212 -23.44 1.54 -41.39
N PHE C 213 -22.46 0.67 -41.10
CA PHE C 213 -21.09 0.96 -41.50
C PHE C 213 -20.60 2.20 -40.77
N THR C 214 -21.03 2.35 -39.54
CA THR C 214 -20.51 3.39 -38.66
C THR C 214 -20.14 2.87 -37.29
N THR C 215 -20.40 1.59 -37.02
CA THR C 215 -19.98 0.99 -35.76
C THR C 215 -18.54 1.41 -35.50
N GLN C 216 -18.32 2.06 -34.37
CA GLN C 216 -17.00 2.65 -34.18
C GLN C 216 -15.94 1.57 -34.14
N GLU C 217 -16.19 0.47 -33.42
CA GLU C 217 -15.18 -0.56 -33.33
C GLU C 217 -14.81 -1.10 -34.71
N THR C 218 -15.82 -1.37 -35.54
CA THR C 218 -15.57 -2.00 -36.82
C THR C 218 -14.87 -1.08 -37.80
N ILE C 219 -15.30 0.16 -37.88
CA ILE C 219 -14.63 1.07 -38.82
C ILE C 219 -13.19 1.37 -38.36
N THR C 220 -12.95 1.51 -37.06
CA THR C 220 -11.57 1.70 -36.60
C THR C 220 -10.71 0.49 -36.93
N ASN C 221 -11.21 -0.71 -36.64
CA ASN C 221 -10.44 -1.89 -37.00
C ASN C 221 -10.18 -1.93 -38.50
N ALA C 222 -11.18 -1.56 -39.30
CA ALA C 222 -11.04 -1.64 -40.76
C ALA C 222 -9.98 -0.69 -41.25
N GLU C 223 -9.93 0.51 -40.66
CA GLU C 223 -8.94 1.53 -41.02
C GLU C 223 -7.56 1.07 -40.62
N THR C 224 -7.45 0.36 -39.49
CA THR C 224 -6.15 -0.18 -39.09
C THR C 224 -5.67 -1.23 -40.08
N ALA C 225 -6.58 -2.10 -40.54
CA ALA C 225 -6.24 -3.13 -41.51
C ALA C 225 -5.86 -2.51 -42.85
N LYS C 226 -6.63 -1.52 -43.28
CA LYS C 226 -6.30 -0.87 -44.55
C LYS C 226 -4.95 -0.16 -44.48
N GLU C 227 -4.64 0.51 -43.37
CA GLU C 227 -3.32 1.12 -43.21
C GLU C 227 -2.22 0.08 -43.30
N TRP C 228 -2.38 -1.05 -42.60
CA TRP C 228 -1.37 -2.10 -42.66
C TRP C 228 -1.22 -2.62 -44.08
N PHE C 229 -2.33 -2.78 -44.77
CA PHE C 229 -2.29 -3.34 -46.09
C PHE C 229 -1.55 -2.42 -47.04
N LEU C 230 -1.87 -1.14 -46.95
CA LEU C 230 -1.23 -0.16 -47.84
C LEU C 230 0.24 0.07 -47.51
N GLN C 231 0.64 -0.14 -46.26
CA GLN C 231 2.05 -0.08 -45.93
C GLN C 231 2.83 -1.01 -46.84
N ALA C 232 2.28 -2.18 -47.14
CA ALA C 232 2.94 -3.13 -48.04
C ALA C 232 2.61 -2.85 -49.52
N ALA C 233 1.35 -2.53 -49.84
CA ALA C 233 0.92 -2.51 -51.22
C ALA C 233 1.11 -1.15 -51.85
N LYS C 234 1.00 -0.10 -51.04
CA LYS C 234 1.30 1.29 -51.41
C LYS C 234 0.24 1.89 -52.32
N ASP C 235 -0.21 1.13 -53.31
CA ASP C 235 -1.14 1.58 -54.36
C ASP C 235 -2.58 1.51 -53.90
N PRO C 236 -3.25 2.64 -53.74
CA PRO C 236 -4.62 2.61 -53.19
C PRO C 236 -5.61 1.80 -54.02
N SER C 237 -5.34 1.61 -55.32
CA SER C 237 -6.27 0.82 -56.12
C SER C 237 -6.15 -0.68 -55.84
N ALA C 238 -5.14 -1.10 -55.07
CA ALA C 238 -5.01 -2.49 -54.67
C ALA C 238 -6.01 -2.85 -53.59
N VAL C 239 -6.65 -1.85 -53.00
CA VAL C 239 -7.61 -2.10 -51.95
C VAL C 239 -8.81 -2.83 -52.51
N ALA C 240 -9.21 -2.52 -53.76
CA ALA C 240 -10.36 -3.20 -54.34
C ALA C 240 -10.10 -4.68 -54.56
N LYS C 241 -8.87 -5.15 -54.43
CA LYS C 241 -8.60 -6.58 -54.59
C LYS C 241 -8.53 -7.28 -53.25
N HIS C 242 -8.59 -6.53 -52.16
CA HIS C 242 -8.40 -7.15 -50.85
C HIS C 242 -9.43 -6.76 -49.80
N PHE C 243 -10.40 -5.91 -50.12
CA PHE C 243 -11.41 -5.44 -49.17
C PHE C 243 -12.79 -5.44 -49.81
N VAL C 244 -13.76 -6.08 -49.13
CA VAL C 244 -15.16 -6.03 -49.50
C VAL C 244 -15.96 -5.60 -48.28
N ALA C 245 -17.19 -5.25 -48.52
CA ALA C 245 -18.06 -4.73 -47.50
C ALA C 245 -19.39 -5.48 -47.50
N LEU C 246 -19.91 -5.75 -46.29
CA LEU C 246 -21.27 -6.25 -46.07
C LEU C 246 -22.03 -5.20 -45.28
N SER C 247 -22.99 -4.54 -45.90
CA SER C 247 -23.62 -3.42 -45.20
C SER C 247 -25.01 -3.19 -45.76
N THR C 248 -25.80 -2.37 -45.05
CA THR C 248 -26.99 -1.72 -45.60
C THR C 248 -26.70 -0.33 -46.17
N ASN C 249 -25.53 0.25 -45.93
CA ASN C 249 -25.29 1.66 -46.25
C ASN C 249 -24.31 1.79 -47.43
N THR C 250 -24.85 1.73 -48.66
CA THR C 250 -24.01 1.94 -49.83
C THR C 250 -23.10 3.16 -49.72
N THR C 251 -23.62 4.25 -49.14
CA THR C 251 -22.89 5.51 -49.18
C THR C 251 -21.76 5.53 -48.17
N LYS C 252 -22.03 5.04 -46.95
CA LYS C 252 -20.94 4.93 -46.00
C LYS C 252 -19.86 3.96 -46.51
N VAL C 253 -20.26 2.88 -47.20
CA VAL C 253 -19.27 1.96 -47.77
C VAL C 253 -18.43 2.63 -48.84
N LYS C 254 -19.07 3.41 -49.69
CA LYS C 254 -18.33 4.10 -50.74
C LYS C 254 -17.40 5.14 -50.12
N GLU C 255 -17.90 5.84 -49.12
CA GLU C 255 -17.08 6.84 -48.43
C GLU C 255 -15.85 6.23 -47.76
N PHE C 256 -15.88 4.94 -47.39
CA PHE C 256 -14.68 4.28 -46.85
C PHE C 256 -13.66 3.93 -47.95
N GLY C 257 -14.02 3.99 -49.23
CA GLY C 257 -13.07 3.66 -50.27
C GLY C 257 -13.06 2.23 -50.77
N ILE C 258 -14.20 1.49 -50.65
CA ILE C 258 -14.32 0.17 -51.27
C ILE C 258 -15.16 0.29 -52.54
N ASP C 259 -14.70 -0.42 -53.59
CA ASP C 259 -15.39 -0.49 -54.89
C ASP C 259 -16.84 -0.96 -54.76
N PRO C 260 -17.81 -0.26 -55.35
CA PRO C 260 -19.23 -0.61 -55.11
C PRO C 260 -19.67 -1.98 -55.61
N GLN C 261 -18.97 -2.60 -56.54
CA GLN C 261 -19.37 -3.96 -56.86
C GLN C 261 -18.82 -5.00 -55.88
N ASN C 262 -17.98 -4.56 -54.93
CA ASN C 262 -17.53 -5.33 -53.78
C ASN C 262 -18.42 -5.14 -52.55
N MET C 263 -19.60 -4.54 -52.70
CA MET C 263 -20.52 -4.38 -51.60
C MET C 263 -21.61 -5.44 -51.68
N PHE C 264 -21.85 -6.13 -50.58
CA PHE C 264 -22.90 -7.13 -50.49
C PHE C 264 -23.97 -6.60 -49.53
N GLU C 265 -25.18 -6.36 -50.05
CA GLU C 265 -26.16 -5.60 -49.31
C GLU C 265 -27.11 -6.51 -48.52
N PHE C 266 -27.63 -5.96 -47.43
CA PHE C 266 -28.78 -6.51 -46.75
C PHE C 266 -29.67 -5.32 -46.38
N TRP C 267 -30.63 -5.50 -45.47
CA TRP C 267 -31.77 -4.61 -45.40
C TRP C 267 -32.15 -4.36 -43.96
N ASP C 268 -32.94 -3.28 -43.77
CA ASP C 268 -33.20 -2.82 -42.42
C ASP C 268 -34.03 -3.83 -41.64
N TRP C 269 -34.69 -4.77 -42.33
CA TRP C 269 -35.50 -5.76 -41.67
C TRP C 269 -34.73 -7.03 -41.33
N VAL C 270 -33.40 -7.01 -41.53
CA VAL C 270 -32.47 -8.02 -41.04
C VAL C 270 -31.84 -7.49 -39.77
N GLY C 271 -32.26 -7.99 -38.62
CA GLY C 271 -31.61 -7.58 -37.40
C GLY C 271 -30.21 -8.15 -37.32
N GLY C 272 -29.29 -7.38 -36.74
CA GLY C 272 -27.93 -7.87 -36.66
C GLY C 272 -27.81 -9.27 -36.06
N ARG C 273 -28.47 -9.50 -34.93
CA ARG C 273 -28.43 -10.82 -34.26
C ARG C 273 -29.24 -11.90 -34.97
N TYR C 274 -29.86 -11.57 -36.09
CA TYR C 274 -30.54 -12.54 -36.98
C TYR C 274 -29.95 -12.48 -38.39
N SER C 275 -28.69 -12.08 -38.51
CA SER C 275 -28.16 -11.68 -39.80
C SER C 275 -27.21 -12.66 -40.45
N LEU C 276 -26.86 -13.77 -39.81
CA LEU C 276 -25.87 -14.62 -40.46
C LEU C 276 -26.40 -15.25 -41.77
N TRP C 277 -27.71 -15.19 -42.00
CA TRP C 277 -28.37 -15.76 -43.15
C TRP C 277 -28.26 -14.86 -44.36
N SER C 278 -27.79 -13.61 -44.17
CA SER C 278 -27.73 -12.58 -45.20
C SER C 278 -26.33 -12.54 -45.77
N ALA C 279 -26.01 -11.45 -46.48
CA ALA C 279 -24.63 -11.18 -46.85
C ALA C 279 -23.64 -11.31 -45.70
N ILE C 280 -24.09 -11.01 -44.46
CA ILE C 280 -23.20 -11.12 -43.28
C ILE C 280 -22.60 -12.53 -43.18
N GLY C 281 -23.29 -13.54 -43.72
CA GLY C 281 -22.74 -14.87 -43.79
C GLY C 281 -21.67 -15.11 -44.84
N LEU C 282 -21.19 -14.05 -45.52
CA LEU C 282 -20.23 -14.32 -46.60
C LEU C 282 -19.01 -15.13 -46.12
N SER C 283 -18.48 -14.86 -44.93
CA SER C 283 -17.31 -15.62 -44.52
C SER C 283 -17.61 -17.09 -44.31
N ILE C 284 -18.85 -17.42 -43.93
CA ILE C 284 -19.27 -18.82 -43.87
C ILE C 284 -19.16 -19.43 -45.25
N ALA C 285 -19.75 -18.76 -46.24
CA ALA C 285 -19.77 -19.33 -47.58
C ALA C 285 -18.37 -19.42 -48.16
N LEU C 286 -17.50 -18.47 -47.83
CA LEU C 286 -16.15 -18.61 -48.34
C LEU C 286 -15.47 -19.82 -47.73
N HIS C 287 -15.69 -20.07 -46.42
CA HIS C 287 -14.94 -21.09 -45.70
C HIS C 287 -15.44 -22.49 -46.02
N VAL C 288 -16.76 -22.69 -46.07
CA VAL C 288 -17.27 -24.03 -46.31
C VAL C 288 -17.90 -24.19 -47.68
N GLY C 289 -17.88 -23.14 -48.50
CA GLY C 289 -18.47 -23.17 -49.84
C GLY C 289 -19.92 -22.73 -49.85
N PHE C 290 -20.35 -22.14 -50.98
CA PHE C 290 -21.69 -21.60 -51.03
C PHE C 290 -22.75 -22.73 -51.02
N ASP C 291 -22.40 -23.91 -51.52
CA ASP C 291 -23.34 -25.03 -51.47
C ASP C 291 -23.69 -25.40 -50.02
N ASN C 292 -22.68 -25.44 -49.16
CA ASN C 292 -22.94 -25.70 -47.73
C ASN C 292 -23.68 -24.55 -47.07
N PHE C 293 -23.39 -23.31 -47.48
CA PHE C 293 -24.18 -22.18 -47.03
C PHE C 293 -25.65 -22.34 -47.43
N GLU C 294 -25.93 -22.76 -48.66
CA GLU C 294 -27.33 -22.97 -49.07
C GLU C 294 -27.99 -24.06 -48.27
N GLN C 295 -27.28 -25.11 -47.88
CA GLN C 295 -27.84 -26.12 -46.98
C GLN C 295 -28.19 -25.55 -45.61
N LEU C 296 -27.29 -24.77 -45.03
CA LEU C 296 -27.60 -24.05 -43.81
C LEU C 296 -28.90 -23.24 -43.94
N LEU C 297 -29.05 -22.47 -45.02
CA LEU C 297 -30.28 -21.73 -45.25
C LEU C 297 -31.49 -22.66 -45.36
N SER C 298 -31.30 -23.80 -46.01
CA SER C 298 -32.38 -24.76 -46.25
C SER C 298 -32.85 -25.38 -44.94
N GLY C 299 -31.89 -25.66 -44.02
CA GLY C 299 -32.24 -26.12 -42.69
C GLY C 299 -33.11 -25.14 -41.95
N ALA C 300 -32.69 -23.86 -41.92
CA ALA C 300 -33.50 -22.84 -41.28
C ALA C 300 -34.89 -22.76 -41.93
N HIS C 301 -34.91 -22.72 -43.26
CA HIS C 301 -36.20 -22.73 -43.98
C HIS C 301 -37.12 -23.87 -43.57
N TRP C 302 -36.61 -25.10 -43.45
CA TRP C 302 -37.42 -26.22 -42.93
C TRP C 302 -38.03 -25.92 -41.56
N MET C 303 -37.21 -25.46 -40.59
CA MET C 303 -37.74 -25.12 -39.28
C MET C 303 -38.71 -23.96 -39.32
N ASP C 304 -38.48 -23.01 -40.23
CA ASP C 304 -39.46 -21.93 -40.40
C ASP C 304 -40.82 -22.50 -40.79
N GLN C 305 -40.79 -23.48 -41.68
CA GLN C 305 -42.05 -24.09 -42.13
C GLN C 305 -42.66 -24.95 -41.02
N HIS C 306 -41.83 -25.70 -40.28
CA HIS C 306 -42.32 -26.41 -39.10
C HIS C 306 -43.06 -25.47 -38.16
N PHE C 307 -42.39 -24.34 -37.79
CA PHE C 307 -42.96 -23.36 -36.86
C PHE C 307 -44.29 -22.81 -37.39
N ARG C 308 -44.36 -22.58 -38.71
CA ARG C 308 -45.52 -21.94 -39.31
C ARG C 308 -46.72 -22.90 -39.43
N THR C 309 -46.46 -24.19 -39.65
CA THR C 309 -47.55 -25.14 -40.02
C THR C 309 -47.94 -26.14 -38.94
N THR C 310 -47.23 -26.20 -37.82
CA THR C 310 -47.46 -27.23 -36.85
C THR C 310 -48.38 -26.76 -35.75
N PRO C 311 -49.44 -27.52 -35.41
CA PRO C 311 -50.25 -27.18 -34.24
C PRO C 311 -49.40 -26.90 -33.01
N LEU C 312 -49.84 -25.93 -32.22
CA LEU C 312 -48.99 -25.41 -31.14
C LEU C 312 -48.53 -26.52 -30.22
N GLU C 313 -49.41 -27.48 -29.92
CA GLU C 313 -49.06 -28.46 -28.92
C GLU C 313 -47.99 -29.43 -29.39
N LYS C 314 -47.57 -29.38 -30.66
CA LYS C 314 -46.55 -30.29 -31.18
C LYS C 314 -45.45 -29.46 -31.88
N ASN C 315 -45.37 -28.16 -31.59
CA ASN C 315 -44.55 -27.22 -32.32
C ASN C 315 -43.27 -26.92 -31.52
N ALA C 316 -42.10 -27.36 -32.04
CA ALA C 316 -40.91 -27.43 -31.17
C ALA C 316 -40.53 -26.08 -30.59
N PRO C 317 -40.42 -25.01 -31.37
CA PRO C 317 -40.03 -23.71 -30.79
C PRO C 317 -41.05 -23.19 -29.81
N VAL C 318 -42.34 -23.40 -30.10
CA VAL C 318 -43.37 -23.00 -29.15
C VAL C 318 -43.19 -23.74 -27.82
N LEU C 319 -42.96 -25.07 -27.86
CA LEU C 319 -42.92 -25.82 -26.62
C LEU C 319 -41.71 -25.39 -25.78
N LEU C 320 -40.57 -25.22 -26.44
CA LEU C 320 -39.39 -24.71 -25.74
C LEU C 320 -39.68 -23.34 -25.11
N ALA C 321 -40.36 -22.47 -25.83
CA ALA C 321 -40.65 -21.14 -25.32
C ALA C 321 -41.51 -21.25 -24.08
N LEU C 322 -42.53 -22.12 -24.15
CA LEU C 322 -43.49 -22.22 -23.10
C LEU C 322 -42.85 -22.77 -21.84
N LEU C 323 -41.99 -23.78 -21.97
CA LEU C 323 -41.28 -24.30 -20.81
C LEU C 323 -40.41 -23.21 -20.21
N GLY C 324 -39.83 -22.34 -21.04
CA GLY C 324 -39.08 -21.23 -20.50
C GLY C 324 -39.93 -20.25 -19.73
N ILE C 325 -41.13 -19.96 -20.23
CA ILE C 325 -42.08 -19.11 -19.52
C ILE C 325 -42.42 -19.69 -18.17
N TRP C 326 -42.65 -21.00 -18.12
CA TRP C 326 -42.97 -21.66 -16.87
C TRP C 326 -41.88 -21.48 -15.82
N TYR C 327 -40.63 -21.67 -16.23
CA TYR C 327 -39.54 -21.55 -15.30
C TYR C 327 -39.22 -20.09 -14.96
N ILE C 328 -39.39 -19.19 -15.92
CA ILE C 328 -39.10 -17.77 -15.68
C ILE C 328 -40.19 -17.09 -14.84
N ASN C 329 -41.44 -17.24 -15.24
CA ASN C 329 -42.52 -16.47 -14.66
C ASN C 329 -43.27 -17.16 -13.55
N CYS C 330 -43.10 -18.47 -13.37
CA CYS C 330 -43.70 -19.15 -12.23
C CYS C 330 -42.63 -19.58 -11.23
N PHE C 331 -41.58 -20.28 -11.68
CA PHE C 331 -40.49 -20.63 -10.77
C PHE C 331 -39.50 -19.49 -10.50
N GLY C 332 -39.46 -18.45 -11.31
CA GLY C 332 -38.52 -17.41 -11.00
C GLY C 332 -37.07 -17.68 -11.29
N CYS C 333 -36.75 -18.62 -12.18
CA CYS C 333 -35.36 -18.84 -12.58
C CYS C 333 -34.80 -17.69 -13.41
N GLU C 334 -33.66 -17.14 -12.98
CA GLU C 334 -33.07 -16.05 -13.73
C GLU C 334 -32.35 -16.50 -15.00
N THR C 335 -31.90 -17.76 -15.07
CA THR C 335 -30.94 -18.16 -16.09
C THR C 335 -31.44 -19.37 -16.84
N HIS C 336 -30.80 -19.57 -17.97
CA HIS C 336 -31.05 -20.71 -18.84
C HIS C 336 -29.71 -21.16 -19.39
N ALA C 337 -29.33 -22.41 -19.12
CA ALA C 337 -28.04 -22.89 -19.57
C ALA C 337 -28.17 -23.72 -20.84
N MET C 338 -27.27 -23.44 -21.80
CA MET C 338 -27.17 -24.15 -23.07
C MET C 338 -25.85 -24.94 -23.10
N LEU C 339 -25.98 -26.26 -23.07
CA LEU C 339 -24.89 -27.22 -22.86
C LEU C 339 -24.83 -28.20 -24.04
N PRO C 340 -24.27 -27.80 -25.17
CA PRO C 340 -24.08 -28.74 -26.29
C PRO C 340 -22.90 -29.68 -26.04
N TYR C 341 -23.13 -30.96 -26.18
CA TYR C 341 -22.06 -31.95 -26.01
C TYR C 341 -21.35 -32.16 -27.33
N ASP C 342 -20.60 -31.14 -27.71
CA ASP C 342 -20.04 -31.01 -29.04
C ASP C 342 -19.06 -29.86 -29.00
N GLN C 343 -17.78 -30.19 -29.16
CA GLN C 343 -16.74 -29.18 -29.14
C GLN C 343 -16.88 -28.22 -30.34
N TYR C 344 -17.36 -28.71 -31.48
CA TYR C 344 -17.56 -27.80 -32.61
C TYR C 344 -18.58 -26.71 -32.25
N LEU C 345 -19.59 -27.02 -31.41
CA LEU C 345 -20.54 -26.01 -30.95
C LEU C 345 -20.05 -25.17 -29.74
N HIS C 346 -18.75 -25.05 -29.58
CA HIS C 346 -18.26 -24.35 -28.39
C HIS C 346 -18.64 -22.91 -28.33
N ARG C 347 -19.13 -22.31 -29.43
CA ARG C 347 -19.54 -20.90 -29.40
C ARG C 347 -21.04 -20.74 -29.57
N PHE C 348 -21.80 -21.83 -29.46
CA PHE C 348 -23.25 -21.79 -29.63
C PHE C 348 -23.94 -21.03 -28.50
N ALA C 349 -23.63 -21.36 -27.22
CA ALA C 349 -24.21 -20.61 -26.11
C ALA C 349 -23.88 -19.13 -26.22
N ALA C 350 -22.66 -18.80 -26.58
CA ALA C 350 -22.28 -17.40 -26.69
C ALA C 350 -23.10 -16.69 -27.78
N TYR C 351 -23.37 -17.38 -28.88
CA TYR C 351 -24.23 -16.79 -29.92
C TYR C 351 -25.63 -16.50 -29.37
N PHE C 352 -26.19 -17.41 -28.62
CA PHE C 352 -27.53 -17.15 -28.11
C PHE C 352 -27.56 -16.25 -26.90
N GLN C 353 -26.41 -15.92 -26.31
CA GLN C 353 -26.41 -14.79 -25.38
C GLN C 353 -26.88 -13.55 -26.08
N GLN C 354 -26.40 -13.30 -27.32
CA GLN C 354 -26.93 -12.16 -28.03
C GLN C 354 -28.32 -12.43 -28.53
N GLY C 355 -28.54 -13.57 -29.13
CA GLY C 355 -29.80 -13.78 -29.78
C GLY C 355 -30.97 -13.74 -28.82
N ASP C 356 -30.81 -14.34 -27.65
CA ASP C 356 -31.84 -14.34 -26.62
C ASP C 356 -31.78 -13.04 -25.82
N MET C 357 -30.60 -12.68 -25.25
CA MET C 357 -30.65 -11.62 -24.26
C MET C 357 -30.80 -10.25 -24.86
N GLU C 358 -30.26 -10.00 -26.06
CA GLU C 358 -30.47 -8.70 -26.68
C GLU C 358 -31.89 -8.58 -27.24
N SER C 359 -32.53 -9.71 -27.55
CA SER C 359 -33.95 -9.68 -27.98
C SER C 359 -34.90 -9.44 -26.82
N ASN C 360 -34.82 -10.26 -25.79
CA ASN C 360 -35.84 -10.28 -24.74
C ASN C 360 -35.39 -9.68 -23.42
N GLY C 361 -34.19 -9.08 -23.38
CA GLY C 361 -33.77 -8.32 -22.24
C GLY C 361 -34.43 -6.96 -22.27
N LYS C 362 -35.75 -6.93 -22.03
CA LYS C 362 -36.59 -5.74 -22.21
C LYS C 362 -37.51 -5.55 -21.01
N TYR C 363 -38.07 -4.32 -20.89
CA TYR C 363 -38.98 -4.06 -19.79
C TYR C 363 -40.15 -3.15 -20.14
N ILE C 364 -40.28 -2.72 -21.37
CA ILE C 364 -41.41 -1.92 -21.83
C ILE C 364 -42.20 -2.73 -22.83
N THR C 365 -43.52 -2.73 -22.66
CA THR C 365 -44.41 -3.50 -23.51
C THR C 365 -44.90 -2.70 -24.71
N LYS C 366 -45.60 -3.39 -25.61
CA LYS C 366 -46.12 -2.74 -26.81
C LYS C 366 -46.97 -1.51 -26.48
N SER C 367 -47.69 -1.53 -25.36
CA SER C 367 -48.51 -0.39 -25.04
C SER C 367 -47.73 0.72 -24.33
N GLY C 368 -46.39 0.64 -24.26
CA GLY C 368 -45.63 1.60 -23.48
C GLY C 368 -45.64 1.42 -21.97
N THR C 369 -46.35 0.42 -21.43
CA THR C 369 -46.39 0.14 -20.00
C THR C 369 -45.17 -0.66 -19.57
N ARG C 370 -44.65 -0.36 -18.40
CA ARG C 370 -43.61 -1.20 -17.82
C ARG C 370 -44.13 -2.60 -17.51
N VAL C 371 -43.34 -3.63 -17.85
CA VAL C 371 -43.64 -4.97 -17.37
C VAL C 371 -43.71 -5.02 -15.83
N ASP C 372 -44.54 -5.91 -15.29
CA ASP C 372 -44.54 -6.19 -13.86
C ASP C 372 -44.30 -7.66 -13.62
N HIS C 373 -43.40 -8.22 -14.40
CA HIS C 373 -43.05 -9.62 -14.42
C HIS C 373 -41.68 -9.74 -15.06
N GLN C 374 -41.09 -10.92 -14.94
CA GLN C 374 -39.77 -11.17 -15.52
C GLN C 374 -39.87 -11.26 -17.02
N THR C 375 -38.82 -10.82 -17.67
CA THR C 375 -38.63 -11.10 -19.09
C THR C 375 -37.44 -12.05 -19.31
N GLY C 376 -36.64 -11.80 -20.36
CA GLY C 376 -35.67 -12.78 -20.86
C GLY C 376 -34.64 -13.18 -19.79
N PRO C 377 -34.20 -14.45 -19.86
CA PRO C 377 -33.19 -14.93 -18.91
C PRO C 377 -31.77 -14.61 -19.33
N ILE C 378 -30.86 -14.76 -18.35
CA ILE C 378 -29.43 -14.81 -18.62
C ILE C 378 -29.08 -16.19 -19.19
N VAL C 379 -28.55 -16.18 -20.39
CA VAL C 379 -28.15 -17.37 -21.11
C VAL C 379 -26.66 -17.57 -20.91
N TRP C 380 -26.26 -18.80 -20.61
CA TRP C 380 -24.85 -19.09 -20.43
C TRP C 380 -24.60 -20.56 -20.71
N GLY C 381 -23.34 -20.94 -20.75
CA GLY C 381 -23.01 -22.36 -20.81
C GLY C 381 -21.71 -22.59 -21.54
N GLU C 382 -21.20 -23.80 -21.37
CA GLU C 382 -20.03 -24.28 -22.08
C GLU C 382 -20.35 -25.66 -22.61
N PRO C 383 -19.64 -26.11 -23.62
CA PRO C 383 -19.93 -27.45 -24.17
C PRO C 383 -19.56 -28.53 -23.18
N GLY C 384 -20.34 -29.63 -23.21
CA GLY C 384 -19.94 -30.81 -22.48
C GLY C 384 -18.91 -31.58 -23.27
N THR C 385 -18.03 -32.32 -22.56
CA THR C 385 -17.98 -32.46 -21.12
C THR C 385 -17.23 -31.37 -20.36
N ASN C 386 -16.74 -30.35 -21.05
CA ASN C 386 -15.89 -29.32 -20.37
C ASN C 386 -16.67 -28.67 -19.23
N GLY C 387 -17.94 -28.30 -19.47
CA GLY C 387 -18.71 -27.65 -18.42
C GLY C 387 -18.95 -28.55 -17.25
N GLN C 388 -19.07 -29.83 -17.53
CA GLN C 388 -19.21 -30.84 -16.50
C GLN C 388 -18.14 -30.79 -15.43
N HIS C 389 -16.91 -30.50 -15.82
CA HIS C 389 -15.78 -30.44 -14.93
C HIS C 389 -15.49 -29.03 -14.45
N ALA C 390 -16.39 -28.09 -14.73
CA ALA C 390 -16.22 -26.71 -14.29
C ALA C 390 -17.27 -26.32 -13.28
N PHE C 391 -18.56 -26.41 -13.67
CA PHE C 391 -19.58 -25.79 -12.89
C PHE C 391 -20.79 -26.69 -12.61
N TYR C 392 -20.76 -27.94 -13.04
CA TYR C 392 -21.92 -28.76 -12.75
C TYR C 392 -22.06 -29.03 -11.25
N GLN C 393 -21.00 -28.92 -10.47
CA GLN C 393 -21.13 -29.06 -9.00
C GLN C 393 -22.26 -28.16 -8.49
N LEU C 394 -22.33 -26.94 -9.03
CA LEU C 394 -23.34 -26.00 -8.59
C LEU C 394 -24.71 -26.38 -9.10
N ILE C 395 -24.77 -26.93 -10.32
CA ILE C 395 -26.06 -27.35 -10.90
C ILE C 395 -26.66 -28.50 -10.06
N HIS C 396 -25.82 -29.44 -9.61
CA HIS C 396 -26.24 -30.59 -8.81
C HIS C 396 -26.50 -30.27 -7.34
N GLN C 397 -25.58 -29.51 -6.69
CA GLN C 397 -25.60 -29.34 -5.24
C GLN C 397 -25.55 -27.89 -4.81
N GLY C 398 -25.86 -26.94 -5.69
CA GLY C 398 -25.99 -25.55 -5.29
C GLY C 398 -27.40 -25.23 -4.81
N THR C 399 -27.69 -23.93 -4.73
CA THR C 399 -28.96 -23.42 -4.20
C THR C 399 -29.81 -22.74 -5.30
N LYS C 400 -29.51 -23.02 -6.56
CA LYS C 400 -30.13 -22.35 -7.70
C LYS C 400 -30.83 -23.36 -8.59
N MET C 401 -32.03 -23.04 -9.03
CA MET C 401 -32.74 -23.80 -10.07
C MET C 401 -32.34 -23.26 -11.42
N ILE C 402 -31.84 -24.12 -12.30
CA ILE C 402 -31.20 -23.72 -13.57
C ILE C 402 -31.75 -24.62 -14.67
N PRO C 403 -32.76 -24.19 -15.40
CA PRO C 403 -33.19 -25.00 -16.55
C PRO C 403 -32.03 -25.10 -17.54
N CYS C 404 -31.73 -26.35 -17.95
CA CYS C 404 -30.64 -26.67 -18.87
C CYS C 404 -31.16 -27.32 -20.12
N ASP C 405 -30.64 -26.88 -21.28
CA ASP C 405 -30.80 -27.61 -22.54
C ASP C 405 -29.50 -28.37 -22.86
N PHE C 406 -29.59 -29.69 -22.92
CA PHE C 406 -28.49 -30.56 -23.30
C PHE C 406 -28.68 -30.96 -24.76
N LEU C 407 -27.67 -30.71 -25.61
CA LEU C 407 -27.78 -31.00 -27.03
C LEU C 407 -26.65 -31.93 -27.44
N ILE C 408 -26.95 -32.85 -28.36
CA ILE C 408 -25.89 -33.70 -28.90
C ILE C 408 -26.23 -34.33 -30.25
N PRO C 409 -25.26 -34.47 -31.14
CA PRO C 409 -25.47 -35.27 -32.35
C PRO C 409 -25.21 -36.73 -32.09
N VAL C 410 -26.06 -37.59 -32.67
CA VAL C 410 -25.85 -39.03 -32.53
C VAL C 410 -24.56 -39.45 -33.20
N GLN C 411 -24.34 -38.97 -34.42
CA GLN C 411 -23.19 -39.30 -35.25
C GLN C 411 -22.12 -38.21 -35.13
N THR C 412 -20.92 -38.62 -34.77
CA THR C 412 -19.79 -37.68 -34.67
C THR C 412 -19.11 -37.48 -36.03
N GLN C 413 -18.52 -36.28 -36.21
CA GLN C 413 -17.70 -36.00 -37.37
C GLN C 413 -16.34 -36.70 -37.28
N HIS C 414 -15.96 -37.20 -36.10
CA HIS C 414 -14.66 -37.81 -35.90
C HIS C 414 -14.79 -39.12 -35.14
N PRO C 415 -15.17 -40.20 -35.84
CA PRO C 415 -15.43 -41.47 -35.14
C PRO C 415 -14.15 -42.25 -34.87
N ILE C 416 -13.23 -41.57 -34.19
CA ILE C 416 -11.92 -42.15 -33.85
C ILE C 416 -12.07 -43.27 -32.82
N ARG C 417 -11.03 -44.11 -32.76
CA ARG C 417 -11.00 -45.23 -31.83
C ARG C 417 -12.27 -46.10 -31.94
N LYS C 418 -12.75 -46.33 -33.18
CA LYS C 418 -13.94 -47.17 -33.43
C LYS C 418 -15.15 -46.70 -32.63
N GLY C 419 -15.26 -45.38 -32.41
CA GLY C 419 -16.39 -44.78 -31.71
C GLY C 419 -16.22 -44.57 -30.22
N LEU C 420 -15.06 -44.91 -29.65
CA LEU C 420 -14.96 -44.94 -28.21
C LEU C 420 -15.20 -43.57 -27.57
N HIS C 421 -14.58 -42.53 -28.12
CA HIS C 421 -14.79 -41.21 -27.56
C HIS C 421 -16.27 -40.82 -27.59
N HIS C 422 -16.93 -41.04 -28.72
CA HIS C 422 -18.32 -40.59 -28.80
C HIS C 422 -19.22 -41.44 -27.90
N LYS C 423 -18.89 -42.72 -27.71
CA LYS C 423 -19.63 -43.53 -26.77
C LYS C 423 -19.57 -42.95 -25.36
N ILE C 424 -18.38 -42.55 -24.94
CA ILE C 424 -18.24 -41.95 -23.62
C ILE C 424 -18.97 -40.60 -23.56
N LEU C 425 -18.90 -39.82 -24.63
CA LEU C 425 -19.56 -38.54 -24.62
C LEU C 425 -21.08 -38.70 -24.52
N LEU C 426 -21.64 -39.63 -25.32
CA LEU C 426 -23.08 -39.94 -25.22
C LEU C 426 -23.45 -40.41 -23.82
N ALA C 427 -22.63 -41.26 -23.21
CA ALA C 427 -22.95 -41.75 -21.87
C ALA C 427 -23.01 -40.62 -20.85
N ASN C 428 -22.13 -39.64 -20.99
CA ASN C 428 -22.11 -38.54 -20.05
C ASN C 428 -23.30 -37.63 -20.31
N PHE C 429 -23.60 -37.38 -21.58
CA PHE C 429 -24.79 -36.62 -21.97
C PHE C 429 -26.04 -37.21 -21.31
N LEU C 430 -26.20 -38.52 -21.39
CA LEU C 430 -27.39 -39.17 -20.82
C LEU C 430 -27.39 -39.22 -19.30
N ALA C 431 -26.23 -39.56 -18.72
CA ALA C 431 -26.12 -39.71 -17.26
C ALA C 431 -26.35 -38.40 -16.55
N GLN C 432 -25.90 -37.28 -17.17
CA GLN C 432 -26.02 -36.06 -16.44
C GLN C 432 -27.46 -35.64 -16.23
N THR C 433 -28.31 -35.77 -17.25
CA THR C 433 -29.71 -35.41 -17.08
C THR C 433 -30.44 -36.42 -16.19
N GLU C 434 -30.05 -37.70 -16.31
CA GLU C 434 -30.57 -38.73 -15.40
C GLU C 434 -30.20 -38.38 -13.97
N ALA C 435 -28.93 -37.98 -13.74
CA ALA C 435 -28.53 -37.64 -12.38
C ALA C 435 -29.28 -36.41 -11.85
N LEU C 436 -29.39 -35.37 -12.67
CA LEU C 436 -30.11 -34.17 -12.27
C LEU C 436 -31.56 -34.46 -11.93
N MET C 437 -32.16 -35.40 -12.62
CA MET C 437 -33.55 -35.76 -12.35
C MET C 437 -33.66 -36.62 -11.10
N ARG C 438 -32.85 -37.69 -11.04
CA ARG C 438 -33.00 -38.72 -10.01
C ARG C 438 -32.45 -38.25 -8.65
N GLY C 439 -31.30 -37.56 -8.67
CA GLY C 439 -30.66 -37.40 -7.37
C GLY C 439 -30.21 -38.73 -6.71
N LYS C 440 -29.93 -38.61 -5.41
CA LYS C 440 -29.46 -39.72 -4.58
C LYS C 440 -29.89 -39.41 -3.15
N SER C 441 -30.77 -40.24 -2.60
CA SER C 441 -31.33 -39.94 -1.31
C SER C 441 -30.34 -40.28 -0.19
N THR C 442 -30.63 -39.75 0.98
CA THR C 442 -29.90 -40.13 2.18
C THR C 442 -29.82 -41.65 2.32
N GLU C 443 -30.94 -42.33 2.13
CA GLU C 443 -30.94 -43.78 2.32
C GLU C 443 -30.00 -44.45 1.33
N GLU C 444 -30.05 -44.01 0.05
CA GLU C 444 -29.17 -44.59 -0.96
C GLU C 444 -27.71 -44.25 -0.67
N ALA C 445 -27.44 -43.02 -0.26
CA ALA C 445 -26.06 -42.61 0.04
C ALA C 445 -25.51 -43.36 1.25
N ARG C 446 -26.34 -43.52 2.29
CA ARG C 446 -25.95 -44.29 3.47
C ARG C 446 -25.55 -45.71 3.09
N LYS C 447 -26.35 -46.36 2.25
CA LYS C 447 -26.03 -47.72 1.83
C LYS C 447 -24.72 -47.78 1.06
N GLU C 448 -24.47 -46.83 0.15
CA GLU C 448 -23.17 -46.82 -0.53
C GLU C 448 -22.02 -46.68 0.47
N LEU C 449 -22.15 -45.76 1.43
CA LEU C 449 -21.05 -45.56 2.37
C LEU C 449 -20.83 -46.80 3.23
N GLN C 450 -21.90 -47.46 3.66
CA GLN C 450 -21.74 -48.70 4.41
C GLN C 450 -21.05 -49.76 3.57
N ALA C 451 -21.49 -49.94 2.32
CA ALA C 451 -20.89 -50.93 1.44
C ALA C 451 -19.42 -50.65 1.21
N ALA C 452 -19.02 -49.38 1.27
CA ALA C 452 -17.64 -48.99 1.08
C ALA C 452 -16.84 -49.07 2.38
N GLY C 453 -17.46 -49.55 3.45
CA GLY C 453 -16.74 -49.89 4.64
C GLY C 453 -16.45 -48.75 5.56
N LYS C 454 -17.17 -47.63 5.42
CA LYS C 454 -16.92 -46.50 6.31
C LYS C 454 -17.32 -46.82 7.75
N SER C 455 -16.53 -46.32 8.72
CA SER C 455 -16.89 -46.40 10.13
C SER C 455 -18.16 -45.60 10.36
N PRO C 456 -18.88 -45.85 11.46
CA PRO C 456 -20.10 -45.05 11.69
C PRO C 456 -19.81 -43.59 11.88
N GLU C 457 -18.70 -43.24 12.54
CA GLU C 457 -18.35 -41.83 12.71
C GLU C 457 -18.11 -41.16 11.36
N ASP C 458 -17.23 -41.74 10.53
CA ASP C 458 -16.96 -41.21 9.19
C ASP C 458 -18.21 -41.23 8.30
N LEU C 459 -18.98 -42.32 8.33
CA LEU C 459 -20.22 -42.32 7.56
C LEU C 459 -21.10 -41.13 7.95
N GLU C 460 -21.33 -40.93 9.24
CA GLU C 460 -22.30 -39.90 9.60
C GLU C 460 -21.76 -38.51 9.32
N ARG C 461 -20.45 -38.35 9.39
CA ARG C 461 -19.85 -37.06 9.07
C ARG C 461 -20.01 -36.74 7.59
N LEU C 462 -19.83 -37.73 6.74
CA LEU C 462 -19.84 -37.52 5.29
C LEU C 462 -21.23 -37.57 4.67
N LEU C 463 -22.14 -38.36 5.25
CA LEU C 463 -23.40 -38.68 4.61
C LEU C 463 -24.12 -37.48 4.01
N PRO C 464 -24.40 -36.40 4.74
CA PRO C 464 -25.22 -35.34 4.13
C PRO C 464 -24.55 -34.72 2.91
N HIS C 465 -23.21 -34.70 2.87
CA HIS C 465 -22.51 -34.12 1.73
C HIS C 465 -22.67 -34.95 0.46
N LYS C 466 -23.06 -36.24 0.57
CA LYS C 466 -23.16 -37.13 -0.58
C LYS C 466 -24.58 -37.18 -1.14
N VAL C 467 -25.47 -36.47 -0.54
CA VAL C 467 -26.87 -36.51 -0.96
C VAL C 467 -27.08 -35.55 -2.10
N PHE C 468 -27.83 -36.00 -3.13
CA PHE C 468 -28.24 -35.17 -4.26
C PHE C 468 -29.74 -35.01 -4.19
N GLU C 469 -30.22 -33.78 -4.00
CA GLU C 469 -31.67 -33.58 -3.93
C GLU C 469 -32.39 -33.81 -5.27
N GLY C 470 -31.69 -33.71 -6.39
CA GLY C 470 -32.30 -33.98 -7.66
C GLY C 470 -33.45 -33.05 -7.99
N ASN C 471 -34.36 -33.58 -8.82
CA ASN C 471 -35.55 -32.81 -9.24
C ASN C 471 -35.17 -31.57 -10.05
N ARG C 472 -34.04 -31.64 -10.76
CA ARG C 472 -33.53 -30.51 -11.52
C ARG C 472 -33.80 -30.72 -12.99
N PRO C 473 -34.57 -29.84 -13.63
CA PRO C 473 -35.16 -30.22 -14.93
C PRO C 473 -34.26 -29.83 -16.08
N THR C 474 -34.40 -30.63 -17.13
CA THR C 474 -33.62 -30.47 -18.35
C THR C 474 -34.47 -30.74 -19.58
N ASN C 475 -34.05 -30.14 -20.71
CA ASN C 475 -34.41 -30.61 -22.04
C ASN C 475 -33.23 -31.40 -22.58
N SER C 476 -33.50 -32.48 -23.32
CA SER C 476 -32.52 -33.16 -24.13
C SER C 476 -32.92 -33.04 -25.58
N ILE C 477 -32.02 -32.49 -26.38
CA ILE C 477 -32.20 -32.27 -27.81
C ILE C 477 -31.16 -33.09 -28.55
N VAL C 478 -31.60 -34.16 -29.20
CA VAL C 478 -30.72 -35.11 -29.86
C VAL C 478 -31.03 -35.11 -31.34
N PHE C 479 -29.98 -35.06 -32.17
CA PHE C 479 -30.18 -34.93 -33.62
C PHE C 479 -29.17 -35.82 -34.34
N THR C 480 -29.56 -36.26 -35.53
CA THR C 480 -28.78 -37.32 -36.19
C THR C 480 -27.32 -36.91 -36.35
N LYS C 481 -27.07 -35.74 -36.91
CA LYS C 481 -25.69 -35.34 -37.21
C LYS C 481 -25.61 -33.84 -37.36
N LEU C 482 -24.52 -33.23 -36.91
CA LEU C 482 -24.40 -31.76 -37.03
C LEU C 482 -23.80 -31.41 -38.39
N THR C 483 -24.68 -31.42 -39.39
CA THR C 483 -24.46 -30.98 -40.74
C THR C 483 -24.84 -29.51 -40.89
N PRO C 484 -24.50 -28.89 -42.04
CA PRO C 484 -24.97 -27.54 -42.33
C PRO C 484 -26.47 -27.38 -42.26
N PHE C 485 -27.20 -28.26 -42.89
CA PHE C 485 -28.65 -28.21 -42.76
C PHE C 485 -29.08 -28.31 -41.31
N MET C 486 -28.57 -29.29 -40.57
CA MET C 486 -29.15 -29.44 -39.24
C MET C 486 -28.77 -28.25 -38.36
N LEU C 487 -27.58 -27.69 -38.51
CA LEU C 487 -27.27 -26.48 -37.70
C LEU C 487 -28.26 -25.35 -38.01
N GLY C 488 -28.60 -25.18 -39.31
CA GLY C 488 -29.56 -24.18 -39.68
C GLY C 488 -30.90 -24.39 -39.01
N ALA C 489 -31.36 -25.64 -38.99
CA ALA C 489 -32.62 -25.94 -38.35
C ALA C 489 -32.56 -25.67 -36.85
N LEU C 490 -31.47 -26.04 -36.20
CA LEU C 490 -31.36 -25.81 -34.76
C LEU C 490 -31.29 -24.32 -34.39
N VAL C 491 -30.53 -23.53 -35.15
CA VAL C 491 -30.45 -22.08 -34.88
C VAL C 491 -31.82 -21.44 -35.08
N ALA C 492 -32.51 -21.83 -36.16
CA ALA C 492 -33.83 -21.26 -36.41
C ALA C 492 -34.79 -21.68 -35.32
N MET C 493 -34.64 -22.87 -34.79
CA MET C 493 -35.58 -23.31 -33.75
C MET C 493 -35.47 -22.39 -32.56
N TYR C 494 -34.26 -22.04 -32.15
CA TYR C 494 -34.13 -21.13 -31.03
C TYR C 494 -34.51 -19.70 -31.37
N GLU C 495 -34.25 -19.23 -32.61
CA GLU C 495 -34.80 -17.94 -33.01
C GLU C 495 -36.30 -17.88 -32.75
N HIS C 496 -37.04 -18.91 -33.20
CA HIS C 496 -38.48 -18.86 -33.01
C HIS C 496 -38.90 -19.06 -31.57
N LYS C 497 -38.14 -19.82 -30.78
CA LYS C 497 -38.38 -19.84 -29.34
C LYS C 497 -38.41 -18.42 -28.80
N ILE C 498 -37.36 -17.66 -29.13
CA ILE C 498 -37.16 -16.32 -28.64
C ILE C 498 -38.32 -15.40 -29.07
N PHE C 499 -38.78 -15.57 -30.31
CA PHE C 499 -39.92 -14.82 -30.83
C PHE C 499 -41.17 -15.13 -30.01
N VAL C 500 -41.44 -16.42 -29.80
CA VAL C 500 -42.66 -16.76 -29.06
C VAL C 500 -42.62 -16.17 -27.65
N GLN C 501 -41.45 -16.19 -27.01
CA GLN C 501 -41.42 -15.71 -25.64
C GLN C 501 -41.68 -14.22 -25.61
N GLY C 502 -41.12 -13.52 -26.58
CA GLY C 502 -41.34 -12.08 -26.70
C GLY C 502 -42.81 -11.72 -26.90
N ILE C 503 -43.52 -12.47 -27.75
CA ILE C 503 -44.93 -12.19 -27.95
C ILE C 503 -45.70 -12.43 -26.65
N ILE C 504 -45.36 -13.49 -25.93
CA ILE C 504 -46.05 -13.77 -24.67
C ILE C 504 -45.85 -12.64 -23.66
N TRP C 505 -44.62 -12.09 -23.57
CA TRP C 505 -44.32 -11.00 -22.63
C TRP C 505 -44.76 -9.63 -23.17
N ASP C 506 -45.22 -9.54 -24.40
CA ASP C 506 -45.68 -8.29 -25.02
C ASP C 506 -44.58 -7.28 -25.17
N ILE C 507 -43.36 -7.73 -25.44
CA ILE C 507 -42.22 -6.85 -25.63
C ILE C 507 -41.82 -6.93 -27.08
N ASN C 508 -40.89 -6.03 -27.48
CA ASN C 508 -40.31 -6.05 -28.82
C ASN C 508 -39.01 -6.85 -28.80
N SER C 509 -39.02 -8.01 -29.42
CA SER C 509 -37.84 -8.86 -29.52
C SER C 509 -36.80 -8.32 -30.49
N PHE C 510 -37.10 -7.26 -31.23
CA PHE C 510 -36.34 -6.94 -32.43
C PHE C 510 -35.69 -5.56 -32.42
N ASP C 511 -35.84 -4.79 -31.35
CA ASP C 511 -35.15 -3.52 -31.15
C ASP C 511 -34.04 -3.69 -30.13
N GLN C 512 -33.34 -2.60 -29.83
CA GLN C 512 -32.22 -2.66 -28.88
C GLN C 512 -31.85 -1.25 -28.47
N TRP C 513 -32.82 -0.57 -27.88
CA TRP C 513 -32.59 0.80 -27.43
C TRP C 513 -31.66 0.83 -26.24
N GLY C 514 -31.49 -0.30 -25.55
CA GLY C 514 -30.64 -0.41 -24.38
C GLY C 514 -29.17 -0.19 -24.61
N VAL C 515 -28.72 -0.12 -25.86
CA VAL C 515 -27.29 0.02 -26.10
C VAL C 515 -26.91 1.48 -26.29
N GLU C 516 -27.89 2.39 -26.38
CA GLU C 516 -27.59 3.76 -26.75
C GLU C 516 -26.84 4.55 -25.68
N LEU C 517 -27.23 4.44 -24.41
CA LEU C 517 -26.69 5.32 -23.38
C LEU C 517 -25.19 5.11 -23.22
N GLY C 518 -24.77 3.84 -23.22
CA GLY C 518 -23.33 3.61 -23.12
C GLY C 518 -22.57 4.18 -24.31
N LYS C 519 -23.18 4.15 -25.50
CA LYS C 519 -22.51 4.71 -26.67
C LYS C 519 -22.42 6.23 -26.56
N GLN C 520 -23.49 6.89 -26.11
CA GLN C 520 -23.40 8.34 -25.95
C GLN C 520 -22.35 8.72 -24.91
N LEU C 521 -22.31 8.01 -23.78
CA LEU C 521 -21.38 8.41 -22.73
C LEU C 521 -19.92 8.14 -23.10
N ALA C 522 -19.66 7.14 -23.98
CA ALA C 522 -18.29 6.84 -24.39
C ALA C 522 -17.77 7.92 -25.31
N LYS C 523 -18.65 8.43 -26.18
CA LYS C 523 -18.31 9.56 -27.02
C LYS C 523 -17.92 10.78 -26.21
N LYS C 524 -18.53 10.99 -25.01
CA LYS C 524 -18.17 12.17 -24.25
C LYS C 524 -16.83 11.95 -23.55
N ILE C 525 -16.57 10.72 -23.13
CA ILE C 525 -15.36 10.45 -22.38
C ILE C 525 -14.16 10.44 -23.27
N GLU C 526 -14.30 9.99 -24.50
CA GLU C 526 -13.14 9.85 -25.36
C GLU C 526 -12.19 11.05 -25.38
N PRO C 527 -12.64 12.24 -25.75
CA PRO C 527 -11.71 13.38 -25.82
C PRO C 527 -11.12 13.69 -24.46
N GLU C 528 -11.82 13.34 -23.39
CA GLU C 528 -11.32 13.69 -22.06
C GLU C 528 -10.09 12.88 -21.65
N LEU C 529 -9.87 11.71 -22.30
CA LEU C 529 -8.73 10.88 -21.99
C LEU C 529 -7.43 11.41 -22.59
N ASP C 530 -7.50 12.27 -23.59
CA ASP C 530 -6.28 12.85 -24.16
C ASP C 530 -5.71 13.92 -23.24
N GLY C 531 -4.39 13.97 -23.17
CA GLY C 531 -3.71 14.97 -22.36
C GLY C 531 -3.71 14.62 -20.88
N SER C 532 -2.93 15.39 -20.12
CA SER C 532 -2.64 15.00 -18.74
C SER C 532 -3.57 15.64 -17.71
N ALA C 533 -4.56 16.42 -18.12
CA ALA C 533 -5.36 17.16 -17.17
C ALA C 533 -6.30 16.26 -16.39
N GLN C 534 -6.50 16.61 -15.14
CA GLN C 534 -7.50 15.96 -14.32
C GLN C 534 -8.90 16.20 -14.88
N VAL C 535 -9.76 15.20 -14.76
CA VAL C 535 -11.13 15.30 -15.20
C VAL C 535 -12.03 15.37 -13.98
N THR C 536 -12.98 16.33 -14.01
CA THR C 536 -13.85 16.65 -12.90
C THR C 536 -15.30 16.69 -13.33
N SER C 537 -15.59 16.35 -14.57
CA SER C 537 -16.90 16.63 -15.17
C SER C 537 -17.95 15.54 -14.93
N HIS C 538 -17.60 14.42 -14.30
CA HIS C 538 -18.56 13.35 -14.08
C HIS C 538 -18.81 13.15 -12.59
N ASP C 539 -19.53 12.09 -12.28
CA ASP C 539 -19.57 11.60 -10.91
C ASP C 539 -18.17 11.28 -10.43
N ALA C 540 -18.05 11.17 -9.12
CA ALA C 540 -16.74 11.03 -8.51
C ALA C 540 -16.03 9.75 -8.93
N SER C 541 -16.77 8.65 -9.17
CA SER C 541 -16.13 7.38 -9.55
C SER C 541 -15.56 7.48 -10.96
N THR C 542 -16.38 7.91 -11.91
CA THR C 542 -15.89 8.07 -13.28
C THR C 542 -14.67 9.00 -13.29
N ASN C 543 -14.73 10.11 -12.52
CA ASN C 543 -13.58 10.99 -12.46
C ASN C 543 -12.39 10.27 -11.90
N GLY C 544 -12.60 9.54 -10.80
CA GLY C 544 -11.48 8.96 -10.10
C GLY C 544 -10.83 7.88 -10.95
N LEU C 545 -11.63 7.16 -11.70
CA LEU C 545 -11.06 6.15 -12.58
C LEU C 545 -10.25 6.80 -13.68
N ILE C 546 -10.80 7.83 -14.31
CA ILE C 546 -10.07 8.52 -15.34
C ILE C 546 -8.75 9.05 -14.80
N ASN C 547 -8.76 9.59 -13.59
CA ASN C 547 -7.52 10.24 -13.13
C ASN C 547 -6.46 9.21 -12.75
N PHE C 548 -6.91 8.00 -12.33
CA PHE C 548 -5.98 6.91 -12.08
C PHE C 548 -5.39 6.42 -13.38
N ILE C 549 -6.22 6.32 -14.41
CA ILE C 549 -5.73 5.96 -15.74
C ILE C 549 -4.63 6.93 -16.18
N LYS C 550 -4.86 8.22 -15.99
CA LYS C 550 -3.86 9.21 -16.45
C LYS C 550 -2.57 9.11 -15.66
N GLN C 551 -2.68 8.88 -14.36
CA GLN C 551 -1.52 8.68 -13.51
C GLN C 551 -0.69 7.50 -13.98
N GLN C 552 -1.35 6.41 -14.29
CA GLN C 552 -0.65 5.16 -14.47
C GLN C 552 -0.25 4.93 -15.90
N ARG C 553 -0.75 5.75 -16.83
CA ARG C 553 -0.33 5.73 -18.22
C ARG C 553 1.17 5.98 -18.35
N GLU C 554 1.72 6.71 -17.41
CA GLU C 554 3.10 7.15 -17.43
C GLU C 554 4.01 6.31 -16.55
N ALA C 555 3.48 5.25 -15.94
CA ALA C 555 4.23 4.39 -15.04
C ALA C 555 5.12 3.45 -15.85
N ARG C 556 6.34 3.22 -15.37
CA ARG C 556 7.25 2.27 -15.99
C ARG C 556 7.35 1.08 -15.06
N VAL C 557 6.80 -0.07 -15.49
CA VAL C 557 6.73 -1.26 -14.64
C VAL C 557 7.99 -2.11 -14.79
N ALA D 2 4.47 47.82 21.44
CA ALA D 2 5.35 47.15 22.39
C ALA D 2 6.47 48.08 22.90
N ALA D 3 6.80 47.94 24.18
CA ALA D 3 7.76 48.85 24.81
C ALA D 3 9.06 48.91 24.02
N LEU D 4 9.62 47.75 23.69
CA LEU D 4 10.93 47.72 23.04
C LEU D 4 10.91 48.53 21.74
N THR D 5 9.91 48.32 20.88
CA THR D 5 9.98 48.90 19.54
C THR D 5 9.89 50.42 19.57
N ARG D 6 9.21 50.98 20.55
CA ARG D 6 9.16 52.44 20.68
C ARG D 6 10.34 52.99 21.47
N ASP D 7 11.26 52.14 21.89
CA ASP D 7 12.32 52.66 22.75
C ASP D 7 13.34 53.39 21.89
N PRO D 8 13.76 54.61 22.30
CA PRO D 8 14.62 55.39 21.41
C PRO D 8 15.99 54.77 21.17
N GLN D 9 16.58 54.14 22.20
CA GLN D 9 17.88 53.50 22.02
C GLN D 9 17.76 52.27 21.10
N PHE D 10 16.66 51.56 21.21
CA PHE D 10 16.43 50.43 20.29
C PHE D 10 16.26 50.91 18.84
N GLN D 11 15.46 51.95 18.62
CA GLN D 11 15.38 52.51 17.28
C GLN D 11 16.74 52.98 16.77
N LYS D 12 17.55 53.61 17.66
CA LYS D 12 18.88 54.05 17.24
C LYS D 12 19.74 52.86 16.86
N LEU D 13 19.62 51.77 17.62
CA LEU D 13 20.32 50.53 17.32
C LEU D 13 19.90 49.99 15.96
N GLN D 14 18.60 49.87 15.74
CA GLN D 14 18.06 49.42 14.46
C GLN D 14 18.61 50.24 13.29
N GLN D 15 18.56 51.57 13.41
CA GLN D 15 19.03 52.42 12.31
C GLN D 15 20.51 52.22 12.04
N TRP D 16 21.31 52.09 13.09
CA TRP D 16 22.73 51.86 12.86
C TRP D 16 22.91 50.57 12.10
N TYR D 17 22.18 49.54 12.53
CA TYR D 17 22.24 48.24 11.90
C TYR D 17 21.97 48.36 10.41
N ARG D 18 20.91 49.05 10.03
CA ARG D 18 20.63 49.15 8.60
C ARG D 18 21.74 49.87 7.84
N GLU D 19 22.42 50.81 8.50
CA GLU D 19 23.36 51.67 7.81
C GLU D 19 24.76 51.08 7.74
N HIS D 20 25.17 50.31 8.75
CA HIS D 20 26.58 49.93 8.88
C HIS D 20 26.80 48.43 8.87
N ARG D 21 25.73 47.64 8.78
CA ARG D 21 25.82 46.18 8.68
C ARG D 21 27.02 45.70 7.86
N SER D 22 27.18 46.23 6.64
CA SER D 22 28.28 45.79 5.77
C SER D 22 29.66 46.10 6.35
N GLU D 23 29.77 46.99 7.32
CA GLU D 23 31.09 47.25 7.91
C GLU D 23 31.60 46.05 8.71
N LEU D 24 30.71 45.15 9.13
CA LEU D 24 30.99 44.20 10.22
C LEU D 24 31.59 42.93 9.62
N ASN D 25 32.88 42.96 9.42
CA ASN D 25 33.65 41.82 8.98
C ASN D 25 34.69 41.55 10.05
N LEU D 26 34.68 40.34 10.60
CA LEU D 26 35.55 40.06 11.73
C LEU D 26 37.03 40.06 11.32
N ARG D 27 37.33 39.57 10.13
CA ARG D 27 38.71 39.59 9.65
C ARG D 27 39.24 41.00 9.64
N ARG D 28 38.44 41.95 9.15
CA ARG D 28 38.92 43.31 9.03
C ARG D 28 38.95 43.95 10.39
N LEU D 29 38.02 43.57 11.27
CA LEU D 29 37.99 44.14 12.61
C LEU D 29 39.22 43.72 13.41
N PHE D 30 39.60 42.46 13.34
CA PHE D 30 40.78 42.01 14.09
C PHE D 30 42.05 42.55 13.46
N ASP D 31 42.07 42.66 12.13
CA ASP D 31 43.23 43.21 11.44
C ASP D 31 43.43 44.68 11.78
N ALA D 32 42.35 45.41 12.06
CA ALA D 32 42.44 46.85 12.35
C ALA D 32 42.59 47.22 13.82
N ASN D 33 42.53 46.25 14.76
CA ASN D 33 42.52 46.57 16.19
C ASN D 33 43.20 45.41 16.93
N LYS D 34 44.50 45.55 17.15
CA LYS D 34 45.20 44.46 17.83
C LYS D 34 44.79 44.34 19.30
N ASP D 35 44.10 45.33 19.85
CA ASP D 35 43.55 45.29 21.19
C ASP D 35 42.16 44.74 21.24
N ARG D 36 41.67 44.12 20.16
CA ARG D 36 40.26 43.80 20.13
C ARG D 36 39.89 42.78 21.20
N PHE D 37 40.76 41.79 21.45
CA PHE D 37 40.49 40.83 22.53
C PHE D 37 40.44 41.53 23.88
N ASN D 38 41.41 42.43 24.14
CA ASN D 38 41.35 43.13 25.42
C ASN D 38 40.08 43.92 25.61
N HIS D 39 39.60 44.61 24.56
CA HIS D 39 38.45 45.48 24.76
C HIS D 39 37.12 44.74 24.73
N PHE D 40 37.11 43.54 24.16
CA PHE D 40 35.85 42.84 24.06
C PHE D 40 35.89 41.49 24.78
N SER D 41 36.37 41.46 26.01
CA SER D 41 36.41 40.26 26.85
C SER D 41 36.37 40.68 28.31
N LEU D 42 35.83 39.81 29.13
CA LEU D 42 35.83 40.00 30.59
C LEU D 42 36.53 38.84 31.25
N THR D 43 37.31 39.13 32.25
CA THR D 43 37.96 38.11 33.03
C THR D 43 37.45 38.24 34.45
N LEU D 44 36.84 37.19 34.94
CA LEU D 44 36.29 37.17 36.29
C LEU D 44 37.13 36.26 37.16
N ASN D 45 37.56 36.77 38.29
CA ASN D 45 38.12 35.89 39.31
C ASN D 45 37.10 35.65 40.39
N THR D 46 36.57 34.40 40.47
CA THR D 46 35.56 34.07 41.47
C THR D 46 36.18 33.78 42.82
N ASN D 47 37.51 33.72 42.86
CA ASN D 47 38.32 33.15 43.94
C ASN D 47 38.19 31.63 44.04
N HIS D 48 37.39 30.97 43.17
CA HIS D 48 37.29 29.52 43.07
C HIS D 48 37.42 29.09 41.61
N GLY D 49 38.26 29.82 40.91
CA GLY D 49 38.44 29.67 39.48
C GLY D 49 38.14 30.96 38.73
N HIS D 50 38.77 31.10 37.57
CA HIS D 50 38.63 32.25 36.68
C HIS D 50 37.69 31.89 35.53
N ILE D 51 36.93 32.88 35.08
CA ILE D 51 36.07 32.75 33.91
C ILE D 51 36.48 33.82 32.90
N LEU D 52 36.87 33.40 31.73
CA LEU D 52 37.08 34.30 30.61
C LEU D 52 35.85 34.26 29.73
N VAL D 53 35.14 35.38 29.66
CA VAL D 53 34.04 35.56 28.70
C VAL D 53 34.62 36.38 27.56
N ASP D 54 34.98 35.70 26.45
CA ASP D 54 35.61 36.31 25.26
C ASP D 54 34.49 36.53 24.27
N TYR D 55 34.00 37.77 24.14
CA TYR D 55 32.94 38.12 23.20
C TYR D 55 33.49 38.90 22.00
N SER D 56 34.80 38.77 21.74
CA SER D 56 35.44 39.57 20.69
C SER D 56 35.23 39.02 19.29
N LYS D 57 34.83 37.76 19.14
CA LYS D 57 34.48 37.26 17.81
C LYS D 57 33.01 37.50 17.48
N ASN D 58 32.42 38.57 18.02
CA ASN D 58 31.07 38.98 17.69
C ASN D 58 31.07 40.16 16.73
N LEU D 59 29.95 40.29 16.00
CA LEU D 59 29.78 41.31 14.96
C LEU D 59 29.40 42.63 15.63
N VAL D 60 30.34 43.13 16.43
CA VAL D 60 30.12 44.32 17.23
C VAL D 60 31.36 45.21 17.18
N THR D 61 31.11 46.50 17.36
CA THR D 61 32.12 47.55 17.55
C THR D 61 31.86 48.25 18.87
N GLU D 62 32.85 49.07 19.28
CA GLU D 62 32.68 49.87 20.48
C GLU D 62 31.33 50.58 20.46
N ASP D 63 30.98 51.21 19.32
CA ASP D 63 29.74 51.97 19.31
C ASP D 63 28.53 51.07 19.51
N VAL D 64 28.62 49.85 18.99
CA VAL D 64 27.52 48.92 19.13
C VAL D 64 27.35 48.52 20.58
N MET D 65 28.45 48.14 21.24
CA MET D 65 28.28 47.80 22.64
C MET D 65 27.82 48.98 23.46
N ARG D 66 28.25 50.20 23.11
CA ARG D 66 27.72 51.37 23.82
C ARG D 66 26.22 51.51 23.64
N MET D 67 25.71 51.30 22.43
CA MET D 67 24.28 51.44 22.23
C MET D 67 23.50 50.31 22.93
N LEU D 68 24.09 49.11 22.98
CA LEU D 68 23.44 48.01 23.68
C LEU D 68 23.33 48.28 25.17
N VAL D 69 24.42 48.74 25.78
CA VAL D 69 24.37 49.08 27.20
C VAL D 69 23.35 50.20 27.43
N ASP D 70 23.34 51.21 26.56
CA ASP D 70 22.32 52.26 26.65
C ASP D 70 20.91 51.73 26.54
N LEU D 71 20.69 50.69 25.70
CA LEU D 71 19.39 50.04 25.69
C LEU D 71 19.03 49.42 27.05
N ALA D 72 19.96 48.72 27.69
CA ALA D 72 19.61 48.11 28.97
C ALA D 72 19.30 49.17 30.04
N LYS D 73 20.04 50.29 30.01
CA LYS D 73 19.73 51.40 30.90
C LYS D 73 18.33 51.91 30.63
N SER D 74 18.04 52.18 29.36
CA SER D 74 16.74 52.71 28.98
C SER D 74 15.58 51.77 29.26
N ARG D 75 15.79 50.45 29.10
CA ARG D 75 14.75 49.48 29.43
C ARG D 75 14.71 49.17 30.92
N GLY D 76 15.58 49.75 31.72
CA GLY D 76 15.41 49.59 33.14
C GLY D 76 15.86 48.28 33.73
N VAL D 77 16.94 47.72 33.20
CA VAL D 77 17.43 46.44 33.68
C VAL D 77 17.83 46.50 35.17
N GLU D 78 18.52 47.56 35.59
CA GLU D 78 19.02 47.62 36.98
C GLU D 78 17.85 47.65 37.94
N ALA D 79 16.86 48.50 37.65
CA ALA D 79 15.72 48.62 38.56
C ALA D 79 14.95 47.32 38.68
N ALA D 80 14.76 46.62 37.57
CA ALA D 80 14.07 45.34 37.61
C ALA D 80 14.88 44.28 38.33
N ARG D 81 16.20 44.26 38.14
CA ARG D 81 17.05 43.40 38.94
C ARG D 81 16.77 43.62 40.42
N GLU D 82 16.81 44.89 40.83
CA GLU D 82 16.60 45.16 42.25
C GLU D 82 15.27 44.61 42.73
N ARG D 83 14.20 44.73 41.92
CA ARG D 83 12.90 44.18 42.34
C ARG D 83 12.96 42.68 42.56
N MET D 84 13.64 41.96 41.66
CA MET D 84 13.76 40.52 41.86
C MET D 84 14.46 40.23 43.18
N PHE D 85 15.66 40.79 43.38
CA PHE D 85 16.45 40.50 44.58
C PHE D 85 15.79 41.00 45.84
N ASN D 86 14.94 42.01 45.74
CA ASN D 86 14.26 42.53 46.91
C ASN D 86 12.97 41.79 47.23
N GLY D 87 12.55 40.80 46.42
CA GLY D 87 11.40 40.01 46.77
C GLY D 87 10.09 40.55 46.28
N GLU D 88 10.11 41.55 45.39
CA GLU D 88 8.91 42.10 44.80
C GLU D 88 8.27 41.07 43.87
N LYS D 89 7.00 41.31 43.57
CA LYS D 89 6.11 40.32 42.94
C LYS D 89 6.25 40.38 41.42
N ILE D 90 7.48 40.23 40.94
CA ILE D 90 7.71 40.59 39.56
C ILE D 90 7.13 39.55 38.60
N ASN D 91 6.64 38.43 39.12
CA ASN D 91 5.98 37.43 38.30
C ASN D 91 4.52 37.85 38.28
N TYR D 92 4.25 38.85 37.44
CA TYR D 92 3.05 39.64 37.64
C TYR D 92 1.82 38.89 37.22
N THR D 93 1.89 38.10 36.14
CA THR D 93 0.66 37.44 35.72
C THR D 93 0.20 36.49 36.80
N GLU D 94 1.13 35.99 37.61
CA GLU D 94 0.79 35.05 38.66
C GLU D 94 0.80 35.71 40.03
N GLY D 95 1.30 36.94 40.13
CA GLY D 95 1.42 37.62 41.41
C GLY D 95 2.37 36.92 42.36
N ARG D 96 3.58 36.61 41.90
CA ARG D 96 4.53 35.91 42.74
C ARG D 96 5.87 36.62 42.72
N ALA D 97 6.62 36.46 43.80
CA ALA D 97 8.00 36.89 43.75
C ALA D 97 8.77 35.86 42.92
N VAL D 98 10.04 36.19 42.65
CA VAL D 98 10.96 35.36 41.89
C VAL D 98 12.28 35.34 42.67
N LEU D 99 12.48 34.30 43.47
CA LEU D 99 13.56 34.23 44.46
C LEU D 99 14.37 32.94 44.41
N HIS D 100 14.66 32.39 43.21
CA HIS D 100 15.71 31.37 43.23
C HIS D 100 17.03 31.94 43.80
N VAL D 101 17.27 33.25 43.73
CA VAL D 101 18.48 33.78 44.37
C VAL D 101 18.46 33.64 45.90
N ALA D 102 17.29 33.57 46.54
CA ALA D 102 17.25 33.32 47.98
C ALA D 102 17.69 31.90 48.31
N LEU D 103 17.45 30.94 47.40
CA LEU D 103 17.77 29.56 47.71
C LEU D 103 19.25 29.40 47.96
N ARG D 104 20.07 30.18 47.27
CA ARG D 104 21.52 30.09 47.34
C ARG D 104 22.13 31.32 48.04
N ASN D 105 21.35 32.04 48.83
CA ASN D 105 21.83 33.26 49.49
C ASN D 105 22.68 32.87 50.71
N ARG D 106 23.94 32.51 50.44
CA ARG D 106 24.81 32.03 51.51
C ARG D 106 25.04 33.10 52.55
N SER D 107 24.89 34.36 52.15
CA SER D 107 25.16 35.50 53.03
C SER D 107 24.10 35.64 54.11
N ASN D 108 22.97 34.93 53.93
CA ASN D 108 21.81 34.97 54.80
C ASN D 108 21.25 36.37 55.04
N THR D 109 21.53 37.31 54.14
CA THR D 109 20.88 38.60 54.21
C THR D 109 19.37 38.43 54.17
N PRO D 110 18.60 39.20 54.94
CA PRO D 110 17.14 39.04 54.87
C PRO D 110 16.62 39.44 53.51
N ILE D 111 15.69 38.62 53.02
CA ILE D 111 14.93 38.92 51.82
C ILE D 111 13.46 38.78 52.19
N LEU D 112 12.71 39.85 52.04
CA LEU D 112 11.35 39.92 52.53
C LEU D 112 10.36 39.59 51.43
N VAL D 113 9.42 38.69 51.74
CA VAL D 113 8.23 38.46 50.95
C VAL D 113 7.03 38.62 51.87
N ASP D 114 6.21 39.64 51.60
CA ASP D 114 5.08 39.98 52.47
C ASP D 114 5.57 40.32 53.87
N GLY D 115 6.66 41.11 53.94
CA GLY D 115 7.21 41.56 55.19
C GLY D 115 8.00 40.54 55.97
N LYS D 116 8.01 39.28 55.54
CA LYS D 116 8.61 38.21 56.31
C LYS D 116 9.85 37.66 55.60
N ASP D 117 10.97 37.55 56.34
CA ASP D 117 12.22 37.00 55.81
C ASP D 117 12.04 35.54 55.40
N VAL D 118 12.44 35.20 54.18
CA VAL D 118 12.34 33.81 53.77
C VAL D 118 13.54 32.98 54.18
N MET D 119 14.67 33.60 54.52
CA MET D 119 15.87 32.82 54.68
C MET D 119 15.76 31.80 55.80
N PRO D 120 15.02 32.02 56.88
CA PRO D 120 14.96 30.96 57.89
C PRO D 120 14.36 29.69 57.35
N GLU D 121 13.41 29.78 56.44
CA GLU D 121 12.80 28.55 55.92
C GLU D 121 13.69 27.90 54.85
N VAL D 122 14.34 28.70 54.00
CA VAL D 122 15.40 28.17 53.12
C VAL D 122 16.42 27.36 53.93
N ASN D 123 17.00 27.97 54.99
CA ASN D 123 18.00 27.25 55.75
C ASN D 123 17.42 26.07 56.51
N LYS D 124 16.16 26.15 56.93
CA LYS D 124 15.51 25.01 57.58
C LYS D 124 15.47 23.80 56.66
N VAL D 125 15.14 24.03 55.39
CA VAL D 125 15.06 22.89 54.47
C VAL D 125 16.46 22.37 54.15
N LEU D 126 17.43 23.29 53.97
CA LEU D 126 18.80 22.86 53.71
C LEU D 126 19.33 22.01 54.86
N ASP D 127 19.00 22.39 56.10
CA ASP D 127 19.51 21.60 57.23
C ASP D 127 18.91 20.20 57.19
N LYS D 128 17.64 20.11 56.85
CA LYS D 128 16.98 18.81 56.72
C LYS D 128 17.63 17.98 55.60
N MET D 129 17.90 18.62 54.46
CA MET D 129 18.58 17.91 53.38
C MET D 129 19.93 17.40 53.84
N LYS D 130 20.68 18.26 54.54
CA LYS D 130 22.01 17.89 55.00
C LYS D 130 21.96 16.68 55.91
N SER D 131 21.05 16.67 56.88
CA SER D 131 20.99 15.52 57.78
C SER D 131 20.52 14.27 57.06
N PHE D 132 19.59 14.42 56.13
CA PHE D 132 19.12 13.26 55.37
C PHE D 132 20.23 12.67 54.51
N CYS D 133 20.94 13.53 53.76
CA CYS D 133 22.03 13.06 52.92
C CYS D 133 23.10 12.32 53.73
N GLN D 134 23.47 12.87 54.89
CA GLN D 134 24.44 12.20 55.75
C GLN D 134 23.92 10.81 56.15
N ARG D 135 22.67 10.74 56.60
CA ARG D 135 22.13 9.46 57.04
C ARG D 135 22.12 8.44 55.89
N VAL D 136 21.61 8.86 54.73
CA VAL D 136 21.57 7.93 53.60
C VAL D 136 22.98 7.56 53.14
N ARG D 137 23.85 8.55 52.95
CA ARG D 137 25.15 8.24 52.38
C ARG D 137 26.01 7.41 53.33
N SER D 138 25.87 7.64 54.64
CA SER D 138 26.69 6.90 55.60
C SER D 138 26.30 5.43 55.73
N GLY D 139 25.14 5.04 55.25
CA GLY D 139 24.60 3.72 55.55
C GLY D 139 23.78 3.65 56.80
N ASP D 140 23.59 4.78 57.50
CA ASP D 140 22.76 4.80 58.71
C ASP D 140 21.29 4.56 58.37
N TRP D 141 20.76 5.29 57.39
CA TRP D 141 19.38 5.09 56.95
C TRP D 141 19.26 3.74 56.28
N LYS D 142 18.38 2.90 56.80
CA LYS D 142 18.23 1.53 56.32
C LYS D 142 16.87 1.36 55.69
N GLY D 143 16.79 0.43 54.77
CA GLY D 143 15.52 0.05 54.19
C GLY D 143 14.87 -1.10 54.93
N TYR D 144 13.80 -1.64 54.32
CA TYR D 144 12.81 -2.41 55.09
C TYR D 144 13.31 -3.80 55.47
N THR D 145 14.47 -4.24 54.96
CA THR D 145 15.18 -5.38 55.51
C THR D 145 16.58 -5.01 56.04
N GLY D 146 16.79 -3.75 56.42
CA GLY D 146 18.00 -3.41 57.15
C GLY D 146 19.28 -3.31 56.35
N LYS D 147 19.22 -2.97 55.06
CA LYS D 147 20.45 -2.78 54.30
C LYS D 147 20.52 -1.35 53.80
N THR D 148 21.73 -0.95 53.42
CA THR D 148 21.96 0.43 53.03
C THR D 148 21.37 0.73 51.66
N ILE D 149 21.19 2.02 51.38
CA ILE D 149 20.64 2.43 50.09
C ILE D 149 21.77 2.48 49.06
N THR D 150 21.57 1.82 47.92
CA THR D 150 22.56 1.80 46.85
C THR D 150 22.13 2.62 45.64
N ASP D 151 20.84 2.93 45.55
CA ASP D 151 20.23 3.48 44.35
C ASP D 151 19.22 4.52 44.76
N VAL D 152 19.31 5.70 44.18
CA VAL D 152 18.36 6.76 44.42
C VAL D 152 17.67 7.07 43.10
N ILE D 153 16.35 7.08 43.12
CA ILE D 153 15.58 7.23 41.89
C ILE D 153 14.76 8.48 41.99
N ASN D 154 15.09 9.45 41.19
CA ASN D 154 14.33 10.68 41.13
C ASN D 154 13.21 10.54 40.12
N ILE D 155 11.98 10.82 40.55
CA ILE D 155 10.80 10.71 39.69
C ILE D 155 10.20 12.07 39.59
N GLY D 156 10.20 12.62 38.38
CA GLY D 156 9.77 14.00 38.17
C GLY D 156 10.00 14.36 36.72
N ILE D 157 9.38 15.45 36.31
CA ILE D 157 9.46 15.89 34.92
C ILE D 157 9.71 17.39 34.82
N GLY D 158 10.35 17.79 33.73
CA GLY D 158 10.48 19.21 33.49
C GLY D 158 11.44 19.81 34.51
N GLY D 159 10.99 20.85 35.19
CA GLY D 159 11.85 21.48 36.18
C GLY D 159 12.24 20.57 37.33
N SER D 160 11.48 19.50 37.55
CA SER D 160 11.79 18.54 38.60
C SER D 160 12.73 17.44 38.14
N ASP D 161 13.20 17.49 36.90
CA ASP D 161 14.02 16.44 36.32
C ASP D 161 15.32 16.99 35.76
N LEU D 162 15.22 18.04 34.95
CA LEU D 162 16.29 18.41 34.01
C LEU D 162 17.49 19.00 34.75
N GLY D 163 17.23 19.83 35.75
CA GLY D 163 18.32 20.39 36.54
C GLY D 163 19.14 19.38 37.31
N PRO D 164 18.49 18.57 38.14
CA PRO D 164 19.25 17.56 38.87
C PRO D 164 19.97 16.61 37.95
N LEU D 165 19.31 16.21 36.84
CA LEU D 165 19.95 15.31 35.90
C LEU D 165 21.18 15.96 35.33
N MET D 166 21.07 17.20 34.91
CA MET D 166 22.22 17.82 34.24
C MET D 166 23.39 17.97 35.19
N VAL D 167 23.08 18.36 36.41
CA VAL D 167 24.10 18.62 37.43
C VAL D 167 24.77 17.33 37.90
N THR D 168 23.98 16.29 38.19
CA THR D 168 24.61 15.02 38.54
C THR D 168 25.44 14.46 37.40
N GLU D 169 25.00 14.63 36.13
CA GLU D 169 25.85 14.25 35.02
C GLU D 169 27.14 15.06 34.98
N ALA D 170 27.04 16.39 35.18
CA ALA D 170 28.19 17.24 35.04
C ALA D 170 29.19 17.05 36.17
N LEU D 171 28.72 16.62 37.34
CA LEU D 171 29.55 16.48 38.52
C LEU D 171 29.77 15.03 38.91
N LYS D 172 29.63 14.12 37.95
CA LYS D 172 29.91 12.72 38.19
C LYS D 172 31.22 12.44 38.90
N PRO D 173 32.34 13.11 38.63
CA PRO D 173 33.59 12.81 39.37
C PRO D 173 33.48 13.04 40.85
N TYR D 174 32.44 13.72 41.31
CA TYR D 174 32.35 14.13 42.71
C TYR D 174 31.43 13.22 43.50
N SER D 175 31.07 12.07 42.92
CA SER D 175 30.06 11.15 43.45
C SER D 175 30.66 9.89 44.05
N SER D 176 31.97 9.83 44.25
CA SER D 176 32.57 8.71 44.96
C SER D 176 31.94 8.58 46.34
N GLY D 177 31.55 7.36 46.70
CA GLY D 177 30.89 7.16 47.97
C GLY D 177 29.43 7.57 48.01
N GLY D 178 28.85 7.92 46.88
CA GLY D 178 27.46 8.23 46.83
C GLY D 178 26.68 7.09 46.19
N PRO D 179 25.39 7.04 46.42
CA PRO D 179 24.53 6.05 45.76
C PRO D 179 24.40 6.40 44.29
N ARG D 180 24.21 5.36 43.48
CA ARG D 180 23.86 5.56 42.08
C ARG D 180 22.58 6.39 41.99
N VAL D 181 22.47 7.21 40.95
CA VAL D 181 21.27 8.01 40.80
C VAL D 181 20.65 7.76 39.43
N TRP D 182 19.31 7.73 39.41
CA TRP D 182 18.47 7.40 38.28
C TRP D 182 17.41 8.46 38.12
N TYR D 183 16.99 8.74 36.88
CA TYR D 183 16.02 9.79 36.60
C TYR D 183 14.95 9.17 35.74
N VAL D 184 13.72 9.21 36.23
CA VAL D 184 12.51 8.77 35.55
C VAL D 184 11.59 9.95 35.38
N SER D 185 11.24 10.29 34.14
CA SER D 185 10.53 11.53 33.86
C SER D 185 9.38 11.33 32.89
N ASN D 186 9.65 10.55 31.87
CA ASN D 186 8.65 10.40 30.81
C ASN D 186 7.48 9.59 31.34
N ILE D 187 6.27 9.95 30.94
CA ILE D 187 5.11 9.07 31.20
C ILE D 187 5.19 7.76 30.42
N ASP D 188 5.82 7.76 29.25
CA ASP D 188 6.11 6.52 28.54
C ASP D 188 6.63 5.44 29.49
N GLY D 189 5.86 4.35 29.68
CA GLY D 189 6.18 3.33 30.66
C GLY D 189 7.48 2.63 30.42
N THR D 190 8.08 2.85 29.26
CA THR D 190 9.41 2.36 29.02
C THR D 190 10.37 2.88 30.09
N HIS D 191 10.17 4.12 30.51
CA HIS D 191 11.18 4.79 31.33
C HIS D 191 11.21 4.19 32.73
N ILE D 192 10.07 4.19 33.42
CA ILE D 192 10.02 3.53 34.73
C ILE D 192 10.29 2.05 34.59
N ALA D 193 9.72 1.41 33.54
CA ALA D 193 9.78 -0.03 33.45
C ALA D 193 11.21 -0.50 33.36
N LYS D 194 11.99 0.12 32.47
CA LYS D 194 13.36 -0.34 32.26
C LYS D 194 14.27 0.06 33.39
N THR D 195 13.84 1.01 34.22
CA THR D 195 14.58 1.41 35.41
C THR D 195 14.35 0.40 36.54
N LEU D 196 13.07 0.16 36.87
CA LEU D 196 12.71 -0.76 37.95
C LEU D 196 13.32 -2.13 37.72
N ALA D 197 13.30 -2.60 36.47
CA ALA D 197 13.94 -3.87 36.15
C ALA D 197 15.39 -3.96 36.58
N GLN D 198 16.07 -2.85 36.87
CA GLN D 198 17.46 -2.90 37.30
C GLN D 198 17.62 -2.58 38.78
N LEU D 199 16.53 -2.58 39.55
CA LEU D 199 16.53 -2.07 40.93
C LEU D 199 15.97 -3.07 41.92
N ASN D 200 16.49 -3.02 43.16
CA ASN D 200 16.05 -3.84 44.29
C ASN D 200 15.22 -3.00 45.24
N PRO D 201 13.96 -3.34 45.51
CA PRO D 201 13.12 -2.44 46.32
C PRO D 201 13.67 -2.25 47.72
N GLU D 202 14.54 -3.15 48.14
CA GLU D 202 15.05 -3.17 49.50
C GLU D 202 16.10 -2.07 49.69
N SER D 203 16.88 -1.79 48.65
CA SER D 203 17.96 -0.81 48.71
C SER D 203 17.76 0.38 47.78
N SER D 204 16.51 0.71 47.45
CA SER D 204 16.21 1.73 46.47
C SER D 204 15.38 2.78 47.14
N LEU D 205 15.80 4.03 47.03
CA LEU D 205 15.09 5.13 47.62
C LEU D 205 14.54 5.97 46.49
N PHE D 206 13.23 6.19 46.51
CA PHE D 206 12.51 6.96 45.51
C PHE D 206 12.25 8.35 46.02
N ILE D 207 12.56 9.32 45.18
CA ILE D 207 12.27 10.72 45.41
C ILE D 207 11.22 11.17 44.42
N ILE D 208 10.08 11.60 44.95
CA ILE D 208 8.95 12.06 44.16
C ILE D 208 8.99 13.58 44.14
N ALA D 209 9.36 14.15 42.98
CA ALA D 209 9.70 15.53 42.84
C ALA D 209 8.64 16.25 42.02
N SER D 210 7.80 17.05 42.69
CA SER D 210 6.84 17.86 41.95
C SER D 210 6.40 19.10 42.72
N LYS D 211 6.51 20.27 42.08
CA LYS D 211 6.13 21.52 42.74
C LYS D 211 4.68 21.49 43.19
N THR D 212 3.77 21.03 42.32
CA THR D 212 2.33 21.03 42.63
C THR D 212 1.86 19.72 43.22
N PHE D 213 2.63 18.65 43.03
CA PHE D 213 2.24 17.28 43.36
C PHE D 213 0.92 16.86 42.70
N THR D 214 0.51 17.54 41.64
CA THR D 214 -0.61 17.11 40.81
C THR D 214 -0.22 16.80 39.37
N THR D 215 1.06 16.91 39.02
CA THR D 215 1.54 16.61 37.68
C THR D 215 1.20 15.17 37.30
N GLN D 216 0.52 15.00 36.16
CA GLN D 216 0.03 13.68 35.76
C GLN D 216 1.18 12.67 35.59
N GLU D 217 2.21 13.03 34.83
CA GLU D 217 3.30 12.09 34.60
C GLU D 217 3.96 11.61 35.90
N THR D 218 4.27 12.54 36.80
CA THR D 218 5.06 12.18 37.98
C THR D 218 4.25 11.32 38.95
N ILE D 219 3.01 11.71 39.20
CA ILE D 219 2.19 10.92 40.11
C ILE D 219 1.97 9.52 39.56
N THR D 220 1.56 9.41 38.29
CA THR D 220 1.40 8.09 37.71
C THR D 220 2.67 7.28 37.85
N ASN D 221 3.82 7.90 37.52
CA ASN D 221 5.06 7.14 37.69
C ASN D 221 5.24 6.77 39.16
N ALA D 222 4.84 7.68 40.05
CA ALA D 222 5.01 7.48 41.51
C ALA D 222 4.15 6.33 41.99
N GLU D 223 2.87 6.33 41.57
CA GLU D 223 1.97 5.22 41.90
C GLU D 223 2.51 3.93 41.35
N THR D 224 3.09 3.96 40.15
CA THR D 224 3.63 2.73 39.60
C THR D 224 4.83 2.22 40.38
N ALA D 225 5.72 3.11 40.85
CA ALA D 225 6.82 2.65 41.66
C ALA D 225 6.33 2.13 43.01
N LYS D 226 5.36 2.82 43.60
CA LYS D 226 4.81 2.40 44.89
C LYS D 226 4.15 1.04 44.79
N GLU D 227 3.31 0.84 43.78
CA GLU D 227 2.75 -0.50 43.59
C GLU D 227 3.86 -1.54 43.48
N TRP D 228 4.91 -1.23 42.73
CA TRP D 228 6.03 -2.15 42.57
C TRP D 228 6.71 -2.41 43.90
N PHE D 229 6.81 -1.37 44.74
CA PHE D 229 7.49 -1.51 46.02
C PHE D 229 6.64 -2.33 46.98
N LEU D 230 5.43 -1.86 47.25
CA LEU D 230 4.48 -2.57 48.10
C LEU D 230 4.28 -4.01 47.65
N GLN D 231 4.23 -4.24 46.34
CA GLN D 231 4.12 -5.62 45.87
C GLN D 231 5.19 -6.50 46.50
N ALA D 232 6.33 -5.92 46.89
CA ALA D 232 7.40 -6.70 47.49
C ALA D 232 7.48 -6.57 49.01
N ALA D 233 7.16 -5.40 49.55
CA ALA D 233 7.30 -5.18 50.97
C ALA D 233 6.05 -5.56 51.75
N LYS D 234 4.88 -5.38 51.13
CA LYS D 234 3.62 -5.88 51.67
C LYS D 234 3.35 -5.26 53.03
N ASP D 235 3.74 -4.00 53.15
CA ASP D 235 3.77 -3.33 54.45
C ASP D 235 3.61 -1.84 54.17
N PRO D 236 2.38 -1.32 54.24
CA PRO D 236 2.18 0.12 54.02
C PRO D 236 3.15 1.01 54.80
N SER D 237 3.68 0.52 55.92
CA SER D 237 4.55 1.33 56.77
C SER D 237 5.99 1.40 56.26
N ALA D 238 6.46 0.40 55.51
CA ALA D 238 7.81 0.48 54.97
C ALA D 238 7.97 1.54 53.89
N VAL D 239 6.87 2.17 53.46
CA VAL D 239 6.96 3.23 52.46
C VAL D 239 7.60 4.51 53.02
N ALA D 240 7.64 4.65 54.33
CA ALA D 240 8.35 5.77 54.94
C ALA D 240 9.86 5.59 54.90
N LYS D 241 10.38 4.40 54.63
CA LYS D 241 11.83 4.18 54.53
C LYS D 241 12.32 4.27 53.10
N HIS D 242 11.42 4.52 52.17
CA HIS D 242 11.73 4.32 50.77
C HIS D 242 11.15 5.35 49.85
N PHE D 243 10.31 6.26 50.33
CA PHE D 243 9.74 7.34 49.53
C PHE D 243 9.81 8.64 50.32
N VAL D 244 10.48 9.65 49.75
CA VAL D 244 10.41 11.02 50.22
C VAL D 244 9.78 11.80 49.10
N ALA D 245 9.22 12.97 49.44
CA ALA D 245 8.70 13.93 48.49
C ALA D 245 9.42 15.26 48.56
N LEU D 246 9.49 15.93 47.40
CA LEU D 246 9.87 17.34 47.27
C LEU D 246 8.71 18.12 46.65
N SER D 247 8.03 18.97 47.43
CA SER D 247 6.90 19.73 46.87
C SER D 247 6.60 21.00 47.67
N THR D 248 5.66 21.81 47.13
CA THR D 248 5.06 22.94 47.83
C THR D 248 3.65 22.66 48.35
N ASN D 249 3.15 21.44 48.18
CA ASN D 249 1.77 21.11 48.52
C ASN D 249 1.78 20.01 49.59
N THR D 250 1.81 20.44 50.86
CA THR D 250 1.76 19.50 51.96
C THR D 250 0.58 18.56 51.84
N THR D 251 -0.60 19.12 51.56
CA THR D 251 -1.83 18.34 51.52
C THR D 251 -1.72 17.18 50.52
N LYS D 252 -1.45 17.52 49.24
CA LYS D 252 -1.38 16.48 48.21
C LYS D 252 -0.32 15.44 48.59
N VAL D 253 0.82 15.89 49.13
CA VAL D 253 1.83 14.93 49.58
C VAL D 253 1.27 14.04 50.67
N LYS D 254 0.39 14.59 51.52
CA LYS D 254 -0.31 13.76 52.50
C LYS D 254 -1.22 12.76 51.80
N GLU D 255 -1.97 13.22 50.80
CA GLU D 255 -2.92 12.34 50.10
C GLU D 255 -2.21 11.15 49.46
N PHE D 256 -1.06 11.39 48.83
CA PHE D 256 -0.31 10.30 48.22
C PHE D 256 0.14 9.26 49.24
N GLY D 257 0.19 9.60 50.54
CA GLY D 257 0.69 8.68 51.54
C GLY D 257 2.16 8.83 51.91
N ILE D 258 2.75 10.01 51.72
CA ILE D 258 4.11 10.29 52.18
C ILE D 258 4.06 10.79 53.62
N ASP D 259 4.89 10.21 54.50
CA ASP D 259 5.12 10.73 55.86
C ASP D 259 5.53 12.21 55.80
N PRO D 260 4.85 13.11 56.53
CA PRO D 260 5.22 14.55 56.43
C PRO D 260 6.62 14.87 56.91
N GLN D 261 7.23 14.00 57.73
CA GLN D 261 8.65 14.14 58.06
C GLN D 261 9.52 13.88 56.84
N ASN D 262 8.97 13.23 55.83
CA ASN D 262 9.69 12.83 54.65
C ASN D 262 9.51 13.82 53.51
N MET D 263 8.93 14.97 53.78
CA MET D 263 8.66 15.94 52.73
C MET D 263 9.65 17.10 52.85
N PHE D 264 10.49 17.24 51.85
CA PHE D 264 11.35 18.39 51.72
C PHE D 264 10.64 19.48 50.93
N GLU D 265 10.34 20.60 51.57
CA GLU D 265 9.48 21.60 50.96
C GLU D 265 10.25 22.75 50.30
N PHE D 266 9.55 23.48 49.43
CA PHE D 266 9.99 24.70 48.82
C PHE D 266 8.74 25.53 48.57
N TRP D 267 8.87 26.60 47.76
CA TRP D 267 7.91 27.71 47.81
C TRP D 267 7.50 28.15 46.43
N ASP D 268 6.42 28.93 46.38
CA ASP D 268 5.89 29.25 45.07
C ASP D 268 6.69 30.31 44.33
N TRP D 269 7.67 30.94 44.96
CA TRP D 269 8.57 31.85 44.28
C TRP D 269 9.81 31.14 43.74
N VAL D 270 9.81 29.82 43.76
CA VAL D 270 10.80 28.99 43.08
C VAL D 270 10.12 28.47 41.82
N GLY D 271 10.43 29.06 40.65
CA GLY D 271 9.98 28.43 39.41
C GLY D 271 10.60 27.07 39.22
N GLY D 272 9.84 26.17 38.58
CA GLY D 272 10.37 24.83 38.41
C GLY D 272 11.69 24.83 37.63
N ARG D 273 11.78 25.67 36.60
CA ARG D 273 12.99 25.71 35.79
C ARG D 273 14.12 26.50 36.44
N TYR D 274 13.88 26.93 37.67
CA TYR D 274 14.86 27.61 38.52
C TYR D 274 14.97 26.91 39.87
N SER D 275 14.69 25.64 39.93
CA SER D 275 14.43 24.96 41.20
C SER D 275 15.51 24.00 41.63
N LEU D 276 16.55 23.76 40.81
CA LEU D 276 17.52 22.76 41.26
C LEU D 276 18.24 23.20 42.55
N TRP D 277 18.24 24.49 42.85
CA TRP D 277 18.89 25.09 44.04
C TRP D 277 18.12 24.82 45.32
N SER D 278 16.88 24.32 45.20
CA SER D 278 15.99 24.03 46.32
C SER D 278 16.05 22.57 46.72
N ALA D 279 15.06 22.13 47.51
CA ALA D 279 14.83 20.73 47.82
C ALA D 279 14.83 19.83 46.57
N ILE D 280 14.43 20.39 45.43
CA ILE D 280 14.46 19.65 44.17
C ILE D 280 15.86 19.09 43.90
N GLY D 281 16.89 19.76 44.40
CA GLY D 281 18.26 19.31 44.29
C GLY D 281 18.68 18.20 45.22
N LEU D 282 17.75 17.59 45.94
CA LEU D 282 18.12 16.55 46.88
C LEU D 282 18.92 15.44 46.22
N SER D 283 18.55 15.03 44.98
CA SER D 283 19.30 13.94 44.35
C SER D 283 20.74 14.33 44.02
N ILE D 284 21.00 15.61 43.75
CA ILE D 284 22.38 16.08 43.61
C ILE D 284 23.14 15.90 44.92
N ALA D 285 22.55 16.36 46.00
CA ALA D 285 23.21 16.28 47.30
C ALA D 285 23.38 14.84 47.76
N LEU D 286 22.44 13.95 47.42
CA LEU D 286 22.68 12.56 47.76
C LEU D 286 23.83 11.99 46.95
N HIS D 287 23.96 12.41 45.67
CA HIS D 287 24.92 11.75 44.79
C HIS D 287 26.33 12.24 45.05
N VAL D 288 26.50 13.54 45.25
CA VAL D 288 27.82 14.15 45.40
C VAL D 288 28.06 14.67 46.79
N GLY D 289 27.08 14.51 47.67
CA GLY D 289 27.25 15.01 49.05
C GLY D 289 26.75 16.43 49.21
N PHE D 290 26.20 16.68 50.38
CA PHE D 290 25.69 18.01 50.65
C PHE D 290 26.80 19.09 50.63
N ASP D 291 28.05 18.79 51.01
CA ASP D 291 29.10 19.82 50.90
C ASP D 291 29.28 20.27 49.45
N ASN D 292 29.25 19.33 48.51
CA ASN D 292 29.40 19.73 47.11
C ASN D 292 28.16 20.48 46.65
N PHE D 293 27.00 20.11 47.18
CA PHE D 293 25.80 20.88 46.92
C PHE D 293 25.94 22.30 47.41
N GLU D 294 26.46 22.49 48.64
CA GLU D 294 26.69 23.84 49.12
C GLU D 294 27.64 24.61 48.22
N GLN D 295 28.69 23.95 47.72
CA GLN D 295 29.61 24.60 46.79
C GLN D 295 28.88 25.07 45.52
N LEU D 296 28.01 24.21 44.99
CA LEU D 296 27.18 24.61 43.84
C LEU D 296 26.32 25.84 44.14
N LEU D 297 25.62 25.83 45.27
CA LEU D 297 24.89 27.03 45.66
C LEU D 297 25.81 28.26 45.84
N SER D 298 27.03 28.08 46.37
CA SER D 298 27.90 29.24 46.60
C SER D 298 28.42 29.81 45.30
N GLY D 299 28.58 28.96 44.29
CA GLY D 299 29.00 29.50 43.02
C GLY D 299 27.92 30.34 42.38
N ALA D 300 26.68 29.87 42.47
CA ALA D 300 25.57 30.68 42.03
C ALA D 300 25.49 31.97 42.80
N HIS D 301 25.60 31.89 44.14
CA HIS D 301 25.59 33.10 44.97
C HIS D 301 26.66 34.08 44.51
N TRP D 302 27.86 33.59 44.20
CA TRP D 302 28.90 34.53 43.73
C TRP D 302 28.44 35.26 42.44
N MET D 303 27.91 34.49 41.47
CA MET D 303 27.42 35.10 40.24
C MET D 303 26.24 36.01 40.49
N ASP D 304 25.37 35.66 41.41
CA ASP D 304 24.31 36.60 41.75
C ASP D 304 24.90 37.94 42.18
N GLN D 305 25.97 37.88 42.96
CA GLN D 305 26.53 39.14 43.45
C GLN D 305 27.26 39.92 42.34
N HIS D 306 27.98 39.21 41.45
CA HIS D 306 28.52 39.86 40.27
C HIS D 306 27.44 40.58 39.51
N PHE D 307 26.33 39.88 39.25
CA PHE D 307 25.26 40.47 38.47
C PHE D 307 24.68 41.68 39.18
N ARG D 308 24.61 41.64 40.53
CA ARG D 308 24.03 42.77 41.25
C ARG D 308 24.96 43.98 41.36
N THR D 309 26.27 43.80 41.43
CA THR D 309 27.17 44.89 41.87
C THR D 309 28.04 45.44 40.73
N THR D 310 28.01 44.80 39.52
CA THR D 310 28.94 45.16 38.46
C THR D 310 28.32 46.17 37.50
N PRO D 311 29.04 47.25 37.17
CA PRO D 311 28.59 48.14 36.10
C PRO D 311 28.16 47.33 34.88
N LEU D 312 27.14 47.81 34.17
CA LEU D 312 26.55 47.01 33.09
C LEU D 312 27.59 46.67 32.03
N GLU D 313 28.42 47.64 31.69
CA GLU D 313 29.35 47.46 30.59
C GLU D 313 30.39 46.39 30.89
N LYS D 314 30.46 45.90 32.15
CA LYS D 314 31.43 44.87 32.50
C LYS D 314 30.74 43.67 33.16
N ASN D 315 29.45 43.55 32.96
CA ASN D 315 28.59 42.67 33.73
C ASN D 315 28.28 41.49 32.81
N ALA D 316 28.80 40.31 33.15
CA ALA D 316 28.78 39.18 32.21
C ALA D 316 27.39 38.78 31.72
N PRO D 317 26.42 38.51 32.59
CA PRO D 317 25.10 38.12 32.08
C PRO D 317 24.46 39.17 31.24
N VAL D 318 24.70 40.43 31.60
CA VAL D 318 24.15 41.55 30.85
C VAL D 318 24.77 41.60 29.49
N LEU D 319 26.08 41.45 29.38
CA LEU D 319 26.69 41.51 28.07
C LEU D 319 26.24 40.32 27.21
N LEU D 320 26.19 39.12 27.77
CA LEU D 320 25.65 37.97 26.99
C LEU D 320 24.23 38.26 26.48
N ALA D 321 23.37 38.80 27.35
CA ALA D 321 22.00 39.11 26.99
C ALA D 321 21.92 40.09 25.84
N LEU D 322 22.77 41.12 25.88
CA LEU D 322 22.69 42.20 24.90
C LEU D 322 23.16 41.72 23.54
N LEU D 323 24.19 40.88 23.53
CA LEU D 323 24.65 40.31 22.28
C LEU D 323 23.53 39.46 21.69
N GLY D 324 22.76 38.76 22.54
CA GLY D 324 21.63 37.97 22.02
C GLY D 324 20.51 38.85 21.48
N ILE D 325 20.24 39.98 22.14
CA ILE D 325 19.29 40.94 21.58
C ILE D 325 19.77 41.45 20.23
N TRP D 326 21.05 41.74 20.10
CA TRP D 326 21.60 42.20 18.82
C TRP D 326 21.33 41.18 17.73
N TYR D 327 21.51 39.88 18.02
CA TYR D 327 21.38 38.90 16.93
C TYR D 327 19.91 38.58 16.67
N ILE D 328 19.09 38.69 17.68
CA ILE D 328 17.71 38.28 17.59
C ILE D 328 16.87 39.37 16.96
N ASN D 329 17.05 40.62 17.42
CA ASN D 329 16.13 41.70 17.09
C ASN D 329 16.67 42.59 15.99
N CYS D 330 17.95 42.51 15.69
CA CYS D 330 18.50 43.17 14.53
C CYS D 330 18.83 42.19 13.42
N PHE D 331 19.64 41.19 13.70
CA PHE D 331 20.01 40.28 12.63
C PHE D 331 18.94 39.24 12.33
N GLY D 332 17.99 39.02 13.24
CA GLY D 332 16.88 38.09 12.99
C GLY D 332 17.19 36.61 13.14
N CYS D 333 18.27 36.27 13.83
CA CYS D 333 18.61 34.88 14.12
C CYS D 333 17.57 34.23 15.03
N GLU D 334 17.06 33.09 14.60
CA GLU D 334 16.05 32.39 15.38
C GLU D 334 16.61 31.55 16.53
N THR D 335 17.84 31.08 16.38
CA THR D 335 18.40 30.09 17.28
C THR D 335 19.66 30.59 17.97
N HIS D 336 20.00 29.87 19.03
CA HIS D 336 21.20 30.10 19.81
C HIS D 336 21.78 28.73 20.13
N ALA D 337 23.00 28.44 19.70
CA ALA D 337 23.58 27.13 19.90
C ALA D 337 24.48 27.18 21.15
N MET D 338 24.35 26.21 22.04
CA MET D 338 25.19 26.08 23.24
C MET D 338 26.03 24.80 23.11
N LEU D 339 27.35 24.97 23.05
CA LEU D 339 28.31 23.97 22.65
C LEU D 339 29.44 23.85 23.69
N PRO D 340 29.15 23.18 24.82
CA PRO D 340 30.22 22.86 25.80
C PRO D 340 31.12 21.77 25.26
N TYR D 341 32.41 22.04 25.25
CA TYR D 341 33.43 21.06 24.88
C TYR D 341 33.77 20.23 26.13
N ASP D 342 32.77 19.44 26.54
CA ASP D 342 32.84 18.71 27.81
C ASP D 342 31.74 17.65 27.80
N GLN D 343 32.15 16.39 27.79
CA GLN D 343 31.20 15.30 27.82
C GLN D 343 30.32 15.31 29.08
N TYR D 344 30.91 15.66 30.25
CA TYR D 344 30.08 15.69 31.45
C TYR D 344 28.96 16.72 31.33
N LEU D 345 29.14 17.77 30.56
CA LEU D 345 28.08 18.74 30.30
C LEU D 345 27.21 18.34 29.11
N HIS D 346 27.09 17.05 28.80
CA HIS D 346 26.29 16.68 27.66
C HIS D 346 24.81 17.00 27.79
N ARG D 347 24.29 17.35 28.99
CA ARG D 347 22.87 17.72 29.12
C ARG D 347 22.70 19.19 29.51
N PHE D 348 23.75 20.01 29.32
CA PHE D 348 23.70 21.45 29.59
C PHE D 348 22.81 22.20 28.60
N ALA D 349 22.97 21.95 27.30
CA ALA D 349 22.11 22.65 26.35
C ALA D 349 20.65 22.26 26.54
N ALA D 350 20.39 21.00 26.80
CA ALA D 350 18.99 20.57 26.99
C ALA D 350 18.41 21.24 28.24
N TYR D 351 19.22 21.41 29.28
CA TYR D 351 18.71 22.13 30.42
C TYR D 351 18.26 23.53 30.04
N PHE D 352 19.07 24.25 29.26
CA PHE D 352 18.73 25.61 28.95
C PHE D 352 17.69 25.69 27.86
N GLN D 353 17.38 24.57 27.20
CA GLN D 353 16.17 24.55 26.39
C GLN D 353 14.97 24.90 27.25
N GLN D 354 14.82 24.26 28.42
CA GLN D 354 13.76 24.70 29.28
C GLN D 354 14.07 26.09 29.83
N GLY D 355 15.30 26.30 30.30
CA GLY D 355 15.52 27.48 31.11
C GLY D 355 15.27 28.72 30.28
N ASP D 356 15.79 28.71 29.06
CA ASP D 356 15.67 29.84 28.17
C ASP D 356 14.30 29.83 27.50
N MET D 357 13.92 28.72 26.86
CA MET D 357 12.73 28.79 26.00
C MET D 357 11.41 28.83 26.77
N GLU D 358 11.26 28.10 27.89
CA GLU D 358 10.03 28.24 28.65
C GLU D 358 9.93 29.62 29.31
N SER D 359 11.07 30.26 29.57
CA SER D 359 11.09 31.59 30.16
C SER D 359 10.66 32.64 29.16
N ASN D 360 11.34 32.70 28.02
CA ASN D 360 11.26 33.83 27.11
C ASN D 360 10.53 33.47 25.82
N GLY D 361 10.04 32.26 25.70
CA GLY D 361 9.14 31.94 24.59
C GLY D 361 7.76 32.51 24.85
N LYS D 362 7.65 33.82 24.69
CA LYS D 362 6.49 34.58 25.11
C LYS D 362 6.15 35.60 24.03
N TYR D 363 4.95 36.16 24.10
CA TYR D 363 4.55 37.13 23.09
C TYR D 363 3.64 38.23 23.63
N ILE D 364 3.28 38.24 24.91
CA ILE D 364 2.43 39.26 25.50
C ILE D 364 3.29 40.04 26.49
N THR D 365 3.29 41.36 26.36
CA THR D 365 4.12 42.18 27.21
C THR D 365 3.49 42.40 28.58
N LYS D 366 4.18 43.19 29.42
CA LYS D 366 3.63 43.51 30.74
C LYS D 366 2.34 44.32 30.62
N SER D 367 2.27 45.22 29.64
CA SER D 367 1.06 46.02 29.51
C SER D 367 -0.10 45.24 28.88
N GLY D 368 0.09 43.97 28.58
CA GLY D 368 -0.94 43.23 27.89
C GLY D 368 -0.91 43.38 26.38
N THR D 369 -0.01 44.18 25.84
CA THR D 369 0.12 44.37 24.40
C THR D 369 0.86 43.17 23.80
N ARG D 370 0.54 42.82 22.55
CA ARG D 370 1.28 41.76 21.90
C ARG D 370 2.57 42.33 21.33
N VAL D 371 3.67 41.58 21.49
CA VAL D 371 4.96 42.08 21.00
C VAL D 371 4.86 42.28 19.49
N ASP D 372 5.73 43.12 18.95
CA ASP D 372 5.85 43.22 17.50
C ASP D 372 7.29 43.06 17.09
N HIS D 373 7.96 42.16 17.82
CA HIS D 373 9.38 41.87 17.71
C HIS D 373 9.56 40.41 18.13
N GLN D 374 10.67 39.83 17.71
CA GLN D 374 11.07 38.53 18.22
C GLN D 374 11.35 38.57 19.72
N THR D 375 10.95 37.50 20.41
CA THR D 375 11.44 37.18 21.74
C THR D 375 12.39 35.97 21.70
N GLY D 376 12.26 35.05 22.64
CA GLY D 376 13.31 34.11 22.93
C GLY D 376 13.68 33.25 21.74
N PRO D 377 14.94 32.85 21.66
CA PRO D 377 15.41 32.00 20.56
C PRO D 377 15.17 30.53 20.88
N ILE D 378 15.27 29.72 19.82
CA ILE D 378 15.38 28.28 19.95
C ILE D 378 16.79 27.92 20.38
N VAL D 379 16.90 27.23 21.52
CA VAL D 379 18.21 26.86 22.08
C VAL D 379 18.43 25.40 21.73
N TRP D 380 19.64 25.06 21.32
CA TRP D 380 19.99 23.72 20.91
C TRP D 380 21.48 23.50 20.99
N GLY D 381 21.89 22.26 20.74
CA GLY D 381 23.30 21.97 20.74
C GLY D 381 23.64 20.65 21.38
N GLU D 382 24.88 20.25 21.15
CA GLU D 382 25.49 19.03 21.67
C GLU D 382 26.91 19.39 22.11
N PRO D 383 27.47 18.64 23.04
CA PRO D 383 28.85 18.91 23.44
C PRO D 383 29.82 18.63 22.32
N GLY D 384 30.88 19.45 22.27
CA GLY D 384 32.01 19.16 21.41
C GLY D 384 32.86 18.07 22.02
N THR D 385 33.51 17.28 21.16
CA THR D 385 33.56 17.38 19.70
C THR D 385 32.39 16.66 19.00
N ASN D 386 31.46 16.06 19.76
CA ASN D 386 30.35 15.27 19.14
C ASN D 386 29.56 16.13 18.16
N GLY D 387 29.13 17.34 18.59
CA GLY D 387 28.36 18.16 17.65
C GLY D 387 29.18 18.56 16.43
N GLN D 388 30.47 18.73 16.63
CA GLN D 388 31.37 19.06 15.57
C GLN D 388 31.29 18.11 14.41
N HIS D 389 31.16 16.80 14.69
CA HIS D 389 31.07 15.77 13.67
C HIS D 389 29.62 15.44 13.31
N ALA D 390 28.66 16.21 13.78
CA ALA D 390 27.27 16.01 13.44
C ALA D 390 26.76 17.13 12.55
N PHE D 391 26.83 18.39 13.03
CA PHE D 391 26.07 19.45 12.38
C PHE D 391 26.88 20.72 12.10
N TYR D 392 28.18 20.71 12.35
CA TYR D 392 28.93 21.97 12.13
C TYR D 392 29.08 22.25 10.64
N GLN D 393 28.90 21.23 9.77
CA GLN D 393 28.88 21.47 8.32
C GLN D 393 27.92 22.58 7.99
N LEU D 394 26.75 22.59 8.63
CA LEU D 394 25.75 23.59 8.35
C LEU D 394 26.13 24.92 9.01
N ILE D 395 26.77 24.89 10.16
CA ILE D 395 27.18 26.16 10.77
C ILE D 395 28.17 26.87 9.87
N HIS D 396 29.09 26.13 9.25
CA HIS D 396 30.18 26.68 8.46
C HIS D 396 29.77 27.04 7.04
N GLN D 397 28.92 26.19 6.39
CA GLN D 397 28.62 26.33 4.96
C GLN D 397 27.13 26.27 4.61
N GLY D 398 26.22 26.42 5.57
CA GLY D 398 24.80 26.49 5.29
C GLY D 398 24.40 27.93 5.00
N THR D 399 23.12 28.22 5.16
CA THR D 399 22.53 29.51 4.85
C THR D 399 21.95 30.18 6.09
N LYS D 400 22.38 29.76 7.29
CA LYS D 400 21.76 30.24 8.51
C LYS D 400 22.84 30.96 9.31
N MET D 401 22.48 32.07 9.91
CA MET D 401 23.38 32.70 10.88
C MET D 401 22.99 32.17 12.26
N ILE D 402 24.00 31.66 12.99
CA ILE D 402 23.75 30.88 14.22
C ILE D 402 24.74 31.39 15.26
N PRO D 403 24.34 32.29 16.11
CA PRO D 403 25.19 32.61 17.29
C PRO D 403 25.49 31.36 18.09
N CYS D 404 26.78 31.16 18.41
CA CYS D 404 27.20 29.98 19.16
C CYS D 404 27.93 30.42 20.43
N ASP D 405 27.57 29.82 21.55
CA ASP D 405 28.41 29.82 22.76
C ASP D 405 29.24 28.53 22.84
N PHE D 406 30.55 28.69 22.79
CA PHE D 406 31.52 27.61 23.01
C PHE D 406 32.06 27.70 24.44
N LEU D 407 32.00 26.61 25.20
CA LEU D 407 32.40 26.60 26.61
C LEU D 407 33.40 25.48 26.83
N ILE D 408 34.42 25.71 27.68
CA ILE D 408 35.33 24.62 27.97
C ILE D 408 36.08 24.86 29.29
N PRO D 409 36.33 23.82 30.10
CA PRO D 409 37.29 23.95 31.21
C PRO D 409 38.71 23.81 30.74
N VAL D 410 39.59 24.60 31.37
CA VAL D 410 41.01 24.49 31.08
C VAL D 410 41.54 23.16 31.55
N GLN D 411 41.17 22.80 32.78
CA GLN D 411 41.63 21.63 33.49
C GLN D 411 40.54 20.55 33.37
N THR D 412 40.96 19.42 32.87
CA THR D 412 40.08 18.25 32.73
C THR D 412 40.05 17.48 34.05
N GLN D 413 38.88 16.89 34.31
CA GLN D 413 38.75 15.90 35.38
C GLN D 413 39.48 14.59 35.08
N HIS D 414 39.90 14.33 33.83
CA HIS D 414 40.54 13.07 33.47
C HIS D 414 41.74 13.32 32.57
N PRO D 415 42.87 13.74 33.16
CA PRO D 415 44.07 14.09 32.38
C PRO D 415 44.85 12.86 31.92
N ILE D 416 44.16 11.95 31.24
CA ILE D 416 44.76 10.72 30.76
C ILE D 416 45.73 11.00 29.64
N ARG D 417 46.60 10.01 29.39
CA ARG D 417 47.57 10.09 28.31
C ARG D 417 48.40 11.36 28.46
N LYS D 418 48.68 11.70 29.72
CA LYS D 418 49.53 12.87 30.05
C LYS D 418 48.97 14.16 29.44
N GLY D 419 47.62 14.25 29.37
CA GLY D 419 46.93 15.43 28.85
C GLY D 419 46.66 15.44 27.35
N LEU D 420 47.00 14.39 26.62
CA LEU D 420 46.88 14.38 25.16
C LEU D 420 45.44 14.64 24.73
N HIS D 421 44.48 13.96 25.37
CA HIS D 421 43.10 14.11 24.92
C HIS D 421 42.64 15.55 25.09
N HIS D 422 42.96 16.14 26.28
CA HIS D 422 42.44 17.47 26.54
C HIS D 422 43.16 18.49 25.66
N LYS D 423 44.44 18.24 25.34
CA LYS D 423 45.13 19.11 24.39
C LYS D 423 44.43 19.12 23.02
N ILE D 424 44.03 17.94 22.52
CA ILE D 424 43.27 17.88 21.25
C ILE D 424 41.90 18.55 21.38
N LEU D 425 41.19 18.28 22.47
CA LEU D 425 39.93 18.93 22.73
C LEU D 425 40.05 20.47 22.74
N LEU D 426 41.08 21.00 23.43
CA LEU D 426 41.27 22.45 23.47
C LEU D 426 41.58 23.02 22.11
N ALA D 427 42.44 22.34 21.34
CA ALA D 427 42.77 22.77 19.98
C ALA D 427 41.53 22.89 19.12
N ASN D 428 40.61 21.92 19.24
CA ASN D 428 39.42 21.95 18.43
C ASN D 428 38.47 23.06 18.87
N PHE D 429 38.32 23.24 20.17
CA PHE D 429 37.53 24.33 20.72
C PHE D 429 38.00 25.68 20.14
N LEU D 430 39.33 25.86 20.12
CA LEU D 430 39.96 27.11 19.66
C LEU D 430 39.86 27.26 18.13
N ALA D 431 40.15 26.17 17.42
CA ALA D 431 40.13 26.16 15.96
C ALA D 431 38.74 26.42 15.39
N GLN D 432 37.69 25.89 16.03
CA GLN D 432 36.36 26.02 15.44
C GLN D 432 35.89 27.47 15.47
N THR D 433 36.13 28.21 16.56
CA THR D 433 35.73 29.61 16.58
C THR D 433 36.65 30.43 15.66
N GLU D 434 37.93 30.03 15.57
CA GLU D 434 38.88 30.67 14.63
C GLU D 434 38.43 30.47 13.18
N ALA D 435 38.02 29.24 12.83
CA ALA D 435 37.56 28.94 11.48
C ALA D 435 36.24 29.64 11.16
N LEU D 436 35.32 29.66 12.12
CA LEU D 436 34.05 30.34 11.90
C LEU D 436 34.25 31.82 11.64
N MET D 437 35.22 32.42 12.31
CA MET D 437 35.44 33.85 12.12
C MET D 437 36.20 34.11 10.81
N ARG D 438 37.24 33.33 10.54
CA ARG D 438 38.15 33.67 9.45
C ARG D 438 37.64 33.21 8.08
N GLY D 439 37.13 32.02 8.00
CA GLY D 439 36.75 31.54 6.67
C GLY D 439 37.98 31.14 5.89
N LYS D 440 37.77 30.96 4.58
CA LYS D 440 38.80 30.57 3.63
C LYS D 440 38.33 31.12 2.29
N SER D 441 39.11 32.04 1.71
CA SER D 441 38.67 32.64 0.47
C SER D 441 38.95 31.73 -0.70
N THR D 442 38.33 32.08 -1.87
CA THR D 442 38.66 31.45 -3.14
C THR D 442 40.13 31.47 -3.41
N GLU D 443 40.81 32.60 -3.10
CA GLU D 443 42.24 32.66 -3.36
C GLU D 443 43.00 31.67 -2.52
N GLU D 444 42.66 31.59 -1.22
CA GLU D 444 43.36 30.66 -0.34
C GLU D 444 43.06 29.22 -0.72
N ALA D 445 41.81 28.93 -1.08
CA ALA D 445 41.44 27.57 -1.49
C ALA D 445 42.12 27.17 -2.79
N ARG D 446 42.19 28.09 -3.78
CA ARG D 446 42.94 27.78 -4.99
C ARG D 446 44.35 27.33 -4.69
N LYS D 447 45.06 28.09 -3.81
CA LYS D 447 46.44 27.77 -3.49
C LYS D 447 46.58 26.36 -2.98
N GLU D 448 45.74 25.97 -2.00
CA GLU D 448 45.83 24.64 -1.42
C GLU D 448 45.69 23.57 -2.50
N LEU D 449 44.65 23.70 -3.31
CA LEU D 449 44.41 22.76 -4.40
C LEU D 449 45.63 22.64 -5.30
N GLN D 450 46.13 23.78 -5.82
CA GLN D 450 47.33 23.74 -6.67
C GLN D 450 48.48 23.09 -5.93
N ALA D 451 48.70 23.49 -4.68
CA ALA D 451 49.74 22.88 -3.86
C ALA D 451 49.56 21.37 -3.75
N ALA D 452 48.31 20.90 -3.72
CA ALA D 452 48.02 19.47 -3.68
C ALA D 452 48.03 18.85 -5.08
N GLY D 453 48.86 19.41 -5.96
CA GLY D 453 48.97 18.97 -7.35
C GLY D 453 47.66 18.62 -8.00
N LYS D 454 46.72 19.55 -8.02
CA LYS D 454 45.42 19.28 -8.61
C LYS D 454 45.44 19.64 -10.09
N SER D 455 44.74 18.82 -10.87
CA SER D 455 44.57 19.12 -12.28
C SER D 455 43.66 20.33 -12.44
N PRO D 456 43.89 21.17 -13.45
CA PRO D 456 43.04 22.36 -13.62
C PRO D 456 41.59 22.05 -13.83
N GLU D 457 41.22 20.78 -14.05
CA GLU D 457 39.80 20.44 -14.17
C GLU D 457 39.25 19.96 -12.82
N ASP D 458 39.95 19.06 -12.13
CA ASP D 458 39.59 18.74 -10.76
C ASP D 458 39.68 19.97 -9.87
N LEU D 459 40.62 20.88 -10.16
CA LEU D 459 40.73 22.08 -9.35
C LEU D 459 39.53 22.99 -9.58
N GLU D 460 39.08 23.16 -10.82
CA GLU D 460 38.04 24.15 -11.09
C GLU D 460 36.66 23.65 -10.69
N ARG D 461 36.48 22.33 -10.67
CA ARG D 461 35.26 21.70 -10.16
C ARG D 461 35.13 21.85 -8.64
N LEU D 462 36.18 21.53 -7.89
CA LEU D 462 36.13 21.56 -6.42
C LEU D 462 36.20 22.97 -5.86
N LEU D 463 37.05 23.82 -6.46
CA LEU D 463 37.35 25.13 -5.87
C LEU D 463 36.16 25.79 -5.17
N PRO D 464 35.02 25.98 -5.83
CA PRO D 464 33.96 26.76 -5.19
C PRO D 464 33.39 26.09 -3.95
N HIS D 465 33.48 24.75 -3.89
CA HIS D 465 32.93 23.99 -2.78
C HIS D 465 33.83 24.04 -1.56
N LYS D 466 35.08 24.42 -1.75
CA LYS D 466 36.06 24.54 -0.68
C LYS D 466 36.11 25.90 -0.05
N VAL D 467 35.20 26.79 -0.37
CA VAL D 467 35.31 28.17 0.13
C VAL D 467 34.44 28.33 1.35
N PHE D 468 35.00 28.95 2.41
CA PHE D 468 34.25 29.23 3.61
C PHE D 468 34.03 30.72 3.70
N GLU D 469 32.80 31.13 3.83
CA GLU D 469 32.56 32.55 3.86
C GLU D 469 32.92 33.19 5.17
N GLY D 470 32.95 32.42 6.25
CA GLY D 470 33.36 32.97 7.51
C GLY D 470 32.40 34.02 8.05
N ASN D 471 32.97 34.92 8.88
CA ASN D 471 32.19 35.98 9.51
C ASN D 471 31.07 35.43 10.37
N ARG D 472 31.27 34.25 10.92
CA ARG D 472 30.26 33.65 11.80
C ARG D 472 30.64 33.83 13.26
N PRO D 473 29.79 34.47 14.06
CA PRO D 473 30.24 34.94 15.36
C PRO D 473 30.00 33.94 16.46
N THR D 474 30.89 34.02 17.47
CA THR D 474 30.91 33.09 18.58
C THR D 474 31.25 33.85 19.86
N ASN D 475 30.77 33.33 20.98
CA ASN D 475 31.31 33.62 22.29
C ASN D 475 32.17 32.44 22.66
N SER D 476 33.27 32.69 23.36
CA SER D 476 34.09 31.65 23.96
C SER D 476 34.12 31.90 25.45
N ILE D 477 33.68 30.91 26.21
CA ILE D 477 33.62 30.99 27.67
C ILE D 477 34.52 29.91 28.22
N VAL D 478 35.65 30.33 28.80
CA VAL D 478 36.66 29.43 29.26
C VAL D 478 36.76 29.59 30.78
N PHE D 479 36.78 28.47 31.51
CA PHE D 479 36.88 28.55 32.98
C PHE D 479 37.91 27.56 33.48
N THR D 480 38.44 27.80 34.71
CA THR D 480 39.57 27.01 35.16
C THR D 480 39.26 25.51 35.19
N LYS D 481 38.14 25.15 35.79
CA LYS D 481 37.82 23.75 36.03
C LYS D 481 36.34 23.64 36.34
N LEU D 482 35.70 22.57 35.87
CA LEU D 482 34.27 22.37 36.10
C LEU D 482 34.05 21.66 37.42
N THR D 483 34.16 22.45 38.45
CA THR D 483 33.88 22.07 39.82
C THR D 483 32.44 22.37 40.16
N PRO D 484 31.96 21.89 41.31
CA PRO D 484 30.59 22.27 41.72
C PRO D 484 30.43 23.76 41.76
N PHE D 485 31.38 24.48 42.37
CA PHE D 485 31.23 25.92 42.45
C PHE D 485 31.18 26.53 41.04
N MET D 486 32.10 26.13 40.14
CA MET D 486 32.09 26.74 38.79
C MET D 486 30.79 26.46 38.08
N LEU D 487 30.25 25.25 38.24
CA LEU D 487 29.00 24.93 37.57
C LEU D 487 27.89 25.84 38.09
N GLY D 488 27.84 26.07 39.40
CA GLY D 488 26.82 26.96 39.91
C GLY D 488 26.92 28.36 39.33
N ALA D 489 28.14 28.87 39.23
CA ALA D 489 28.34 30.21 38.69
C ALA D 489 27.90 30.29 37.23
N LEU D 490 28.21 29.26 36.46
CA LEU D 490 27.84 29.26 35.04
C LEU D 490 26.35 29.14 34.83
N VAL D 491 25.68 28.27 35.60
CA VAL D 491 24.23 28.15 35.44
C VAL D 491 23.57 29.45 35.85
N ALA D 492 23.99 30.04 36.96
CA ALA D 492 23.40 31.33 37.33
C ALA D 492 23.69 32.42 36.30
N MET D 493 24.87 32.40 35.66
CA MET D 493 25.17 33.44 34.70
C MET D 493 24.15 33.40 33.57
N TYR D 494 23.80 32.20 33.10
CA TYR D 494 22.76 32.10 32.07
C TYR D 494 21.38 32.41 32.60
N GLU D 495 21.04 32.01 33.84
CA GLU D 495 19.76 32.43 34.41
C GLU D 495 19.62 33.93 34.33
N HIS D 496 20.67 34.64 34.67
CA HIS D 496 20.48 36.08 34.67
C HIS D 496 20.53 36.66 33.27
N LYS D 497 21.29 36.06 32.36
CA LYS D 497 21.16 36.44 30.95
C LYS D 497 19.71 36.43 30.54
N ILE D 498 19.04 35.31 30.79
CA ILE D 498 17.64 35.11 30.43
C ILE D 498 16.76 36.19 31.07
N PHE D 499 16.98 36.47 32.36
CA PHE D 499 16.27 37.56 33.04
C PHE D 499 16.46 38.90 32.32
N VAL D 500 17.70 39.28 31.97
CA VAL D 500 17.94 40.57 31.34
C VAL D 500 17.20 40.65 29.99
N GLN D 501 17.30 39.60 29.16
CA GLN D 501 16.60 39.62 27.88
C GLN D 501 15.08 39.73 28.09
N GLY D 502 14.56 39.08 29.10
CA GLY D 502 13.14 39.19 29.40
C GLY D 502 12.76 40.62 29.72
N ILE D 503 13.55 41.30 30.56
CA ILE D 503 13.18 42.67 30.85
C ILE D 503 13.23 43.51 29.59
N ILE D 504 14.28 43.35 28.78
CA ILE D 504 14.38 44.17 27.58
C ILE D 504 13.17 43.95 26.67
N TRP D 505 12.70 42.69 26.53
CA TRP D 505 11.52 42.44 25.72
C TRP D 505 10.20 42.76 26.43
N ASP D 506 10.25 43.05 27.73
CA ASP D 506 9.10 43.46 28.52
C ASP D 506 8.13 42.31 28.74
N ILE D 507 8.61 41.08 28.69
CA ILE D 507 7.77 39.93 28.91
C ILE D 507 8.03 39.39 30.30
N ASN D 508 7.21 38.42 30.72
CA ASN D 508 7.35 37.72 31.98
C ASN D 508 8.15 36.43 31.77
N SER D 509 9.42 36.47 32.20
CA SER D 509 10.25 35.29 32.08
C SER D 509 9.82 34.19 33.05
N PHE D 510 8.84 34.40 33.94
CA PHE D 510 8.67 33.53 35.10
C PHE D 510 7.31 32.87 35.18
N ASP D 511 6.40 33.11 34.23
CA ASP D 511 5.21 32.28 34.08
C ASP D 511 5.37 31.25 32.94
N GLN D 512 4.30 30.49 32.69
CA GLN D 512 4.31 29.48 31.62
C GLN D 512 2.87 29.07 31.27
N TRP D 513 2.09 30.06 30.84
CA TRP D 513 0.68 29.80 30.55
C TRP D 513 0.53 28.95 29.30
N GLY D 514 1.58 28.87 28.50
CA GLY D 514 1.55 28.16 27.21
C GLY D 514 1.41 26.68 27.30
N VAL D 515 1.55 26.08 28.48
CA VAL D 515 1.43 24.63 28.59
C VAL D 515 -0.01 24.22 28.93
N GLU D 516 -0.91 25.17 29.11
CA GLU D 516 -2.23 24.88 29.66
C GLU D 516 -3.14 24.19 28.65
N LEU D 517 -3.13 24.66 27.40
CA LEU D 517 -4.06 24.11 26.41
C LEU D 517 -3.82 22.61 26.16
N GLY D 518 -2.56 22.23 25.90
CA GLY D 518 -2.26 20.83 25.65
C GLY D 518 -2.66 19.94 26.82
N LYS D 519 -2.53 20.45 28.04
CA LYS D 519 -2.97 19.68 29.20
C LYS D 519 -4.48 19.52 29.24
N GLN D 520 -5.22 20.59 28.88
CA GLN D 520 -6.68 20.52 28.83
C GLN D 520 -7.13 19.45 27.86
N LEU D 521 -6.58 19.47 26.66
CA LEU D 521 -7.06 18.60 25.59
C LEU D 521 -6.68 17.16 25.80
N ALA D 522 -5.55 16.89 26.47
CA ALA D 522 -5.21 15.52 26.77
C ALA D 522 -6.18 14.90 27.77
N LYS D 523 -6.61 15.69 28.76
CA LYS D 523 -7.61 15.19 29.70
C LYS D 523 -8.89 14.80 28.97
N LYS D 524 -9.27 15.52 27.89
CA LYS D 524 -10.49 15.18 27.17
C LYS D 524 -10.33 13.93 26.31
N ILE D 525 -9.17 13.77 25.66
CA ILE D 525 -8.94 12.63 24.79
C ILE D 525 -8.78 11.34 25.57
N GLU D 526 -8.12 11.39 26.73
CA GLU D 526 -7.88 10.17 27.52
C GLU D 526 -9.08 9.22 27.57
N PRO D 527 -10.29 9.64 27.93
CA PRO D 527 -11.38 8.66 28.02
C PRO D 527 -11.82 8.14 26.66
N GLU D 528 -11.64 8.91 25.59
CA GLU D 528 -12.09 8.51 24.26
C GLU D 528 -11.24 7.39 23.69
N LEU D 529 -10.04 7.17 24.22
CA LEU D 529 -9.20 6.07 23.77
C LEU D 529 -9.66 4.73 24.30
N ASP D 530 -10.57 4.72 25.27
CA ASP D 530 -11.04 3.47 25.83
C ASP D 530 -12.10 2.89 24.90
N GLY D 531 -12.12 1.57 24.82
CA GLY D 531 -13.08 0.89 23.97
C GLY D 531 -12.74 1.05 22.51
N SER D 532 -13.64 0.53 21.67
CA SER D 532 -13.39 0.34 20.26
C SER D 532 -14.18 1.28 19.37
N ALA D 533 -15.08 2.07 19.91
CA ALA D 533 -15.87 2.94 19.07
C ALA D 533 -15.01 4.00 18.39
N GLN D 534 -15.48 4.41 17.21
CA GLN D 534 -14.88 5.50 16.47
C GLN D 534 -15.17 6.82 17.13
N VAL D 535 -14.18 7.69 17.12
CA VAL D 535 -14.30 9.03 17.69
C VAL D 535 -14.55 10.00 16.56
N THR D 536 -15.49 10.92 16.80
CA THR D 536 -15.97 11.87 15.83
C THR D 536 -16.01 13.28 16.37
N SER D 537 -15.58 13.47 17.63
CA SER D 537 -15.81 14.70 18.38
C SER D 537 -14.78 15.80 18.13
N HIS D 538 -13.63 15.50 17.51
CA HIS D 538 -12.64 16.51 17.20
C HIS D 538 -12.64 16.87 15.76
N ASP D 539 -11.64 17.64 15.38
CA ASP D 539 -11.32 17.85 14.00
C ASP D 539 -10.97 16.52 13.35
N ALA D 540 -10.98 16.54 12.02
CA ALA D 540 -10.86 15.31 11.25
C ALA D 540 -9.52 14.61 11.44
N SER D 541 -8.45 15.40 11.69
CA SER D 541 -7.14 14.78 11.86
C SER D 541 -7.08 14.06 13.20
N THR D 542 -7.40 14.77 14.29
CA THR D 542 -7.40 14.13 15.61
C THR D 542 -8.29 12.90 15.57
N ASN D 543 -9.44 12.98 14.89
CA ASN D 543 -10.33 11.81 14.80
C ASN D 543 -9.64 10.64 14.09
N GLY D 544 -9.04 10.93 12.92
CA GLY D 544 -8.42 9.89 12.09
C GLY D 544 -7.24 9.24 12.78
N LEU D 545 -6.43 10.05 13.49
CA LEU D 545 -5.34 9.49 14.28
C LEU D 545 -5.87 8.56 15.37
N ILE D 546 -6.89 9.00 16.12
CA ILE D 546 -7.44 8.14 17.16
C ILE D 546 -7.97 6.83 16.55
N ASN D 547 -8.67 6.92 15.43
CA ASN D 547 -9.28 5.71 14.87
C ASN D 547 -8.22 4.77 14.29
N PHE D 548 -7.08 5.30 13.81
CA PHE D 548 -5.98 4.46 13.38
C PHE D 548 -5.35 3.76 14.57
N ILE D 549 -5.15 4.52 15.66
CA ILE D 549 -4.67 3.94 16.91
C ILE D 549 -5.55 2.76 17.33
N LYS D 550 -6.87 2.99 17.35
CA LYS D 550 -7.82 1.91 17.72
C LYS D 550 -7.74 0.72 16.77
N GLN D 551 -7.57 0.97 15.48
CA GLN D 551 -7.47 -0.14 14.53
C GLN D 551 -6.21 -0.95 14.78
N GLN D 552 -5.08 -0.28 15.10
CA GLN D 552 -3.80 -0.94 15.17
C GLN D 552 -3.44 -1.42 16.58
N ARG D 553 -4.23 -1.05 17.56
CA ARG D 553 -4.05 -1.64 18.89
C ARG D 553 -4.27 -3.15 18.85
N GLU D 554 -5.15 -3.61 17.97
CA GLU D 554 -5.47 -5.02 17.72
C GLU D 554 -4.49 -5.74 16.80
N ALA D 555 -3.49 -5.05 16.25
CA ALA D 555 -2.66 -5.62 15.18
C ALA D 555 -1.65 -6.60 15.77
N ARG D 556 -1.54 -7.76 15.14
CA ARG D 556 -0.59 -8.80 15.54
C ARG D 556 0.71 -8.67 14.75
#